data_6YWO
#
_entry.id   6YWO
#
_cell.length_a   56.920
_cell.length_b   56.950
_cell.length_c   149.890
_cell.angle_alpha   79.859
_cell.angle_beta   87.116
_cell.angle_gamma   75.832
#
_symmetry.space_group_name_H-M   'P 1'
#
loop_
_entity.id
_entity.type
_entity.pdbx_description
1 polymer CutA
2 polymer "RNA (5'-R(*AP*AP*A)-3')"
3 non-polymer 'CHLORIDE ION'
4 non-polymer 'MAGNESIUM ION'
5 water water
#
loop_
_entity_poly.entity_id
_entity_poly.type
_entity_poly.pdbx_seq_one_letter_code
_entity_poly.pdbx_strand_id
1 'polypeptide(L)'
;ETAIPFSRRR(MSE)PYSLGTDKLEKVDPDKIKSKLSEDVERKLETD(MSE)RELYDRLLPTEAIEVNRRELVSKLERLF
NTEWPGHDIRVHLFGSSGNLLCSDDSDVDICITTPWRELESVC(MSE)IAELLDRHG(MSE)EKVVCVSSAKVPIVKIWD
PELKLACD(MSE)NVNNTLALENTR(MSE)VRTYVSIDDRVRPLA(MSE)IIKYWTRRRVVNDAAFGGTLSSYTWIC
(MSE)IIAFLQLRDPPVLPALHQQHDLKLVKQDGALSDFADDIPKLRGFGAKNKDSLAVLLFQFFRFYAHEFDYDKYTLS
IR(MSE)GTLLTKAEKNWQYLVNNALCVEEPFNDGRNLGNTADETSFRGLH(MSE)ELRRAFDLIAEGKLEECCEQYVFP
KEEERV
;
A,B,C,D
2 'polyribonucleotide' AAA E,I,F,K
#
loop_
_chem_comp.id
_chem_comp.type
_chem_comp.name
_chem_comp.formula
A RNA linking ADENOSINE-5'-MONOPHOSPHATE 'C10 H14 N5 O7 P'
CL non-polymer 'CHLORIDE ION' 'Cl -1'
MG non-polymer 'MAGNESIUM ION' 'Mg 2'
#
# COMPACT_ATOMS: atom_id res chain seq x y z
N PRO A 5 3.90 -34.31 -29.11
CA PRO A 5 4.79 -35.09 -29.97
C PRO A 5 5.74 -34.20 -30.75
N PHE A 6 6.47 -33.34 -30.05
CA PHE A 6 7.28 -32.31 -30.68
C PHE A 6 8.36 -31.90 -29.69
N SER A 7 9.61 -31.78 -30.17
CA SER A 7 10.72 -31.41 -29.31
C SER A 7 10.80 -29.89 -29.19
N ARG A 8 10.87 -29.40 -27.95
CA ARG A 8 10.90 -27.96 -27.73
CA ARG A 8 10.89 -27.97 -27.66
C ARG A 8 12.27 -27.47 -27.28
N ARG A 9 13.31 -28.26 -27.49
CA ARG A 9 14.64 -27.80 -27.13
C ARG A 9 14.98 -26.55 -27.95
N ARG A 10 15.19 -25.44 -27.25
CA ARG A 10 15.41 -24.17 -27.92
C ARG A 10 16.79 -24.10 -28.56
N MSE A 11 17.81 -24.64 -27.90
CA MSE A 11 19.20 -24.49 -28.35
C MSE A 11 19.67 -25.86 -28.79
O MSE A 11 19.83 -26.76 -27.95
CB MSE A 11 20.11 -23.96 -27.22
CG MSE A 11 19.64 -22.62 -26.61
SE MSE A 11 19.50 -21.25 -28.01
CE MSE A 11 18.89 -19.69 -26.95
N PRO A 12 19.82 -26.04 -30.10
CA PRO A 12 20.13 -27.39 -30.61
C PRO A 12 21.55 -27.83 -30.24
N TYR A 13 21.71 -29.14 -30.11
CA TYR A 13 23.02 -29.67 -29.73
C TYR A 13 24.09 -29.38 -30.77
N SER A 14 23.71 -29.05 -32.00
CA SER A 14 24.68 -28.69 -33.03
C SER A 14 25.41 -27.39 -32.70
N LEU A 15 24.88 -26.60 -31.75
CA LEU A 15 25.56 -25.38 -31.32
C LEU A 15 26.91 -25.67 -30.67
N GLY A 16 27.06 -26.83 -30.04
CA GLY A 16 28.27 -27.10 -29.28
C GLY A 16 28.22 -26.52 -27.87
N THR A 17 29.33 -26.67 -27.18
CA THR A 17 29.39 -26.19 -25.80
C THR A 17 30.50 -25.17 -25.56
N ASP A 18 31.21 -24.74 -26.61
CA ASP A 18 32.37 -23.88 -26.40
C ASP A 18 31.98 -22.52 -25.81
N LYS A 19 32.88 -21.98 -25.01
CA LYS A 19 32.71 -20.63 -24.48
C LYS A 19 32.81 -19.62 -25.61
N LEU A 20 32.01 -18.56 -25.53
CA LEU A 20 32.15 -17.50 -26.53
C LEU A 20 33.51 -16.83 -26.40
N GLU A 21 33.95 -16.18 -27.49
CA GLU A 21 35.24 -15.52 -27.47
C GLU A 21 35.16 -14.25 -26.64
N LYS A 22 36.20 -13.99 -25.87
CA LYS A 22 36.34 -12.72 -25.15
C LYS A 22 36.73 -11.66 -26.18
N VAL A 23 35.86 -10.71 -26.41
CA VAL A 23 36.08 -9.67 -27.42
C VAL A 23 36.98 -8.59 -26.85
N ASP A 24 37.94 -8.15 -27.66
CA ASP A 24 38.73 -6.94 -27.43
C ASP A 24 37.83 -5.84 -26.89
N PRO A 25 38.02 -5.43 -25.62
CA PRO A 25 37.12 -4.42 -25.03
C PRO A 25 37.06 -3.12 -25.80
N ASP A 26 38.16 -2.71 -26.44
CA ASP A 26 38.13 -1.50 -27.26
C ASP A 26 37.21 -1.61 -28.46
N LYS A 27 36.75 -2.82 -28.79
CA LYS A 27 35.81 -3.01 -29.89
C LYS A 27 34.36 -3.16 -29.43
N ILE A 28 34.09 -3.03 -28.13
CA ILE A 28 32.74 -3.17 -27.58
C ILE A 28 32.22 -1.77 -27.26
N LYS A 29 31.23 -1.32 -28.02
CA LYS A 29 30.72 0.04 -27.85
C LYS A 29 30.39 0.31 -26.40
N SER A 30 30.90 1.44 -25.89
CA SER A 30 30.74 1.71 -24.46
C SER A 30 29.52 2.57 -24.13
N LYS A 31 28.97 3.31 -25.09
CA LYS A 31 27.78 4.10 -24.81
C LYS A 31 27.01 4.39 -26.10
N LEU A 32 25.71 4.62 -25.95
CA LEU A 32 24.89 5.04 -27.09
C LEU A 32 25.24 6.47 -27.50
N SER A 33 25.34 6.70 -28.79
CA SER A 33 25.31 8.07 -29.29
C SER A 33 23.99 8.73 -28.92
N GLU A 34 23.99 10.06 -28.97
CA GLU A 34 22.81 10.84 -28.58
C GLU A 34 21.62 10.55 -29.49
N ASP A 35 21.86 10.39 -30.80
CA ASP A 35 20.76 10.08 -31.71
C ASP A 35 20.17 8.71 -31.42
N VAL A 36 21.03 7.71 -31.23
CA VAL A 36 20.54 6.37 -30.97
C VAL A 36 19.74 6.33 -29.68
N GLU A 37 20.26 6.98 -28.62
CA GLU A 37 19.57 6.96 -27.33
C GLU A 37 18.18 7.60 -27.44
N ARG A 38 18.11 8.78 -28.06
CA ARG A 38 16.83 9.48 -28.14
C ARG A 38 15.79 8.66 -28.87
N LYS A 39 16.18 8.01 -29.97
CA LYS A 39 15.20 7.24 -30.72
C LYS A 39 14.85 5.94 -29.99
N LEU A 40 15.84 5.29 -29.38
CA LEU A 40 15.55 4.07 -28.63
C LEU A 40 14.64 4.39 -27.45
N GLU A 41 14.86 5.53 -26.80
CA GLU A 41 14.01 5.93 -25.68
C GLU A 41 12.55 6.10 -26.13
N THR A 42 12.31 6.82 -27.22
CA THR A 42 10.93 6.96 -27.67
C THR A 42 10.36 5.62 -28.13
N ASP A 43 11.16 4.77 -28.76
CA ASP A 43 10.64 3.47 -29.15
C ASP A 43 10.29 2.62 -27.92
N MSE A 44 11.12 2.66 -26.87
CA MSE A 44 10.85 1.85 -25.68
C MSE A 44 9.58 2.32 -24.98
O MSE A 44 8.79 1.51 -24.49
CB MSE A 44 12.03 1.89 -24.70
CG MSE A 44 13.24 1.09 -25.16
SE MSE A 44 14.67 1.31 -23.87
CE MSE A 44 13.96 0.18 -22.41
N ARG A 45 9.34 3.63 -24.91
CA ARG A 45 8.12 4.04 -24.21
C ARG A 45 6.89 3.75 -25.05
N GLU A 46 7.03 3.75 -26.37
CA GLU A 46 5.95 3.29 -27.25
CA GLU A 46 5.92 3.29 -27.20
C GLU A 46 5.68 1.80 -27.02
N LEU A 47 6.74 1.00 -26.92
CA LEU A 47 6.55 -0.43 -26.68
C LEU A 47 5.94 -0.67 -25.31
N TYR A 48 6.43 0.03 -24.29
CA TYR A 48 5.92 -0.12 -22.93
C TYR A 48 4.43 0.17 -22.85
N ASP A 49 3.98 1.22 -23.52
CA ASP A 49 2.56 1.55 -23.53
C ASP A 49 1.72 0.41 -24.12
N ARG A 50 2.23 -0.28 -25.13
CA ARG A 50 1.47 -1.41 -25.66
C ARG A 50 1.53 -2.62 -24.75
N LEU A 51 2.62 -2.75 -23.98
CA LEU A 51 2.78 -3.87 -23.07
C LEU A 51 1.97 -3.73 -21.79
N LEU A 52 1.61 -2.51 -21.42
CA LEU A 52 0.91 -2.30 -20.16
C LEU A 52 -0.42 -3.03 -20.19
N PRO A 53 -0.85 -3.57 -19.05
CA PRO A 53 -2.15 -4.27 -19.04
C PRO A 53 -3.30 -3.31 -19.18
N THR A 54 -4.42 -3.81 -19.70
CA THR A 54 -5.63 -3.01 -19.77
C THR A 54 -6.58 -3.41 -18.65
N GLU A 55 -7.46 -2.49 -18.29
CA GLU A 55 -8.31 -2.69 -17.12
C GLU A 55 -9.31 -3.82 -17.34
N ALA A 56 -9.81 -3.98 -18.57
CA ALA A 56 -10.77 -5.03 -18.84
C ALA A 56 -10.18 -6.40 -18.55
N ILE A 57 -8.92 -6.62 -18.91
CA ILE A 57 -8.31 -7.92 -18.66
C ILE A 57 -7.94 -8.06 -17.20
N GLU A 58 -7.47 -6.98 -16.57
CA GLU A 58 -7.15 -7.07 -15.15
CA GLU A 58 -7.16 -7.03 -15.14
C GLU A 58 -8.39 -7.43 -14.35
N VAL A 59 -9.55 -6.91 -14.74
CA VAL A 59 -10.81 -7.28 -14.11
C VAL A 59 -11.08 -8.77 -14.32
N ASN A 60 -10.77 -9.29 -15.52
CA ASN A 60 -11.02 -10.70 -15.78
C ASN A 60 -10.17 -11.59 -14.87
N ARG A 61 -8.93 -11.17 -14.57
CA ARG A 61 -8.10 -11.95 -13.66
C ARG A 61 -8.74 -12.02 -12.27
N ARG A 62 -9.27 -10.89 -11.79
CA ARG A 62 -9.91 -10.92 -10.48
C ARG A 62 -11.24 -11.68 -10.51
N GLU A 63 -11.95 -11.68 -11.64
CA GLU A 63 -13.19 -12.46 -11.72
C GLU A 63 -12.87 -13.96 -11.70
N LEU A 64 -11.77 -14.36 -12.32
CA LEU A 64 -11.35 -15.75 -12.26
C LEU A 64 -11.02 -16.14 -10.82
N VAL A 65 -10.34 -15.25 -10.09
CA VAL A 65 -10.05 -15.51 -8.67
C VAL A 65 -11.35 -15.73 -7.92
N SER A 66 -12.32 -14.83 -8.11
CA SER A 66 -13.58 -14.94 -7.39
C SER A 66 -14.33 -16.20 -7.80
N LYS A 67 -14.34 -16.50 -9.10
CA LYS A 67 -15.04 -17.69 -9.56
C LYS A 67 -14.43 -18.94 -8.95
N LEU A 68 -13.09 -19.01 -8.95
CA LEU A 68 -12.41 -20.16 -8.37
C LEU A 68 -12.66 -20.24 -6.87
N GLU A 69 -12.56 -19.10 -6.17
CA GLU A 69 -12.81 -19.13 -4.74
C GLU A 69 -14.23 -19.60 -4.44
N ARG A 70 -15.21 -19.18 -5.25
CA ARG A 70 -16.57 -19.67 -5.02
C ARG A 70 -16.67 -21.17 -5.28
N LEU A 71 -16.11 -21.65 -6.40
CA LEU A 71 -16.18 -23.06 -6.72
C LEU A 71 -15.62 -23.91 -5.59
N PHE A 72 -14.44 -23.52 -5.07
CA PHE A 72 -13.76 -24.33 -4.07
C PHE A 72 -14.53 -24.35 -2.75
N ASN A 73 -14.95 -23.18 -2.26
CA ASN A 73 -15.63 -23.16 -0.98
C ASN A 73 -17.03 -23.76 -1.06
N THR A 74 -17.65 -23.74 -2.24
CA THR A 74 -18.93 -24.44 -2.37
C THR A 74 -18.73 -25.95 -2.36
N GLU A 75 -17.68 -26.44 -3.03
CA GLU A 75 -17.47 -27.88 -3.09
C GLU A 75 -16.98 -28.43 -1.76
N TRP A 76 -16.10 -27.70 -1.07
CA TRP A 76 -15.52 -28.15 0.20
C TRP A 76 -15.72 -27.06 1.24
N PRO A 77 -16.93 -26.93 1.79
CA PRO A 77 -17.20 -25.82 2.71
C PRO A 77 -16.50 -26.04 4.04
N GLY A 78 -16.16 -24.93 4.68
CA GLY A 78 -15.68 -24.95 6.03
C GLY A 78 -14.19 -24.78 6.19
N HIS A 79 -13.44 -24.62 5.10
CA HIS A 79 -11.99 -24.67 5.18
C HIS A 79 -11.31 -23.36 4.84
N ASP A 80 -12.05 -22.26 4.80
CA ASP A 80 -11.49 -20.93 4.55
C ASP A 80 -10.51 -20.95 3.38
N ILE A 81 -10.97 -21.47 2.24
CA ILE A 81 -10.11 -21.57 1.06
C ILE A 81 -10.03 -20.20 0.40
N ARG A 82 -8.81 -19.70 0.19
CA ARG A 82 -8.56 -18.38 -0.35
C ARG A 82 -7.69 -18.51 -1.59
N VAL A 83 -7.91 -17.62 -2.55
CA VAL A 83 -7.27 -17.71 -3.85
C VAL A 83 -6.50 -16.41 -4.08
N HIS A 84 -5.22 -16.52 -4.43
CA HIS A 84 -4.32 -15.37 -4.52
C HIS A 84 -3.62 -15.35 -5.86
N LEU A 85 -3.56 -14.18 -6.49
CA LEU A 85 -2.70 -14.02 -7.65
C LEU A 85 -1.23 -13.97 -7.22
N PHE A 86 -0.34 -14.50 -8.05
CA PHE A 86 1.09 -14.27 -7.80
C PHE A 86 1.82 -14.31 -9.14
N GLY A 87 3.16 -14.26 -9.08
CA GLY A 87 3.91 -14.15 -10.34
C GLY A 87 3.61 -12.82 -11.02
N SER A 88 3.63 -12.84 -12.36
CA SER A 88 3.34 -11.64 -13.14
C SER A 88 2.02 -11.02 -12.73
N SER A 89 1.05 -11.85 -12.37
CA SER A 89 -0.27 -11.32 -12.03
C SER A 89 -0.26 -10.54 -10.73
N GLY A 90 0.77 -10.70 -9.91
CA GLY A 90 0.87 -9.98 -8.65
C GLY A 90 2.11 -9.12 -8.46
N ASN A 91 3.01 -9.05 -9.44
CA ASN A 91 4.27 -8.34 -9.21
C ASN A 91 4.44 -7.11 -10.08
N LEU A 92 3.37 -6.65 -10.73
CA LEU A 92 3.29 -5.45 -11.58
C LEU A 92 3.95 -5.64 -12.93
N LEU A 93 4.27 -6.86 -13.34
CA LEU A 93 4.93 -7.07 -14.62
C LEU A 93 4.07 -7.81 -15.65
N CYS A 94 2.79 -8.01 -15.39
CA CYS A 94 2.02 -8.77 -16.37
C CYS A 94 1.53 -7.86 -17.49
N SER A 95 1.33 -8.47 -18.66
CA SER A 95 0.63 -7.90 -19.81
C SER A 95 -0.67 -8.65 -20.02
N ASP A 96 -1.48 -8.16 -20.97
CA ASP A 96 -2.80 -8.74 -21.18
C ASP A 96 -2.73 -10.21 -21.60
N ASP A 97 -1.67 -10.62 -22.28
CA ASP A 97 -1.55 -12.02 -22.67
C ASP A 97 -0.72 -12.85 -21.69
N SER A 98 -0.40 -12.32 -20.51
CA SER A 98 0.28 -13.11 -19.48
C SER A 98 -0.69 -14.14 -18.91
N ASP A 99 -0.22 -15.37 -18.74
CA ASP A 99 -1.05 -16.34 -18.06
C ASP A 99 -1.27 -15.91 -16.62
N VAL A 100 -2.28 -16.49 -15.99
CA VAL A 100 -2.55 -16.23 -14.59
C VAL A 100 -1.87 -17.31 -13.76
N ASP A 101 -1.16 -16.89 -12.72
CA ASP A 101 -0.60 -17.80 -11.72
C ASP A 101 -1.34 -17.57 -10.42
N ILE A 102 -1.85 -18.66 -9.84
CA ILE A 102 -2.73 -18.60 -8.70
C ILE A 102 -2.23 -19.53 -7.62
N CYS A 103 -2.23 -19.06 -6.37
CA CYS A 103 -1.93 -19.86 -5.20
C CYS A 103 -3.18 -19.96 -4.34
N ILE A 104 -3.58 -21.20 -4.06
CA ILE A 104 -4.77 -21.50 -3.27
C ILE A 104 -4.28 -21.86 -1.87
N THR A 105 -4.75 -21.15 -0.86
CA THR A 105 -4.30 -21.41 0.50
C THR A 105 -5.47 -21.88 1.35
N THR A 106 -5.14 -22.70 2.36
CA THR A 106 -6.09 -23.24 3.33
C THR A 106 -5.31 -24.08 4.34
N PRO A 107 -5.75 -24.14 5.60
CA PRO A 107 -5.12 -25.08 6.54
C PRO A 107 -5.49 -26.53 6.26
N TRP A 108 -6.47 -26.77 5.40
CA TRP A 108 -6.97 -28.10 5.09
C TRP A 108 -6.02 -28.77 4.11
N ARG A 109 -5.09 -29.58 4.62
CA ARG A 109 -4.02 -30.14 3.79
C ARG A 109 -4.54 -31.10 2.73
N GLU A 110 -5.73 -31.67 2.93
CA GLU A 110 -6.29 -32.57 1.91
C GLU A 110 -6.53 -31.85 0.59
N LEU A 111 -6.51 -30.52 0.58
CA LEU A 111 -6.67 -29.82 -0.70
C LEU A 111 -5.38 -29.87 -1.54
N GLU A 112 -4.26 -30.31 -0.97
CA GLU A 112 -3.03 -30.35 -1.72
C GLU A 112 -2.99 -31.50 -2.72
N SER A 113 -4.15 -32.00 -3.11
CA SER A 113 -4.29 -32.99 -4.16
C SER A 113 -4.74 -32.26 -5.43
N VAL A 114 -3.78 -31.90 -6.27
CA VAL A 114 -4.14 -31.10 -7.44
C VAL A 114 -5.08 -31.86 -8.41
N CYS A 115 -5.05 -33.19 -8.43
CA CYS A 115 -5.94 -33.86 -9.40
C CYS A 115 -7.39 -33.83 -8.93
N MSE A 116 -7.63 -33.76 -7.63
CA MSE A 116 -8.97 -33.53 -7.12
C MSE A 116 -9.54 -32.18 -7.59
O MSE A 116 -10.74 -32.04 -7.91
CB MSE A 116 -8.96 -33.59 -5.59
CG MSE A 116 -10.34 -33.52 -4.95
SE MSE A 116 -10.13 -33.65 -2.99
CE MSE A 116 -9.07 -32.09 -2.78
N ILE A 117 -8.69 -31.15 -7.59
CA ILE A 117 -9.09 -29.86 -8.13
C ILE A 117 -9.33 -29.95 -9.64
N ALA A 118 -8.48 -30.68 -10.36
CA ALA A 118 -8.72 -30.85 -11.79
C ALA A 118 -10.10 -31.45 -12.06
N GLU A 119 -10.50 -32.49 -11.31
CA GLU A 119 -11.80 -33.11 -11.53
C GLU A 119 -12.92 -32.09 -11.33
N LEU A 120 -12.82 -31.29 -10.27
CA LEU A 120 -13.86 -30.28 -10.04
C LEU A 120 -13.90 -29.25 -11.16
N LEU A 121 -12.74 -28.76 -11.60
CA LEU A 121 -12.76 -27.68 -12.59
C LEU A 121 -13.24 -28.19 -13.94
N ASP A 122 -12.86 -29.42 -14.30
CA ASP A 122 -13.38 -30.04 -15.51
C ASP A 122 -14.89 -30.16 -15.43
N ARG A 123 -15.40 -30.64 -14.29
CA ARG A 123 -16.84 -30.84 -14.14
C ARG A 123 -17.61 -29.52 -14.31
N HIS A 124 -17.02 -28.40 -13.91
CA HIS A 124 -17.65 -27.09 -14.04
C HIS A 124 -17.23 -26.31 -15.28
N GLY A 125 -16.75 -27.00 -16.31
CA GLY A 125 -16.65 -26.39 -17.62
C GLY A 125 -15.33 -25.77 -17.99
N MSE A 126 -14.30 -25.85 -17.14
CA MSE A 126 -12.98 -25.38 -17.54
C MSE A 126 -12.47 -26.33 -18.64
O MSE A 126 -12.91 -27.46 -18.74
CB MSE A 126 -11.99 -25.34 -16.37
CG MSE A 126 -12.38 -24.38 -15.23
SE MSE A 126 -12.66 -22.56 -15.95
CE MSE A 126 -12.74 -21.62 -14.20
N GLU A 127 -11.55 -25.86 -19.46
CA GLU A 127 -11.06 -26.64 -20.59
C GLU A 127 -9.57 -26.90 -20.45
N LYS A 128 -9.08 -27.90 -21.20
CA LYS A 128 -7.67 -28.27 -21.17
C LYS A 128 -7.19 -28.48 -19.75
N VAL A 129 -8.02 -29.15 -18.95
CA VAL A 129 -7.70 -29.31 -17.54
C VAL A 129 -6.64 -30.39 -17.39
N VAL A 130 -5.50 -30.03 -16.79
CA VAL A 130 -4.36 -30.92 -16.61
CA VAL A 130 -4.45 -31.01 -16.56
C VAL A 130 -3.86 -30.77 -15.16
N CYS A 131 -3.44 -31.88 -14.54
CA CYS A 131 -2.78 -31.80 -13.25
C CYS A 131 -1.40 -32.42 -13.39
N VAL A 132 -0.45 -31.89 -12.64
CA VAL A 132 0.94 -32.32 -12.68
C VAL A 132 1.30 -32.59 -11.22
N SER A 133 1.14 -33.82 -10.78
CA SER A 133 1.26 -34.11 -9.36
C SER A 133 2.68 -34.51 -8.94
N SER A 134 3.59 -34.70 -9.88
CA SER A 134 4.97 -35.07 -9.54
C SER A 134 5.95 -33.92 -9.64
N ALA A 135 5.49 -32.74 -10.03
CA ALA A 135 6.36 -31.57 -10.09
C ALA A 135 6.83 -31.21 -8.67
N LYS A 136 7.98 -30.52 -8.60
CA LYS A 136 8.43 -29.97 -7.31
C LYS A 136 7.29 -29.21 -6.65
N VAL A 137 6.57 -28.39 -7.42
CA VAL A 137 5.33 -27.78 -6.96
C VAL A 137 4.17 -28.31 -7.79
N PRO A 138 3.31 -29.18 -7.25
CA PRO A 138 2.21 -29.72 -8.06
C PRO A 138 1.30 -28.61 -8.52
N ILE A 139 0.80 -28.72 -9.75
CA ILE A 139 -0.09 -27.69 -10.28
C ILE A 139 -1.26 -28.32 -11.01
N VAL A 140 -2.33 -27.53 -11.13
CA VAL A 140 -3.44 -27.77 -12.05
CA VAL A 140 -3.39 -27.80 -12.08
C VAL A 140 -3.42 -26.65 -13.08
N LYS A 141 -3.61 -26.98 -14.35
CA LYS A 141 -3.64 -25.97 -15.40
C LYS A 141 -5.02 -26.02 -16.06
N ILE A 142 -5.56 -24.86 -16.40
CA ILE A 142 -6.85 -24.78 -17.05
C ILE A 142 -6.80 -23.67 -18.09
N TRP A 143 -7.74 -23.76 -19.02
CA TRP A 143 -8.16 -22.65 -19.88
C TRP A 143 -9.60 -22.32 -19.52
N ASP A 144 -9.85 -21.07 -19.15
CA ASP A 144 -11.21 -20.65 -18.89
C ASP A 144 -11.73 -20.08 -20.19
N PRO A 145 -12.66 -20.74 -20.89
CA PRO A 145 -13.11 -20.20 -22.17
C PRO A 145 -14.04 -19.02 -22.03
N GLU A 146 -14.65 -18.81 -20.87
CA GLU A 146 -15.47 -17.59 -20.75
C GLU A 146 -14.57 -16.37 -20.57
N LEU A 147 -13.67 -16.41 -19.60
CA LEU A 147 -12.78 -15.30 -19.37
C LEU A 147 -11.60 -15.28 -20.33
N LYS A 148 -11.41 -16.35 -21.10
CA LYS A 148 -10.28 -16.45 -22.04
C LYS A 148 -8.95 -16.24 -21.33
N LEU A 149 -8.76 -16.93 -20.21
CA LEU A 149 -7.50 -16.90 -19.48
C LEU A 149 -6.98 -18.32 -19.30
N ALA A 150 -5.66 -18.49 -19.46
CA ALA A 150 -4.95 -19.69 -19.05
C ALA A 150 -4.46 -19.50 -17.62
N CYS A 151 -4.54 -20.55 -16.81
CA CYS A 151 -4.24 -20.39 -15.40
C CYS A 151 -3.50 -21.62 -14.89
N ASP A 152 -2.35 -21.42 -14.22
CA ASP A 152 -1.66 -22.43 -13.45
C ASP A 152 -1.90 -22.17 -11.97
N MSE A 153 -2.33 -23.20 -11.24
CA MSE A 153 -2.67 -23.07 -9.81
C MSE A 153 -1.86 -24.01 -8.99
O MSE A 153 -1.72 -25.15 -9.37
CB MSE A 153 -4.13 -23.47 -9.54
CG MSE A 153 -5.19 -22.46 -9.72
SE MSE A 153 -6.80 -23.58 -10.09
CE MSE A 153 -6.52 -23.66 -12.04
N ASN A 154 -1.38 -23.58 -7.83
CA ASN A 154 -0.83 -24.52 -6.86
C ASN A 154 -1.57 -24.34 -5.55
N VAL A 155 -1.29 -25.22 -4.58
CA VAL A 155 -1.95 -25.22 -3.29
C VAL A 155 -0.90 -25.04 -2.21
N ASN A 156 -1.01 -23.93 -1.46
CA ASN A 156 -0.26 -23.68 -0.24
C ASN A 156 1.24 -23.50 -0.47
N ASN A 157 1.68 -23.10 -1.67
CA ASN A 157 3.11 -22.76 -1.82
C ASN A 157 3.28 -21.27 -1.51
N THR A 158 3.31 -20.97 -0.23
CA THR A 158 3.35 -19.58 0.21
C THR A 158 4.68 -18.92 -0.09
N LEU A 159 5.75 -19.70 -0.28
CA LEU A 159 7.04 -19.15 -0.68
C LEU A 159 6.94 -18.31 -1.96
N ALA A 160 6.20 -18.79 -2.95
CA ALA A 160 5.98 -18.02 -4.16
C ALA A 160 5.23 -16.71 -3.88
N LEU A 161 4.35 -16.69 -2.89
CA LEU A 161 3.70 -15.42 -2.57
C LEU A 161 4.71 -14.41 -2.02
N GLU A 162 5.69 -14.88 -1.22
CA GLU A 162 6.70 -13.96 -0.69
C GLU A 162 7.68 -13.51 -1.76
N ASN A 163 8.10 -14.39 -2.67
CA ASN A 163 9.03 -13.82 -3.62
C ASN A 163 8.32 -12.97 -4.68
N THR A 164 7.02 -13.20 -4.88
CA THR A 164 6.24 -12.24 -5.67
C THR A 164 6.17 -10.89 -4.95
N ARG A 165 5.91 -10.90 -3.65
CA ARG A 165 5.91 -9.66 -2.90
C ARG A 165 7.28 -8.99 -2.94
N MSE A 166 8.36 -9.77 -2.89
CA MSE A 166 9.67 -9.16 -3.07
C MSE A 166 9.88 -8.50 -4.44
O MSE A 166 10.39 -7.38 -4.53
CB MSE A 166 10.79 -10.18 -2.85
CG MSE A 166 12.15 -9.59 -3.09
SE MSE A 166 13.48 -11.02 -3.50
CE MSE A 166 12.71 -11.63 -5.26
N VAL A 167 9.53 -9.19 -5.52
CA VAL A 167 9.69 -8.58 -6.85
C VAL A 167 8.84 -7.31 -6.96
N ARG A 168 7.62 -7.38 -6.45
CA ARG A 168 6.74 -6.21 -6.47
C ARG A 168 7.38 -5.03 -5.74
N THR A 169 8.00 -5.31 -4.60
CA THR A 169 8.70 -4.26 -3.85
C THR A 169 9.84 -3.67 -4.68
N TYR A 170 10.65 -4.53 -5.31
CA TYR A 170 11.71 -4.03 -6.18
C TYR A 170 11.14 -3.14 -7.28
N VAL A 171 10.06 -3.58 -7.93
CA VAL A 171 9.44 -2.80 -9.00
C VAL A 171 8.92 -1.48 -8.46
N SER A 172 8.54 -1.44 -7.18
CA SER A 172 7.98 -0.22 -6.62
C SER A 172 9.03 0.81 -6.22
N ILE A 173 10.31 0.48 -6.27
CA ILE A 173 11.33 1.35 -5.67
C ILE A 173 11.79 2.43 -6.65
N ASP A 174 11.89 2.12 -7.92
CA ASP A 174 12.40 3.07 -8.91
C ASP A 174 11.53 2.97 -10.15
N ASP A 175 11.08 4.11 -10.70
CA ASP A 175 10.06 4.01 -11.75
CA ASP A 175 10.07 4.03 -11.76
C ASP A 175 10.63 3.51 -13.09
N ARG A 176 11.95 3.34 -13.21
CA ARG A 176 12.49 2.74 -14.42
C ARG A 176 12.38 1.22 -14.43
N VAL A 177 12.11 0.61 -13.27
CA VAL A 177 12.23 -0.84 -13.20
C VAL A 177 11.09 -1.52 -13.98
N ARG A 178 9.86 -1.02 -13.81
CA ARG A 178 8.72 -1.64 -14.49
C ARG A 178 8.88 -1.62 -16.01
N PRO A 179 9.12 -0.49 -16.67
CA PRO A 179 9.26 -0.56 -18.14
C PRO A 179 10.48 -1.35 -18.59
N LEU A 180 11.61 -1.22 -17.90
CA LEU A 180 12.80 -1.98 -18.26
C LEU A 180 12.54 -3.48 -18.18
N ALA A 181 11.95 -3.93 -17.08
CA ALA A 181 11.69 -5.35 -16.87
C ALA A 181 10.64 -5.86 -17.83
N MSE A 182 9.60 -5.07 -18.11
CA MSE A 182 8.58 -5.55 -19.04
C MSE A 182 9.12 -5.67 -20.45
O MSE A 182 8.75 -6.59 -21.19
CB MSE A 182 7.35 -4.64 -19.02
CG MSE A 182 6.54 -4.87 -17.76
SE MSE A 182 4.90 -3.82 -17.63
CE MSE A 182 3.74 -4.84 -18.88
N ILE A 183 10.00 -4.76 -20.85
CA ILE A 183 10.56 -4.82 -22.21
C ILE A 183 11.53 -5.99 -22.34
N ILE A 184 12.35 -6.22 -21.30
CA ILE A 184 13.23 -7.39 -21.33
C ILE A 184 12.43 -8.69 -21.33
N LYS A 185 11.35 -8.76 -20.53
CA LYS A 185 10.50 -9.95 -20.55
C LYS A 185 9.92 -10.16 -21.93
N TYR A 186 9.41 -9.08 -22.54
CA TYR A 186 8.90 -9.18 -23.90
C TYR A 186 9.98 -9.72 -24.83
N TRP A 187 11.21 -9.24 -24.68
CA TRP A 187 12.32 -9.80 -25.48
C TRP A 187 12.49 -11.29 -25.20
N THR A 188 12.41 -11.72 -23.93
CA THR A 188 12.61 -13.15 -23.64
C THR A 188 11.50 -14.01 -24.26
N ARG A 189 10.25 -13.52 -24.33
CA ARG A 189 9.16 -14.27 -24.96
CA ARG A 189 9.26 -14.37 -24.96
C ARG A 189 9.35 -14.31 -26.48
N ARG A 190 9.72 -13.17 -27.06
CA ARG A 190 9.82 -13.12 -28.52
C ARG A 190 10.96 -13.99 -29.04
N ARG A 191 12.10 -14.02 -28.32
CA ARG A 191 13.21 -14.90 -28.66
C ARG A 191 13.04 -16.30 -28.08
N VAL A 192 11.93 -16.58 -27.40
CA VAL A 192 11.64 -17.88 -26.78
C VAL A 192 12.84 -18.39 -25.99
N VAL A 193 13.30 -17.62 -25.03
CA VAL A 193 14.34 -18.03 -24.09
C VAL A 193 13.82 -18.00 -22.66
N ASN A 194 12.49 -18.04 -22.51
CA ASN A 194 11.81 -17.99 -21.22
C ASN A 194 11.10 -19.31 -20.89
N ASP A 195 11.69 -20.45 -21.28
CA ASP A 195 10.99 -21.74 -21.14
C ASP A 195 11.91 -22.74 -20.43
N ALA A 196 11.94 -22.66 -19.10
CA ALA A 196 12.79 -23.56 -18.35
C ALA A 196 12.23 -24.99 -18.31
N ALA A 197 10.92 -25.14 -18.44
CA ALA A 197 10.29 -26.44 -18.25
C ALA A 197 10.49 -27.38 -19.44
N PHE A 198 10.38 -26.88 -20.66
CA PHE A 198 10.49 -27.74 -21.83
C PHE A 198 11.56 -27.30 -22.80
N GLY A 199 12.03 -26.06 -22.72
CA GLY A 199 12.90 -25.52 -23.72
C GLY A 199 14.35 -25.59 -23.34
N GLY A 200 14.64 -25.87 -22.07
CA GLY A 200 16.00 -25.78 -21.57
C GLY A 200 16.56 -24.38 -21.47
N THR A 201 15.70 -23.34 -21.43
CA THR A 201 16.21 -22.00 -21.21
C THR A 201 15.86 -21.54 -19.79
N LEU A 202 15.49 -20.28 -19.56
CA LEU A 202 15.41 -19.74 -18.19
C LEU A 202 14.00 -19.31 -17.84
N SER A 203 13.61 -19.52 -16.58
CA SER A 203 12.27 -19.14 -16.17
C SER A 203 12.15 -17.62 -16.14
N SER A 204 10.92 -17.12 -16.22
CA SER A 204 10.73 -15.69 -16.10
C SER A 204 11.28 -15.18 -14.77
N TYR A 205 11.15 -15.97 -13.71
CA TYR A 205 11.68 -15.54 -12.42
C TYR A 205 13.20 -15.45 -12.43
N THR A 206 13.86 -16.39 -13.12
CA THR A 206 15.31 -16.29 -13.32
C THR A 206 15.67 -14.98 -14.01
N TRP A 207 14.95 -14.65 -15.10
CA TRP A 207 15.22 -13.42 -15.82
C TRP A 207 15.02 -12.18 -14.94
N ILE A 208 13.96 -12.15 -14.15
CA ILE A 208 13.72 -11.01 -13.26
C ILE A 208 14.85 -10.90 -12.24
N CYS A 209 15.35 -12.03 -11.72
CA CYS A 209 16.49 -11.93 -10.80
C CYS A 209 17.71 -11.38 -11.51
N MSE A 210 17.92 -11.75 -12.77
CA MSE A 210 19.07 -11.21 -13.50
C MSE A 210 18.95 -9.71 -13.74
O MSE A 210 19.94 -8.97 -13.71
CB MSE A 210 19.25 -11.98 -14.84
CG MSE A 210 19.82 -13.35 -14.58
SE MSE A 210 19.60 -14.40 -16.24
CE MSE A 210 21.13 -13.70 -17.20
N ILE A 211 17.73 -9.26 -13.98
CA ILE A 211 17.51 -7.82 -14.17
C ILE A 211 17.77 -7.08 -12.86
N ILE A 212 17.23 -7.59 -11.76
CA ILE A 212 17.43 -6.93 -10.47
C ILE A 212 18.91 -6.95 -10.10
N ALA A 213 19.59 -8.08 -10.31
CA ALA A 213 21.00 -8.17 -9.96
C ALA A 213 21.81 -7.14 -10.72
N PHE A 214 21.54 -7.00 -12.03
CA PHE A 214 22.22 -5.99 -12.85
C PHE A 214 21.98 -4.58 -12.31
N LEU A 215 20.74 -4.29 -11.91
CA LEU A 215 20.40 -2.96 -11.39
C LEU A 215 21.03 -2.70 -10.02
N GLN A 216 21.17 -3.73 -9.19
CA GLN A 216 21.87 -3.60 -7.91
C GLN A 216 23.36 -3.31 -8.11
N LEU A 217 23.93 -3.75 -9.23
CA LEU A 217 25.37 -3.65 -9.45
C LEU A 217 25.78 -2.42 -10.26
N ARG A 218 24.83 -1.58 -10.67
CA ARG A 218 25.16 -0.31 -11.29
C ARG A 218 25.86 0.60 -10.28
N ASP A 219 26.61 1.57 -10.80
CA ASP A 219 27.31 2.54 -9.97
C ASP A 219 26.91 3.94 -10.43
N PRO A 220 26.05 4.65 -9.68
CA PRO A 220 25.37 4.25 -8.44
C PRO A 220 24.31 3.20 -8.70
N PRO A 221 23.91 2.45 -7.68
CA PRO A 221 22.91 1.39 -7.88
C PRO A 221 21.52 1.96 -8.10
N VAL A 222 20.75 1.25 -8.93
CA VAL A 222 19.36 1.62 -9.10
C VAL A 222 18.49 0.94 -8.03
N LEU A 223 18.90 -0.23 -7.57
CA LEU A 223 18.14 -0.99 -6.58
C LEU A 223 19.05 -1.41 -5.44
N PRO A 224 18.58 -1.41 -4.20
CA PRO A 224 19.37 -1.89 -3.06
C PRO A 224 19.30 -3.42 -2.98
N ALA A 225 19.95 -3.97 -1.96
CA ALA A 225 19.80 -5.40 -1.63
C ALA A 225 18.80 -5.48 -0.50
N LEU A 226 17.54 -5.81 -0.83
CA LEU A 226 16.48 -5.70 0.17
C LEU A 226 16.70 -6.68 1.32
N HIS A 227 17.21 -7.88 1.02
CA HIS A 227 17.45 -8.84 2.12
C HIS A 227 18.47 -8.33 3.13
N GLN A 228 19.37 -7.41 2.73
CA GLN A 228 20.42 -6.90 3.61
C GLN A 228 20.05 -5.61 4.33
N GLN A 229 18.95 -4.96 3.95
CA GLN A 229 18.55 -3.66 4.53
C GLN A 229 17.70 -3.90 5.78
N HIS A 230 18.36 -4.31 6.85
CA HIS A 230 17.64 -4.81 8.02
C HIS A 230 16.75 -3.73 8.65
N ASP A 231 17.16 -2.47 8.57
CA ASP A 231 16.42 -1.44 9.30
C ASP A 231 15.10 -1.05 8.64
N LEU A 232 14.86 -1.47 7.39
CA LEU A 232 13.64 -1.12 6.68
C LEU A 232 12.69 -2.31 6.55
N LYS A 233 12.92 -3.36 7.34
CA LYS A 233 12.05 -4.53 7.38
C LYS A 233 10.86 -4.32 8.31
N LEU A 234 9.65 -4.54 7.79
CA LEU A 234 8.45 -4.46 8.62
C LEU A 234 8.06 -5.83 9.15
N VAL A 235 7.27 -5.82 10.24
CA VAL A 235 6.70 -7.03 10.81
C VAL A 235 5.47 -7.43 10.00
N LYS A 236 5.46 -8.67 9.51
CA LYS A 236 4.36 -9.17 8.70
C LYS A 236 3.14 -9.47 9.57
N GLN A 237 2.05 -9.87 8.91
CA GLN A 237 0.83 -10.21 9.64
C GLN A 237 0.99 -11.47 10.49
N ASP A 238 1.94 -12.34 10.19
CA ASP A 238 2.13 -13.54 11.00
C ASP A 238 3.01 -13.28 12.23
N GLY A 239 3.44 -12.04 12.45
CA GLY A 239 4.27 -11.70 13.59
C GLY A 239 5.77 -11.77 13.36
N ALA A 240 6.23 -12.34 12.25
CA ALA A 240 7.65 -12.39 12.00
C ALA A 240 8.10 -11.20 11.17
N LEU A 241 9.34 -10.79 11.39
CA LEU A 241 9.99 -9.80 10.55
C LEU A 241 10.03 -10.26 9.10
N SER A 242 9.81 -9.32 8.18
CA SER A 242 9.96 -9.65 6.76
C SER A 242 11.40 -10.08 6.49
N ASP A 243 11.57 -11.04 5.57
CA ASP A 243 12.90 -11.47 5.17
CA ASP A 243 12.92 -11.45 5.23
C ASP A 243 13.65 -10.40 4.39
N PHE A 244 12.91 -9.46 3.76
CA PHE A 244 13.50 -8.45 2.90
C PHE A 244 12.90 -7.10 3.26
N ALA A 245 13.68 -6.03 3.12
CA ALA A 245 13.16 -4.71 3.48
C ALA A 245 11.94 -4.39 2.62
N ASP A 246 10.88 -3.86 3.25
CA ASP A 246 9.63 -3.69 2.51
C ASP A 246 8.85 -2.45 2.90
N ASP A 247 9.48 -1.49 3.57
CA ASP A 247 8.83 -0.22 3.89
C ASP A 247 8.94 0.67 2.66
N ILE A 248 8.00 0.47 1.73
CA ILE A 248 8.15 1.03 0.38
C ILE A 248 8.32 2.54 0.40
N PRO A 249 7.55 3.32 1.17
CA PRO A 249 7.77 4.78 1.15
C PRO A 249 9.17 5.20 1.55
N LYS A 250 9.84 4.47 2.44
CA LYS A 250 11.21 4.83 2.82
C LYS A 250 12.22 4.36 1.78
N LEU A 251 11.88 3.32 1.03
CA LEU A 251 12.76 2.78 0.01
C LEU A 251 12.69 3.56 -1.28
N ARG A 252 11.50 4.06 -1.62
CA ARG A 252 11.31 4.79 -2.87
C ARG A 252 12.35 5.88 -3.02
N GLY A 253 12.89 6.00 -4.24
CA GLY A 253 13.94 6.97 -4.51
C GLY A 253 15.36 6.49 -4.28
N PHE A 254 15.55 5.27 -3.79
CA PHE A 254 16.89 4.77 -3.53
C PHE A 254 17.81 4.91 -4.74
N GLY A 255 17.29 4.60 -5.92
CA GLY A 255 18.06 4.66 -7.15
C GLY A 255 18.15 6.02 -7.80
N ALA A 256 17.59 7.07 -7.18
CA ALA A 256 17.59 8.37 -7.83
C ALA A 256 19.00 8.93 -8.05
N LYS A 257 20.01 8.41 -7.34
CA LYS A 257 21.37 8.86 -7.60
C LYS A 257 21.85 8.40 -8.98
N ASN A 258 21.27 7.33 -9.50
CA ASN A 258 21.63 6.88 -10.84
C ASN A 258 20.76 7.65 -11.84
N LYS A 259 21.40 8.39 -12.74
CA LYS A 259 20.69 9.28 -13.66
C LYS A 259 20.53 8.71 -15.08
N ASP A 260 20.88 7.45 -15.29
CA ASP A 260 20.78 6.90 -16.64
C ASP A 260 19.34 6.67 -17.10
N SER A 261 19.08 6.93 -18.38
CA SER A 261 17.76 6.75 -18.94
C SER A 261 17.44 5.26 -19.14
N LEU A 262 16.16 4.98 -19.38
CA LEU A 262 15.73 3.65 -19.78
C LEU A 262 16.54 3.12 -20.96
N ALA A 263 16.78 3.95 -21.97
CA ALA A 263 17.52 3.50 -23.14
C ALA A 263 18.93 3.05 -22.75
N VAL A 264 19.61 3.82 -21.91
CA VAL A 264 20.96 3.46 -21.48
C VAL A 264 20.94 2.19 -20.62
N LEU A 265 19.93 2.04 -19.76
CA LEU A 265 19.87 0.84 -18.93
C LEU A 265 19.63 -0.42 -19.76
N LEU A 266 18.80 -0.33 -20.82
CA LEU A 266 18.59 -1.52 -21.64
C LEU A 266 19.88 -1.91 -22.35
N PHE A 267 20.56 -0.92 -22.94
CA PHE A 267 21.89 -1.10 -23.53
C PHE A 267 22.87 -1.71 -22.53
N GLN A 268 22.91 -1.17 -21.31
CA GLN A 268 23.85 -1.67 -20.33
C GLN A 268 23.45 -3.05 -19.82
N PHE A 269 22.15 -3.35 -19.75
CA PHE A 269 21.74 -4.70 -19.37
C PHE A 269 22.34 -5.72 -20.34
N PHE A 270 22.14 -5.50 -21.64
CA PHE A 270 22.65 -6.45 -22.61
C PHE A 270 24.17 -6.42 -22.67
N ARG A 271 24.77 -5.24 -22.50
CA ARG A 271 26.24 -5.17 -22.49
C ARG A 271 26.81 -5.95 -21.32
N PHE A 272 26.21 -5.78 -20.14
CA PHE A 272 26.64 -6.51 -18.95
C PHE A 272 26.62 -8.01 -19.18
N TYR A 273 25.48 -8.55 -19.62
CA TYR A 273 25.39 -9.99 -19.78
C TYR A 273 26.05 -10.47 -21.07
N ALA A 274 26.16 -9.61 -22.10
CA ALA A 274 26.85 -10.04 -23.32
C ALA A 274 28.35 -10.14 -23.13
N HIS A 275 28.98 -9.15 -22.47
CA HIS A 275 30.44 -9.03 -22.45
C HIS A 275 31.07 -8.76 -21.07
N GLU A 276 30.38 -8.14 -20.13
CA GLU A 276 31.08 -7.75 -18.91
C GLU A 276 31.09 -8.85 -17.85
N PHE A 277 30.00 -9.59 -17.71
CA PHE A 277 29.87 -10.51 -16.60
C PHE A 277 30.65 -11.79 -16.84
N ASP A 278 31.47 -12.17 -15.88
CA ASP A 278 32.27 -13.38 -15.97
C ASP A 278 31.41 -14.54 -15.47
N TYR A 279 30.71 -15.20 -16.40
CA TYR A 279 29.84 -16.33 -16.06
C TYR A 279 30.61 -17.47 -15.42
N ASP A 280 31.88 -17.63 -15.78
CA ASP A 280 32.62 -18.78 -15.30
C ASP A 280 32.91 -18.67 -13.82
N LYS A 281 33.12 -17.45 -13.32
CA LYS A 281 33.61 -17.26 -11.97
C LYS A 281 32.51 -16.99 -10.94
N TYR A 282 31.46 -16.27 -11.32
CA TYR A 282 30.58 -15.59 -10.38
C TYR A 282 29.17 -16.17 -10.33
N THR A 283 28.53 -15.92 -9.18
CA THR A 283 27.11 -16.17 -8.96
C THR A 283 26.42 -14.83 -8.77
N LEU A 284 25.30 -14.63 -9.44
CA LEU A 284 24.49 -13.44 -9.22
C LEU A 284 23.55 -13.68 -8.04
N SER A 285 23.52 -12.73 -7.11
CA SER A 285 22.79 -12.90 -5.85
C SER A 285 22.06 -11.59 -5.53
N ILE A 286 20.77 -11.54 -5.83
CA ILE A 286 20.03 -10.33 -5.44
C ILE A 286 19.78 -10.33 -3.94
N ARG A 287 19.94 -11.48 -3.28
CA ARG A 287 19.93 -11.50 -1.81
C ARG A 287 21.03 -10.61 -1.24
N MSE A 288 22.24 -10.73 -1.78
CA MSE A 288 23.38 -9.98 -1.30
C MSE A 288 23.53 -8.63 -1.98
O MSE A 288 23.98 -7.70 -1.35
CB MSE A 288 24.67 -10.79 -1.48
CG MSE A 288 24.70 -12.04 -0.63
SE MSE A 288 24.82 -11.51 1.29
CE MSE A 288 26.26 -10.23 1.23
N GLY A 289 23.10 -8.50 -3.25
CA GLY A 289 23.37 -7.25 -3.95
C GLY A 289 24.81 -7.04 -4.36
N THR A 290 25.64 -8.08 -4.23
CA THR A 290 27.03 -8.05 -4.66
C THR A 290 27.33 -9.42 -5.28
N LEU A 291 28.41 -9.50 -6.06
CA LEU A 291 28.72 -10.80 -6.67
C LEU A 291 29.29 -11.76 -5.64
N LEU A 292 28.96 -13.03 -5.81
CA LEU A 292 29.54 -14.12 -5.04
C LEU A 292 30.33 -15.00 -6.00
N THR A 293 31.39 -15.65 -5.53
CA THR A 293 32.03 -16.59 -6.43
C THR A 293 31.27 -17.91 -6.40
N LYS A 294 31.33 -18.66 -7.51
CA LYS A 294 30.80 -20.00 -7.45
C LYS A 294 31.52 -20.80 -6.37
N ALA A 295 32.83 -20.60 -6.23
CA ALA A 295 33.60 -21.44 -5.33
C ALA A 295 33.23 -21.18 -3.88
N GLU A 296 32.84 -19.95 -3.53
CA GLU A 296 32.46 -19.77 -2.14
C GLU A 296 31.13 -20.44 -1.82
N LYS A 297 30.32 -20.76 -2.83
CA LYS A 297 29.10 -21.54 -2.60
C LYS A 297 29.27 -23.04 -2.88
N ASN A 298 30.47 -23.48 -3.21
CA ASN A 298 30.71 -24.84 -3.68
C ASN A 298 30.00 -25.13 -4.99
N TRP A 299 29.67 -24.09 -5.74
CA TRP A 299 28.95 -24.30 -6.97
C TRP A 299 29.86 -24.62 -8.16
N GLN A 300 31.17 -24.72 -7.97
CA GLN A 300 31.99 -25.23 -9.06
C GLN A 300 31.69 -26.71 -9.34
N TYR A 301 31.01 -27.40 -8.42
CA TYR A 301 30.66 -28.81 -8.54
C TYR A 301 29.23 -29.02 -9.05
N LEU A 302 28.46 -27.96 -9.15
CA LEU A 302 27.04 -28.06 -9.49
C LEU A 302 26.88 -28.47 -10.94
N VAL A 303 26.06 -29.49 -11.19
CA VAL A 303 25.66 -29.79 -12.56
C VAL A 303 24.78 -28.67 -13.06
N ASN A 304 25.02 -28.25 -14.31
CA ASN A 304 24.36 -27.09 -14.87
C ASN A 304 24.65 -25.86 -14.01
N ASN A 305 25.90 -25.46 -14.13
CA ASN A 305 26.37 -24.29 -13.41
C ASN A 305 26.99 -23.26 -14.36
N ALA A 306 26.78 -23.39 -15.68
CA ALA A 306 27.32 -22.39 -16.59
C ALA A 306 26.81 -21.00 -16.21
N LEU A 307 25.53 -20.91 -15.89
CA LEU A 307 24.91 -19.70 -15.36
C LEU A 307 24.47 -19.98 -13.93
N CYS A 308 24.94 -19.16 -12.98
CA CYS A 308 24.59 -19.31 -11.58
C CYS A 308 23.84 -18.06 -11.14
N VAL A 309 22.57 -18.25 -10.79
CA VAL A 309 21.70 -17.19 -10.30
C VAL A 309 21.07 -17.72 -9.02
N GLU A 310 21.49 -17.17 -7.89
CA GLU A 310 21.07 -17.68 -6.59
C GLU A 310 19.62 -17.28 -6.30
N GLU A 311 18.78 -18.27 -6.00
CA GLU A 311 17.43 -17.97 -5.48
C GLU A 311 17.56 -17.25 -4.16
N PRO A 312 16.92 -16.08 -3.98
CA PRO A 312 17.22 -15.27 -2.79
C PRO A 312 16.61 -15.81 -1.50
N PHE A 313 15.60 -16.67 -1.57
CA PHE A 313 15.05 -17.25 -0.35
C PHE A 313 15.62 -18.63 -0.03
N ASN A 314 16.12 -19.35 -1.03
CA ASN A 314 16.76 -20.64 -0.79
C ASN A 314 18.10 -20.56 -1.51
N ASP A 315 19.11 -20.11 -0.81
CA ASP A 315 20.37 -19.82 -1.49
C ASP A 315 21.15 -21.07 -1.82
N GLY A 316 20.64 -22.25 -1.47
CA GLY A 316 21.19 -23.46 -2.01
C GLY A 316 20.75 -23.80 -3.42
N ARG A 317 19.83 -23.02 -4.02
CA ARG A 317 19.24 -23.36 -5.32
C ARG A 317 19.72 -22.41 -6.41
N ASN A 318 20.18 -22.97 -7.52
CA ASN A 318 20.57 -22.21 -8.70
C ASN A 318 19.41 -22.12 -9.67
N LEU A 319 18.89 -20.91 -9.89
CA LEU A 319 17.82 -20.71 -10.86
C LEU A 319 18.27 -21.02 -12.29
N GLY A 320 19.57 -20.93 -12.54
CA GLY A 320 20.13 -21.22 -13.85
C GLY A 320 20.30 -22.68 -14.14
N ASN A 321 19.84 -23.56 -13.25
CA ASN A 321 20.06 -25.00 -13.40
C ASN A 321 19.35 -25.62 -14.59
N THR A 322 18.43 -24.91 -15.22
CA THR A 322 17.71 -25.47 -16.36
C THR A 322 18.49 -25.32 -17.65
N ALA A 323 19.62 -24.60 -17.66
CA ALA A 323 20.43 -24.40 -18.85
C ALA A 323 21.68 -25.29 -18.79
N ASP A 324 21.74 -26.31 -19.64
CA ASP A 324 22.99 -27.06 -19.76
C ASP A 324 23.99 -26.25 -20.58
N GLU A 325 25.15 -26.87 -20.84
CA GLU A 325 26.24 -26.16 -21.49
CA GLU A 325 26.25 -26.16 -21.50
C GLU A 325 25.86 -25.68 -22.89
N THR A 326 25.17 -26.52 -23.65
CA THR A 326 24.70 -26.12 -24.97
C THR A 326 23.70 -24.99 -24.89
N SER A 327 22.73 -25.11 -23.98
CA SER A 327 21.74 -24.06 -23.82
C SER A 327 22.38 -22.76 -23.38
N PHE A 328 23.38 -22.83 -22.49
CA PHE A 328 24.04 -21.60 -22.08
C PHE A 328 24.74 -20.93 -23.25
N ARG A 329 25.42 -21.70 -24.10
CA ARG A 329 26.08 -21.09 -25.25
C ARG A 329 25.08 -20.33 -26.11
N GLY A 330 23.89 -20.91 -26.35
CA GLY A 330 22.89 -20.24 -27.18
C GLY A 330 22.29 -19.02 -26.49
N LEU A 331 22.05 -19.13 -25.18
CA LEU A 331 21.61 -17.97 -24.40
C LEU A 331 22.63 -16.84 -24.49
N HIS A 332 23.91 -17.18 -24.32
CA HIS A 332 24.96 -16.16 -24.38
C HIS A 332 24.99 -15.52 -25.77
N MSE A 333 24.83 -16.34 -26.81
CA MSE A 333 24.75 -15.79 -28.16
C MSE A 333 23.54 -14.85 -28.30
O MSE A 333 23.68 -13.79 -28.88
CB MSE A 333 24.70 -16.92 -29.19
CG MSE A 333 25.98 -17.73 -29.29
SE MSE A 333 25.68 -19.29 -30.46
CE MSE A 333 24.88 -18.31 -31.97
N GLU A 334 22.37 -15.24 -27.75
CA GLU A 334 21.19 -14.37 -27.83
C GLU A 334 21.43 -13.06 -27.11
N LEU A 335 22.16 -13.10 -25.99
CA LEU A 335 22.46 -11.86 -25.26
C LEU A 335 23.42 -10.99 -26.05
N ARG A 336 24.40 -11.59 -26.74
CA ARG A 336 25.28 -10.80 -27.58
C ARG A 336 24.56 -10.29 -28.82
N ARG A 337 23.70 -11.13 -29.41
CA ARG A 337 22.83 -10.69 -30.51
C ARG A 337 22.03 -9.44 -30.11
N ALA A 338 21.37 -9.51 -28.94
CA ALA A 338 20.61 -8.37 -28.44
C ALA A 338 21.50 -7.15 -28.21
N PHE A 339 22.67 -7.34 -27.59
CA PHE A 339 23.57 -6.20 -27.39
C PHE A 339 23.91 -5.53 -28.72
N ASP A 340 24.25 -6.33 -29.75
CA ASP A 340 24.65 -5.75 -31.03
C ASP A 340 23.52 -4.95 -31.66
N LEU A 341 22.28 -5.34 -31.43
CA LEU A 341 21.18 -4.61 -32.07
C LEU A 341 20.81 -3.39 -31.25
N ILE A 342 20.72 -3.53 -29.92
CA ILE A 342 20.38 -2.38 -29.09
C ILE A 342 21.48 -1.32 -29.15
N ALA A 343 22.75 -1.74 -29.31
CA ALA A 343 23.82 -0.77 -29.49
C ALA A 343 23.54 0.17 -30.65
N GLU A 344 22.81 -0.30 -31.66
CA GLU A 344 22.45 0.54 -32.80
C GLU A 344 20.99 0.99 -32.76
N GLY A 345 20.30 0.78 -31.65
CA GLY A 345 18.94 1.26 -31.46
C GLY A 345 17.86 0.42 -32.11
N LYS A 346 18.18 -0.80 -32.52
CA LYS A 346 17.28 -1.60 -33.36
C LYS A 346 16.39 -2.49 -32.49
N LEU A 347 15.45 -1.84 -31.80
CA LEU A 347 14.62 -2.58 -30.84
C LEU A 347 13.69 -3.55 -31.54
N GLU A 348 13.20 -3.19 -32.72
CA GLU A 348 12.31 -4.10 -33.43
C GLU A 348 13.04 -5.37 -33.84
N GLU A 349 14.20 -5.24 -34.48
CA GLU A 349 14.96 -6.42 -34.85
C GLU A 349 15.42 -7.21 -33.63
N CYS A 350 15.80 -6.51 -32.55
CA CYS A 350 16.15 -7.21 -31.32
C CYS A 350 15.04 -8.16 -30.89
N CYS A 351 13.79 -7.73 -31.05
CA CYS A 351 12.66 -8.49 -30.57
C CYS A 351 11.99 -9.33 -31.67
N GLU A 352 12.69 -9.60 -32.77
CA GLU A 352 12.16 -10.50 -33.79
C GLU A 352 11.65 -11.80 -33.18
N GLN A 353 10.48 -12.25 -33.65
CA GLN A 353 9.86 -13.48 -33.14
C GLN A 353 10.62 -14.69 -33.65
N TYR A 354 11.25 -15.42 -32.73
CA TYR A 354 11.85 -16.69 -33.05
C TYR A 354 10.78 -17.75 -33.35
N VAL A 355 11.01 -18.53 -34.39
CA VAL A 355 10.13 -19.63 -34.78
CA VAL A 355 10.13 -19.63 -34.79
C VAL A 355 10.96 -20.91 -34.83
N PHE A 356 10.38 -22.00 -34.32
CA PHE A 356 11.08 -23.27 -34.31
C PHE A 356 11.13 -23.83 -35.72
N PRO A 357 12.22 -24.51 -36.09
CA PRO A 357 12.26 -25.17 -37.39
C PRO A 357 11.31 -26.37 -37.44
N LYS A 358 11.05 -26.85 -38.65
CA LYS A 358 10.15 -27.98 -38.86
C LYS A 358 10.90 -29.32 -38.94
N PHE B 6 3.73 38.28 21.64
CA PHE B 6 3.17 39.55 21.22
C PHE B 6 2.74 39.48 19.76
N SER B 7 3.01 40.54 19.00
CA SER B 7 2.57 40.62 17.61
C SER B 7 3.35 39.64 16.74
N ARG B 8 2.70 38.54 16.35
CA ARG B 8 3.32 37.57 15.47
C ARG B 8 3.17 37.92 14.00
N ARG B 9 2.67 39.11 13.70
CA ARG B 9 2.50 39.55 12.32
C ARG B 9 3.83 39.50 11.56
N ARG B 10 3.88 38.68 10.51
CA ARG B 10 5.14 38.45 9.83
C ARG B 10 5.53 39.61 8.90
N MSE B 11 4.56 40.19 8.21
CA MSE B 11 4.84 41.21 7.19
C MSE B 11 4.29 42.54 7.69
O MSE B 11 3.08 42.70 7.80
CB MSE B 11 4.20 40.83 5.84
CG MSE B 11 4.63 39.45 5.30
SE MSE B 11 6.58 39.37 5.05
CE MSE B 11 6.68 37.50 4.39
N PRO B 12 5.19 43.47 8.01
CA PRO B 12 4.75 44.73 8.64
C PRO B 12 3.95 45.60 7.69
N TYR B 13 3.07 46.44 8.28
CA TYR B 13 2.28 47.33 7.45
C TYR B 13 3.12 48.39 6.75
N SER B 14 4.34 48.64 7.22
CA SER B 14 5.24 49.58 6.53
C SER B 14 5.66 49.06 5.16
N LEU B 15 5.39 47.80 4.85
CA LEU B 15 5.73 47.28 3.53
C LEU B 15 4.89 47.91 2.41
N GLY B 16 3.70 48.39 2.73
CA GLY B 16 2.78 48.84 1.70
C GLY B 16 2.07 47.68 1.03
N THR B 17 1.25 48.01 0.04
CA THR B 17 0.46 47.02 -0.69
C THR B 17 0.83 46.93 -2.17
N ASP B 18 1.74 47.76 -2.66
CA ASP B 18 2.02 47.85 -4.09
C ASP B 18 2.41 46.50 -4.70
N LYS B 19 2.07 46.35 -5.98
CA LYS B 19 2.51 45.19 -6.75
C LYS B 19 4.01 45.28 -7.01
N LEU B 20 4.69 44.14 -6.97
CA LEU B 20 6.10 44.20 -7.32
C LEU B 20 6.26 44.51 -8.80
N GLU B 21 7.46 44.96 -9.18
CA GLU B 21 7.68 45.38 -10.55
C GLU B 21 7.72 44.17 -11.48
N LYS B 22 7.09 44.31 -12.64
CA LYS B 22 7.27 43.34 -13.73
C LYS B 22 8.68 43.51 -14.28
N VAL B 23 9.55 42.55 -14.01
CA VAL B 23 10.93 42.64 -14.42
C VAL B 23 11.05 42.22 -15.88
N ASP B 24 11.91 42.92 -16.62
CA ASP B 24 12.24 42.57 -17.99
C ASP B 24 12.60 41.09 -18.07
N PRO B 25 11.87 40.28 -18.85
CA PRO B 25 12.16 38.85 -18.90
C PRO B 25 13.59 38.54 -19.31
N ASP B 26 14.18 39.38 -20.17
CA ASP B 26 15.56 39.16 -20.58
C ASP B 26 16.54 39.25 -19.42
N LYS B 27 16.11 39.79 -18.28
CA LYS B 27 16.97 39.92 -17.10
C LYS B 27 16.76 38.81 -16.09
N ILE B 28 15.74 37.96 -16.27
CA ILE B 28 15.47 36.85 -15.36
CA ILE B 28 15.48 36.85 -15.36
C ILE B 28 16.20 35.62 -15.88
N LYS B 29 17.19 35.14 -15.14
CA LYS B 29 17.98 34.06 -15.71
C LYS B 29 17.11 32.83 -15.86
N SER B 30 17.28 32.13 -16.98
CA SER B 30 16.36 31.09 -17.39
C SER B 30 16.81 29.69 -17.01
N LYS B 31 18.09 29.47 -16.75
CA LYS B 31 18.57 28.13 -16.47
C LYS B 31 19.83 28.19 -15.62
N LEU B 32 19.96 27.26 -14.69
CA LEU B 32 21.18 27.13 -13.90
C LEU B 32 22.34 26.71 -14.80
N SER B 33 23.47 27.37 -14.61
CA SER B 33 24.71 26.84 -15.16
C SER B 33 24.98 25.46 -14.58
N GLU B 34 25.76 24.66 -15.32
CA GLU B 34 26.05 23.29 -14.89
C GLU B 34 26.83 23.27 -13.58
N ASP B 35 27.74 24.24 -13.37
CA ASP B 35 28.46 24.28 -12.11
C ASP B 35 27.53 24.56 -10.94
N VAL B 36 26.63 25.53 -11.11
CA VAL B 36 25.69 25.86 -10.04
C VAL B 36 24.75 24.69 -9.78
N GLU B 37 24.30 24.03 -10.85
CA GLU B 37 23.34 22.94 -10.69
C GLU B 37 23.96 21.78 -9.92
N ARG B 38 25.15 21.34 -10.34
CA ARG B 38 25.78 20.20 -9.69
C ARG B 38 25.99 20.44 -8.20
N LYS B 39 26.39 21.66 -7.83
CA LYS B 39 26.61 21.92 -6.40
C LYS B 39 25.30 22.03 -5.64
N LEU B 40 24.33 22.76 -6.20
CA LEU B 40 23.01 22.83 -5.59
C LEU B 40 22.40 21.44 -5.42
N GLU B 41 22.54 20.59 -6.43
CA GLU B 41 22.06 19.21 -6.32
C GLU B 41 22.65 18.51 -5.10
N THR B 42 23.99 18.56 -4.94
CA THR B 42 24.58 17.85 -3.81
C THR B 42 24.20 18.53 -2.49
N ASP B 43 24.14 19.86 -2.45
CA ASP B 43 23.68 20.53 -1.23
C ASP B 43 22.26 20.12 -0.87
N MSE B 44 21.39 19.96 -1.85
CA MSE B 44 20.00 19.60 -1.55
C MSE B 44 19.89 18.18 -0.97
O MSE B 44 19.12 17.90 -0.05
CB MSE B 44 19.14 19.73 -2.80
CG MSE B 44 18.76 21.17 -3.09
SE MSE B 44 17.77 21.30 -4.78
CE MSE B 44 16.06 20.64 -4.15
N ARG B 45 20.66 17.25 -1.53
CA ARG B 45 20.56 15.90 -1.04
C ARG B 45 21.15 15.77 0.36
N GLU B 46 22.16 16.58 0.68
CA GLU B 46 22.66 16.57 2.05
C GLU B 46 21.65 17.19 3.00
N LEU B 47 20.98 18.26 2.59
CA LEU B 47 19.91 18.82 3.41
C LEU B 47 18.76 17.83 3.57
N TYR B 48 18.36 17.19 2.48
CA TYR B 48 17.30 16.20 2.51
C TYR B 48 17.62 15.06 3.48
N ASP B 49 18.86 14.56 3.44
CA ASP B 49 19.28 13.51 4.37
C ASP B 49 19.06 13.93 5.81
N ARG B 50 19.35 15.19 6.15
CA ARG B 50 19.16 15.65 7.51
C ARG B 50 17.70 15.94 7.84
N LEU B 51 16.86 16.24 6.84
CA LEU B 51 15.44 16.48 7.08
C LEU B 51 14.64 15.20 7.25
N LEU B 52 15.11 14.09 6.70
CA LEU B 52 14.35 12.85 6.80
C LEU B 52 14.15 12.49 8.28
N PRO B 53 13.02 11.90 8.63
CA PRO B 53 12.79 11.52 10.03
C PRO B 53 13.60 10.29 10.40
N THR B 54 13.86 10.16 11.71
CA THR B 54 14.54 8.99 12.24
C THR B 54 13.50 8.04 12.83
N GLU B 55 13.86 6.75 12.89
CA GLU B 55 12.89 5.77 13.34
C GLU B 55 12.57 5.92 14.82
N ALA B 56 13.53 6.40 15.62
CA ALA B 56 13.27 6.63 17.04
C ALA B 56 12.08 7.58 17.24
N ILE B 57 12.02 8.66 16.46
CA ILE B 57 10.94 9.63 16.63
C ILE B 57 9.66 9.13 15.96
N GLU B 58 9.76 8.44 14.83
CA GLU B 58 8.56 7.88 14.23
C GLU B 58 7.88 6.91 15.19
N VAL B 59 8.68 6.14 15.92
CA VAL B 59 8.16 5.23 16.93
C VAL B 59 7.45 6.01 18.04
N ASN B 60 8.03 7.15 18.45
CA ASN B 60 7.36 7.97 19.46
C ASN B 60 6.01 8.47 18.97
N ARG B 61 5.90 8.84 17.69
CA ARG B 61 4.61 9.29 17.18
C ARG B 61 3.59 8.18 17.32
N ARG B 62 3.95 6.96 16.94
CA ARG B 62 3.04 5.84 17.09
C ARG B 62 2.76 5.51 18.56
N GLU B 63 3.75 5.69 19.45
CA GLU B 63 3.48 5.50 20.88
C GLU B 63 2.45 6.51 21.40
N LEU B 64 2.53 7.75 20.93
CA LEU B 64 1.55 8.75 21.35
C LEU B 64 0.16 8.36 20.89
N VAL B 65 0.04 7.89 19.64
CA VAL B 65 -1.24 7.42 19.13
C VAL B 65 -1.81 6.33 20.04
N SER B 66 -1.00 5.30 20.33
CA SER B 66 -1.55 4.20 21.12
C SER B 66 -1.83 4.63 22.56
N LYS B 67 -1.02 5.54 23.11
CA LYS B 67 -1.28 6.05 24.44
C LYS B 67 -2.58 6.82 24.49
N LEU B 68 -2.80 7.72 23.52
CA LEU B 68 -4.06 8.45 23.47
C LEU B 68 -5.24 7.51 23.26
N GLU B 69 -5.10 6.53 22.35
CA GLU B 69 -6.18 5.58 22.13
C GLU B 69 -6.54 4.86 23.41
N ARG B 70 -5.53 4.43 24.17
CA ARG B 70 -5.85 3.74 25.43
C ARG B 70 -6.53 4.69 26.43
N LEU B 71 -6.04 5.93 26.52
CA LEU B 71 -6.65 6.88 27.47
C LEU B 71 -8.12 7.10 27.15
N PHE B 72 -8.42 7.37 25.87
CA PHE B 72 -9.78 7.68 25.45
C PHE B 72 -10.72 6.49 25.65
N ASN B 73 -10.32 5.30 25.18
CA ASN B 73 -11.21 4.16 25.33
C ASN B 73 -11.32 3.70 26.78
N THR B 74 -10.35 4.04 27.63
CA THR B 74 -10.51 3.72 29.05
C THR B 74 -11.48 4.67 29.72
N GLU B 75 -11.36 5.97 29.42
CA GLU B 75 -12.26 6.96 30.02
C GLU B 75 -13.70 6.80 29.55
N TRP B 76 -13.89 6.54 28.26
CA TRP B 76 -15.22 6.49 27.62
C TRP B 76 -15.35 5.18 26.87
N PRO B 77 -15.56 4.08 27.58
CA PRO B 77 -15.57 2.77 26.94
C PRO B 77 -16.81 2.56 26.11
N GLY B 78 -16.66 1.78 25.04
CA GLY B 78 -17.76 1.32 24.23
C GLY B 78 -18.02 2.11 22.98
N HIS B 79 -17.15 3.05 22.62
CA HIS B 79 -17.42 3.94 21.50
C HIS B 79 -16.46 3.77 20.34
N ASP B 80 -15.60 2.76 20.36
CA ASP B 80 -14.69 2.47 19.24
C ASP B 80 -13.90 3.71 18.85
N ILE B 81 -13.33 4.38 19.85
CA ILE B 81 -12.54 5.58 19.59
C ILE B 81 -11.23 5.19 18.93
N ARG B 82 -10.95 5.79 17.80
CA ARG B 82 -9.77 5.48 17.01
C ARG B 82 -8.97 6.77 16.82
N VAL B 83 -7.65 6.63 16.76
CA VAL B 83 -6.75 7.77 16.72
C VAL B 83 -5.86 7.63 15.49
N HIS B 84 -5.81 8.68 14.66
CA HIS B 84 -5.15 8.63 13.36
C HIS B 84 -4.17 9.78 13.22
N LEU B 85 -2.97 9.49 12.71
CA LEU B 85 -2.07 10.57 12.29
C LEU B 85 -2.54 11.15 10.97
N PHE B 86 -2.35 12.46 10.78
CA PHE B 86 -2.62 13.08 9.47
C PHE B 86 -1.68 14.27 9.30
N GLY B 87 -1.86 15.03 8.22
CA GLY B 87 -0.92 16.11 8.02
C GLY B 87 0.46 15.54 7.73
N SER B 88 1.50 16.28 8.17
CA SER B 88 2.87 15.87 7.91
CA SER B 88 2.86 15.86 7.89
C SER B 88 3.17 14.51 8.50
N SER B 89 2.52 14.17 9.62
CA SER B 89 2.73 12.86 10.25
C SER B 89 2.18 11.72 9.41
N GLY B 90 1.31 12.01 8.42
CA GLY B 90 0.71 10.97 7.59
C GLY B 90 0.93 11.10 6.08
N ASN B 91 1.60 12.17 5.63
CA ASN B 91 1.72 12.39 4.19
C ASN B 91 3.15 12.28 3.69
N LEU B 92 4.06 11.70 4.49
CA LEU B 92 5.46 11.40 4.13
C LEU B 92 6.33 12.65 4.13
N LEU B 93 5.84 13.78 4.61
CA LEU B 93 6.62 15.01 4.58
C LEU B 93 7.10 15.45 5.96
N CYS B 94 6.94 14.62 7.00
CA CYS B 94 7.33 15.11 8.32
C CYS B 94 8.84 14.95 8.57
N SER B 95 9.37 15.84 9.42
CA SER B 95 10.70 15.74 10.00
C SER B 95 10.59 15.46 11.49
N ASP B 96 11.74 15.17 12.12
CA ASP B 96 11.71 14.84 13.54
C ASP B 96 11.16 15.99 14.38
N ASP B 97 11.35 17.23 13.97
CA ASP B 97 10.81 18.34 14.76
C ASP B 97 9.41 18.79 14.30
N SER B 98 8.75 18.00 13.45
CA SER B 98 7.38 18.33 13.06
C SER B 98 6.40 17.97 14.18
N ASP B 99 5.46 18.87 14.44
CA ASP B 99 4.44 18.56 15.43
C ASP B 99 3.55 17.43 14.91
N VAL B 100 2.87 16.77 15.84
CA VAL B 100 1.99 15.65 15.51
C VAL B 100 0.58 16.18 15.31
N ASP B 101 -0.04 15.85 14.19
CA ASP B 101 -1.43 16.19 13.93
C ASP B 101 -2.23 14.91 14.03
N ILE B 102 -3.29 14.92 14.82
CA ILE B 102 -4.04 13.71 15.09
C ILE B 102 -5.53 13.98 14.88
N CYS B 103 -6.21 13.03 14.25
CA CYS B 103 -7.66 13.01 14.13
C CYS B 103 -8.23 11.84 14.93
N ILE B 104 -9.16 12.15 15.82
CA ILE B 104 -9.86 11.16 16.63
C ILE B 104 -11.22 10.91 16.01
N THR B 105 -11.50 9.65 15.69
CA THR B 105 -12.75 9.26 15.05
C THR B 105 -13.56 8.40 16.00
N THR B 106 -14.87 8.67 16.05
CA THR B 106 -15.84 7.82 16.72
C THR B 106 -17.23 8.19 16.22
N PRO B 107 -18.17 7.25 16.20
CA PRO B 107 -19.57 7.60 15.94
C PRO B 107 -20.23 8.30 17.10
N TRP B 108 -19.58 8.31 18.27
CA TRP B 108 -20.08 8.94 19.50
C TRP B 108 -19.80 10.44 19.42
N ARG B 109 -20.82 11.22 19.06
CA ARG B 109 -20.62 12.64 18.75
C ARG B 109 -20.33 13.46 20.00
N GLU B 110 -20.67 12.95 21.18
CA GLU B 110 -20.38 13.67 22.43
C GLU B 110 -18.90 13.88 22.63
N LEU B 111 -18.07 13.06 21.99
CA LEU B 111 -16.63 13.29 22.05
C LEU B 111 -16.20 14.54 21.29
N GLU B 112 -17.06 15.14 20.49
CA GLU B 112 -16.67 16.33 19.75
C GLU B 112 -16.63 17.55 20.69
N SER B 113 -16.32 17.31 21.95
CA SER B 113 -16.11 18.39 22.91
C SER B 113 -14.62 18.42 23.25
N VAL B 114 -13.88 19.28 22.54
CA VAL B 114 -12.44 19.23 22.71
C VAL B 114 -12.03 19.66 24.12
N CYS B 115 -12.84 20.47 24.81
CA CYS B 115 -12.42 20.84 26.16
C CYS B 115 -12.61 19.69 27.15
N MSE B 116 -13.55 18.78 26.89
CA MSE B 116 -13.64 17.59 27.73
C MSE B 116 -12.40 16.70 27.54
O MSE B 116 -11.90 16.07 28.47
CB MSE B 116 -14.91 16.79 27.41
CG MSE B 116 -15.14 15.51 28.17
SE MSE B 116 -16.79 14.64 27.41
CE MSE B 116 -16.25 14.63 25.57
N ILE B 117 -11.88 16.67 26.32
CA ILE B 117 -10.64 15.92 26.10
C ILE B 117 -9.46 16.63 26.80
N ALA B 118 -9.42 17.96 26.76
CA ALA B 118 -8.39 18.70 27.47
C ALA B 118 -8.37 18.32 28.96
N GLU B 119 -9.54 18.27 29.59
CA GLU B 119 -9.58 17.95 31.03
C GLU B 119 -8.97 16.57 31.26
N LEU B 120 -9.28 15.60 30.41
CA LEU B 120 -8.73 14.26 30.59
C LEU B 120 -7.21 14.25 30.44
N LEU B 121 -6.71 14.91 29.39
CA LEU B 121 -5.27 14.87 29.11
C LEU B 121 -4.49 15.60 30.19
N ASP B 122 -5.00 16.74 30.69
CA ASP B 122 -4.36 17.41 31.82
C ASP B 122 -4.35 16.50 33.03
N ARG B 123 -5.47 15.83 33.31
CA ARG B 123 -5.53 14.96 34.47
C ARG B 123 -4.50 13.84 34.39
N HIS B 124 -4.18 13.36 33.18
CA HIS B 124 -3.21 12.29 33.00
C HIS B 124 -1.82 12.79 32.61
N GLY B 125 -1.48 14.04 32.92
CA GLY B 125 -0.10 14.47 32.93
C GLY B 125 0.42 15.15 31.67
N MSE B 126 -0.43 15.37 30.67
CA MSE B 126 0.01 16.17 29.52
C MSE B 126 0.21 17.61 29.99
O MSE B 126 -0.33 18.03 31.01
CB MSE B 126 -1.00 16.08 28.38
CG MSE B 126 -1.23 14.64 27.88
SE MSE B 126 0.49 13.84 27.25
CE MSE B 126 1.22 13.09 28.92
N GLU B 127 1.04 18.35 29.26
CA GLU B 127 1.38 19.71 29.65
C GLU B 127 0.91 20.68 28.58
N LYS B 128 0.88 21.95 28.94
CA LYS B 128 0.47 23.03 28.05
C LYS B 128 -0.85 22.67 27.37
N VAL B 129 -1.79 22.15 28.15
CA VAL B 129 -3.04 21.67 27.58
C VAL B 129 -3.96 22.86 27.32
N VAL B 130 -4.35 23.06 26.06
CA VAL B 130 -5.34 24.09 25.74
C VAL B 130 -6.35 23.52 24.73
N CYS B 131 -7.58 24.06 24.77
CA CYS B 131 -8.60 23.73 23.79
C CYS B 131 -9.03 25.00 23.10
N VAL B 132 -9.38 24.87 21.83
CA VAL B 132 -9.80 25.96 20.96
C VAL B 132 -11.15 25.55 20.42
N SER B 133 -12.22 25.86 21.14
CA SER B 133 -13.52 25.35 20.77
C SER B 133 -14.26 26.20 19.74
N SER B 134 -13.77 27.41 19.44
CA SER B 134 -14.45 28.27 18.48
C SER B 134 -13.83 28.26 17.08
N ALA B 135 -12.74 27.52 16.86
CA ALA B 135 -12.14 27.45 15.54
C ALA B 135 -13.07 26.71 14.58
N LYS B 136 -12.86 26.93 13.27
CA LYS B 136 -13.62 26.19 12.29
C LYS B 136 -13.49 24.69 12.54
N VAL B 137 -12.28 24.25 12.86
CA VAL B 137 -12.05 22.89 13.32
C VAL B 137 -11.60 22.98 14.77
N PRO B 138 -12.43 22.65 15.74
CA PRO B 138 -11.99 22.76 17.14
C PRO B 138 -10.85 21.80 17.40
N ILE B 139 -9.89 22.22 18.24
CA ILE B 139 -8.76 21.37 18.58
C ILE B 139 -8.39 21.45 20.05
N VAL B 140 -7.64 20.43 20.48
CA VAL B 140 -6.92 20.38 21.74
C VAL B 140 -5.44 20.33 21.40
N LYS B 141 -4.63 21.11 22.10
CA LYS B 141 -3.18 21.05 21.90
C LYS B 141 -2.54 20.58 23.19
N ILE B 142 -1.48 19.80 23.07
CA ILE B 142 -0.74 19.32 24.23
C ILE B 142 0.74 19.29 23.92
N TRP B 143 1.51 19.20 25.00
CA TRP B 143 2.91 18.81 24.97
C TRP B 143 3.03 17.55 25.82
N ASP B 144 3.45 16.46 25.20
CA ASP B 144 3.70 15.22 25.94
C ASP B 144 5.13 15.30 26.45
N PRO B 145 5.35 15.45 27.76
CA PRO B 145 6.73 15.60 28.24
C PRO B 145 7.50 14.28 28.27
N GLU B 146 6.81 13.15 28.22
CA GLU B 146 7.49 11.86 28.15
C GLU B 146 8.03 11.61 26.75
N LEU B 147 7.16 11.68 25.74
CA LEU B 147 7.59 11.45 24.37
C LEU B 147 8.23 12.67 23.72
N LYS B 148 8.15 13.84 24.36
CA LYS B 148 8.69 15.09 23.83
C LYS B 148 8.09 15.43 22.46
N LEU B 149 6.77 15.40 22.38
CA LEU B 149 6.05 15.77 21.16
C LEU B 149 4.99 16.81 21.45
N ALA B 150 4.85 17.76 20.53
CA ALA B 150 3.70 18.65 20.50
C ALA B 150 2.64 18.01 19.61
N CYS B 151 1.37 18.10 20.01
CA CYS B 151 0.29 17.44 19.28
C CYS B 151 -0.95 18.34 19.25
N ASP B 152 -1.51 18.52 18.06
CA ASP B 152 -2.83 19.12 17.83
C ASP B 152 -3.79 18.01 17.42
N MSE B 153 -4.95 17.98 18.06
CA MSE B 153 -5.94 16.90 17.88
C MSE B 153 -7.28 17.46 17.47
O MSE B 153 -7.75 18.39 18.09
CB MSE B 153 -6.17 16.13 19.19
CG MSE B 153 -5.40 14.93 19.47
SE MSE B 153 -5.52 14.81 21.45
CE MSE B 153 -3.91 15.85 21.79
N ASN B 154 -7.96 16.89 16.49
CA ASN B 154 -9.36 17.24 16.29
C ASN B 154 -10.19 15.98 16.42
N VAL B 155 -11.52 16.13 16.44
CA VAL B 155 -12.43 14.99 16.54
C VAL B 155 -13.31 14.94 15.28
N ASN B 156 -13.16 13.85 14.51
CA ASN B 156 -14.10 13.50 13.42
C ASN B 156 -14.02 14.44 12.22
N ASN B 157 -12.89 15.12 12.02
CA ASN B 157 -12.70 15.90 10.80
C ASN B 157 -12.09 15.00 9.72
N THR B 158 -12.96 14.18 9.13
CA THR B 158 -12.48 13.17 8.18
C THR B 158 -11.96 13.80 6.90
N LEU B 159 -12.38 15.03 6.58
CA LEU B 159 -11.83 15.76 5.43
C LEU B 159 -10.31 15.85 5.47
N ALA B 160 -9.74 16.12 6.65
CA ALA B 160 -8.29 16.22 6.74
C ALA B 160 -7.60 14.88 6.50
N LEU B 161 -8.26 13.78 6.83
CA LEU B 161 -7.66 12.48 6.54
C LEU B 161 -7.59 12.24 5.04
N GLU B 162 -8.60 12.70 4.31
CA GLU B 162 -8.61 12.47 2.86
C GLU B 162 -7.65 13.39 2.14
N ASN B 163 -7.53 14.67 2.54
CA ASN B 163 -6.55 15.43 1.79
C ASN B 163 -5.14 15.06 2.22
N THR B 164 -4.96 14.48 3.41
CA THR B 164 -3.67 13.91 3.73
C THR B 164 -3.39 12.71 2.81
N ARG B 165 -4.37 11.82 2.63
CA ARG B 165 -4.20 10.70 1.70
C ARG B 165 -3.96 11.19 0.28
N MSE B 166 -4.58 12.29 -0.12
CA MSE B 166 -4.27 12.83 -1.43
C MSE B 166 -2.82 13.30 -1.53
O MSE B 166 -2.15 13.02 -2.54
CB MSE B 166 -5.22 13.98 -1.78
CG MSE B 166 -4.96 14.58 -3.13
SE MSE B 166 -5.53 16.50 -3.22
CE MSE B 166 -4.29 17.26 -1.86
N VAL B 167 -2.33 14.06 -0.54
CA VAL B 167 -0.94 14.52 -0.59
C VAL B 167 0.02 13.32 -0.56
N ARG B 168 -0.24 12.36 0.31
CA ARG B 168 0.56 11.15 0.33
C ARG B 168 0.63 10.48 -1.05
N THR B 169 -0.50 10.45 -1.76
CA THR B 169 -0.53 9.85 -3.11
C THR B 169 0.34 10.64 -4.08
N TYR B 170 0.20 11.98 -4.08
CA TYR B 170 1.10 12.79 -4.91
C TYR B 170 2.57 12.54 -4.57
N VAL B 171 2.91 12.47 -3.28
CA VAL B 171 4.30 12.23 -2.91
C VAL B 171 4.75 10.87 -3.42
N SER B 172 3.83 9.92 -3.51
CA SER B 172 4.20 8.57 -3.92
C SER B 172 4.41 8.42 -5.42
N ILE B 173 4.02 9.41 -6.23
CA ILE B 173 3.94 9.24 -7.69
C ILE B 173 5.31 9.41 -8.36
N ASP B 174 6.13 10.34 -7.89
CA ASP B 174 7.43 10.67 -8.48
C ASP B 174 8.45 10.87 -7.36
N ASP B 175 9.66 10.27 -7.47
CA ASP B 175 10.56 10.29 -6.33
CA ASP B 175 10.56 10.29 -6.33
C ASP B 175 11.23 11.65 -6.10
N ARG B 176 11.04 12.61 -6.99
CA ARG B 176 11.55 13.96 -6.75
C ARG B 176 10.64 14.76 -5.82
N VAL B 177 9.40 14.31 -5.60
CA VAL B 177 8.43 15.16 -4.90
C VAL B 177 8.79 15.26 -3.42
N ARG B 178 9.08 14.14 -2.78
CA ARG B 178 9.37 14.17 -1.34
C ARG B 178 10.56 15.07 -1.01
N PRO B 179 11.75 14.95 -1.64
CA PRO B 179 12.82 15.88 -1.30
C PRO B 179 12.52 17.32 -1.67
N LEU B 180 11.95 17.56 -2.85
CA LEU B 180 11.59 18.92 -3.23
C LEU B 180 10.65 19.56 -2.22
N ALA B 181 9.60 18.84 -1.86
CA ALA B 181 8.60 19.40 -0.96
C ALA B 181 9.15 19.55 0.45
N MSE B 182 9.99 18.63 0.91
CA MSE B 182 10.57 18.77 2.26
C MSE B 182 11.53 19.94 2.34
O MSE B 182 11.61 20.64 3.36
CB MSE B 182 11.25 17.48 2.72
CG MSE B 182 10.21 16.47 3.15
SE MSE B 182 10.98 14.80 3.76
CE MSE B 182 11.58 15.38 5.54
N ILE B 183 12.26 20.18 1.26
CA ILE B 183 13.20 21.30 1.26
C ILE B 183 12.44 22.62 1.21
N ILE B 184 11.40 22.72 0.37
CA ILE B 184 10.61 23.95 0.32
C ILE B 184 9.94 24.21 1.66
N LYS B 185 9.39 23.16 2.28
CA LYS B 185 8.78 23.33 3.59
C LYS B 185 9.79 23.84 4.62
N TYR B 186 11.01 23.27 4.59
CA TYR B 186 12.07 23.77 5.46
C TYR B 186 12.35 25.24 5.21
N TRP B 187 12.41 25.65 3.94
CA TRP B 187 12.51 27.07 3.62
C TRP B 187 11.37 27.89 4.23
N THR B 188 10.12 27.36 4.19
CA THR B 188 8.98 28.11 4.74
C THR B 188 9.11 28.26 6.24
N ARG B 189 9.62 27.21 6.92
CA ARG B 189 9.83 27.31 8.35
CA ARG B 189 9.91 27.23 8.36
C ARG B 189 10.97 28.27 8.69
N ARG B 190 12.07 28.22 7.96
CA ARG B 190 13.20 29.07 8.30
C ARG B 190 12.89 30.55 8.03
N ARG B 191 12.15 30.83 6.96
CA ARG B 191 11.73 32.19 6.65
C ARG B 191 10.47 32.58 7.42
N VAL B 192 9.89 31.65 8.18
CA VAL B 192 8.67 31.90 8.95
C VAL B 192 7.61 32.53 8.05
N VAL B 193 7.28 31.86 6.95
CA VAL B 193 6.15 32.22 6.10
C VAL B 193 5.11 31.08 6.08
N ASN B 194 5.10 30.25 7.14
CA ASN B 194 4.23 29.08 7.24
C ASN B 194 3.24 29.20 8.39
N ASP B 195 2.73 30.41 8.67
CA ASP B 195 1.96 30.64 9.91
C ASP B 195 0.66 31.38 9.55
N ALA B 196 -0.32 30.64 9.08
CA ALA B 196 -1.59 31.25 8.69
C ALA B 196 -2.42 31.71 9.89
N ALA B 197 -2.21 31.14 11.07
CA ALA B 197 -3.11 31.44 12.18
C ALA B 197 -2.73 32.73 12.87
N PHE B 198 -1.44 33.01 13.00
CA PHE B 198 -0.99 34.16 13.75
C PHE B 198 -0.10 35.11 12.97
N GLY B 199 0.52 34.67 11.89
CA GLY B 199 1.51 35.50 11.24
C GLY B 199 1.00 36.20 10.00
N GLY B 200 -0.20 35.84 9.56
CA GLY B 200 -0.72 36.34 8.29
C GLY B 200 -0.04 35.78 7.06
N THR B 201 0.63 34.64 7.16
CA THR B 201 1.22 34.07 5.96
C THR B 201 0.41 32.82 5.57
N LEU B 202 1.05 31.75 5.10
CA LEU B 202 0.33 30.64 4.45
C LEU B 202 0.53 29.33 5.21
N SER B 203 -0.52 28.52 5.27
CA SER B 203 -0.42 27.26 6.00
C SER B 203 0.45 26.28 5.23
N SER B 204 0.94 25.25 5.92
CA SER B 204 1.76 24.26 5.23
C SER B 204 0.97 23.56 4.12
N TYR B 205 -0.32 23.32 4.35
CA TYR B 205 -1.15 22.73 3.29
C TYR B 205 -1.23 23.66 2.08
N THR B 206 -1.29 24.98 2.29
CA THR B 206 -1.30 25.89 1.16
C THR B 206 -0.01 25.78 0.37
N TRP B 207 1.14 25.73 1.07
CA TRP B 207 2.43 25.61 0.39
C TRP B 207 2.51 24.30 -0.41
N ILE B 208 2.03 23.22 0.18
CA ILE B 208 2.04 21.93 -0.53
C ILE B 208 1.19 21.99 -1.80
N CYS B 209 0.01 22.64 -1.72
CA CYS B 209 -0.81 22.79 -2.93
C CYS B 209 -0.07 23.60 -3.98
N MSE B 210 0.65 24.64 -3.55
CA MSE B 210 1.41 25.43 -4.53
C MSE B 210 2.55 24.61 -5.14
O MSE B 210 2.88 24.79 -6.33
CB MSE B 210 1.96 26.70 -3.85
CG MSE B 210 0.85 27.71 -3.52
SE MSE B 210 1.57 29.12 -2.30
CE MSE B 210 2.65 30.11 -3.57
N ILE B 211 3.17 23.75 -4.34
CA ILE B 211 4.22 22.90 -4.90
C ILE B 211 3.61 21.94 -5.93
N ILE B 212 2.52 21.28 -5.57
CA ILE B 212 1.89 20.35 -6.50
C ILE B 212 1.39 21.08 -7.74
N ALA B 213 0.76 22.25 -7.56
CA ALA B 213 0.25 22.97 -8.74
C ALA B 213 1.38 23.28 -9.70
N PHE B 214 2.52 23.70 -9.15
CA PHE B 214 3.70 23.98 -9.95
C PHE B 214 4.14 22.74 -10.72
N LEU B 215 4.21 21.59 -10.03
CA LEU B 215 4.62 20.35 -10.69
C LEU B 215 3.62 19.88 -11.74
N GLN B 216 2.32 20.14 -11.55
CA GLN B 216 1.35 19.78 -12.59
C GLN B 216 1.50 20.64 -13.84
N LEU B 217 2.04 21.83 -13.69
CA LEU B 217 2.11 22.80 -14.77
C LEU B 217 3.43 22.75 -15.56
N ARG B 218 4.40 21.95 -15.13
CA ARG B 218 5.62 21.77 -15.91
C ARG B 218 5.30 21.10 -17.24
N ASP B 219 6.18 21.31 -18.20
CA ASP B 219 6.04 20.69 -19.52
C ASP B 219 7.27 19.84 -19.81
N PRO B 220 7.19 18.49 -19.76
CA PRO B 220 6.03 17.65 -19.40
C PRO B 220 5.76 17.76 -17.91
N PRO B 221 4.55 17.42 -17.47
CA PRO B 221 4.23 17.52 -16.04
C PRO B 221 4.97 16.47 -15.22
N VAL B 222 5.31 16.85 -13.99
CA VAL B 222 5.85 15.89 -13.05
C VAL B 222 4.71 15.13 -12.37
N LEU B 223 3.57 15.78 -12.16
CA LEU B 223 2.45 15.20 -11.45
C LEU B 223 1.17 15.41 -12.25
N PRO B 224 0.25 14.46 -12.17
CA PRO B 224 -1.01 14.58 -12.91
C PRO B 224 -2.03 15.32 -12.08
N ALA B 225 -3.23 15.54 -12.60
CA ALA B 225 -4.33 16.09 -11.80
C ALA B 225 -5.14 14.91 -11.30
N LEU B 226 -4.88 14.47 -10.06
CA LEU B 226 -5.49 13.22 -9.60
C LEU B 226 -7.01 13.29 -9.60
N HIS B 227 -7.59 14.45 -9.25
CA HIS B 227 -9.04 14.54 -9.24
C HIS B 227 -9.66 14.36 -10.62
N GLN B 228 -8.90 14.54 -11.71
CA GLN B 228 -9.45 14.40 -13.06
C GLN B 228 -9.19 13.05 -13.69
N GLN B 229 -8.32 12.22 -13.10
CA GLN B 229 -7.94 10.92 -13.66
C GLN B 229 -8.95 9.86 -13.24
N HIS B 230 -10.13 9.93 -13.84
CA HIS B 230 -11.26 9.13 -13.36
C HIS B 230 -10.99 7.63 -13.47
N ASP B 231 -10.25 7.20 -14.49
CA ASP B 231 -10.06 5.77 -14.70
C ASP B 231 -9.10 5.16 -13.69
N LEU B 232 -8.43 5.97 -12.88
CA LEU B 232 -7.48 5.46 -11.90
C LEU B 232 -7.99 5.58 -10.47
N LYS B 233 -9.28 5.84 -10.30
CA LYS B 233 -9.90 5.93 -8.98
C LYS B 233 -10.37 4.58 -8.48
N LEU B 234 -10.02 4.26 -7.24
CA LEU B 234 -10.43 3.01 -6.61
C LEU B 234 -11.65 3.22 -5.72
N VAL B 235 -12.41 2.14 -5.55
CA VAL B 235 -13.50 2.14 -4.56
C VAL B 235 -12.90 2.11 -3.16
N LYS B 236 -13.34 3.04 -2.32
CA LYS B 236 -12.84 3.14 -0.96
C LYS B 236 -13.51 2.10 -0.07
N GLN B 237 -13.03 2.03 1.17
CA GLN B 237 -13.55 1.05 2.12
C GLN B 237 -15.02 1.30 2.46
N ASP B 238 -15.54 2.50 2.20
CA ASP B 238 -16.95 2.79 2.48
C ASP B 238 -17.86 2.57 1.27
N GLY B 239 -17.34 1.98 0.20
CA GLY B 239 -18.12 1.69 -0.98
C GLY B 239 -18.19 2.78 -2.02
N ALA B 240 -17.71 4.00 -1.73
CA ALA B 240 -17.74 5.06 -2.71
C ALA B 240 -16.41 5.14 -3.45
N LEU B 241 -16.48 5.60 -4.70
CA LEU B 241 -15.29 5.89 -5.48
C LEU B 241 -14.46 7.00 -4.83
N SER B 242 -13.14 6.84 -4.84
CA SER B 242 -12.27 7.92 -4.37
C SER B 242 -12.52 9.20 -5.16
N ASP B 243 -12.47 10.34 -4.48
CA ASP B 243 -12.55 11.63 -5.17
C ASP B 243 -11.36 11.87 -6.08
N PHE B 244 -10.25 11.17 -5.89
CA PHE B 244 -9.04 11.47 -6.62
C PHE B 244 -8.40 10.15 -7.01
N ALA B 245 -7.69 10.11 -8.13
CA ALA B 245 -7.08 8.85 -8.54
C ALA B 245 -6.07 8.40 -7.48
N ASP B 246 -6.07 7.10 -7.14
CA ASP B 246 -5.24 6.65 -6.03
C ASP B 246 -4.69 5.24 -6.25
N ASP B 247 -4.72 4.73 -7.47
CA ASP B 247 -4.15 3.42 -7.77
C ASP B 247 -2.64 3.64 -7.97
N ILE B 248 -1.90 3.61 -6.85
CA ILE B 248 -0.54 4.14 -6.86
C ILE B 248 0.37 3.37 -7.81
N PRO B 249 0.33 2.02 -7.88
CA PRO B 249 1.23 1.34 -8.84
C PRO B 249 1.01 1.77 -10.28
N LYS B 250 -0.23 2.08 -10.67
CA LYS B 250 -0.52 2.55 -12.01
C LYS B 250 -0.13 4.00 -12.22
N LEU B 251 -0.07 4.80 -11.15
CA LEU B 251 0.31 6.20 -11.24
C LEU B 251 1.82 6.40 -11.25
N ARG B 252 2.55 5.56 -10.49
CA ARG B 252 4.01 5.69 -10.41
C ARG B 252 4.59 5.87 -11.80
N GLY B 253 5.57 6.76 -11.91
CA GLY B 253 6.22 7.00 -13.19
C GLY B 253 5.52 7.98 -14.11
N PHE B 254 4.36 8.50 -13.72
CA PHE B 254 3.67 9.48 -14.56
C PHE B 254 4.59 10.62 -14.98
N GLY B 255 5.45 11.08 -14.07
CA GLY B 255 6.31 12.21 -14.32
C GLY B 255 7.65 11.90 -14.92
N ALA B 256 7.91 10.65 -15.32
CA ALA B 256 9.24 10.29 -15.78
C ALA B 256 9.61 10.96 -17.10
N LYS B 257 8.62 11.40 -17.89
CA LYS B 257 8.95 12.14 -19.11
C LYS B 257 9.61 13.49 -18.80
N ASN B 258 9.38 14.05 -17.61
CA ASN B 258 10.09 15.26 -17.24
C ASN B 258 11.45 14.88 -16.66
N LYS B 259 12.53 15.36 -17.27
CA LYS B 259 13.88 14.91 -16.98
C LYS B 259 14.65 15.87 -16.08
N ASP B 260 14.02 16.90 -15.56
CA ASP B 260 14.77 17.89 -14.82
C ASP B 260 15.13 17.40 -13.42
N SER B 261 16.32 17.78 -12.96
CA SER B 261 16.80 17.36 -11.66
C SER B 261 16.11 18.12 -10.54
N LEU B 262 16.28 17.60 -9.33
CA LEU B 262 15.85 18.31 -8.11
C LEU B 262 16.35 19.75 -8.09
N ALA B 263 17.60 19.96 -8.49
CA ALA B 263 18.14 21.32 -8.46
C ALA B 263 17.37 22.23 -9.40
N VAL B 264 17.08 21.75 -10.61
CA VAL B 264 16.37 22.56 -11.58
C VAL B 264 14.92 22.81 -11.12
N LEU B 265 14.28 21.80 -10.50
CA LEU B 265 12.91 21.98 -10.04
C LEU B 265 12.81 23.02 -8.93
N LEU B 266 13.78 23.05 -8.00
CA LEU B 266 13.74 24.07 -6.95
C LEU B 266 13.93 25.45 -7.55
N PHE B 267 14.91 25.59 -8.44
CA PHE B 267 15.11 26.83 -9.17
C PHE B 267 13.85 27.23 -9.92
N GLN B 268 13.22 26.28 -10.60
CA GLN B 268 12.01 26.59 -11.37
C GLN B 268 10.81 26.87 -10.47
N PHE B 269 10.71 26.20 -9.33
CA PHE B 269 9.64 26.54 -8.38
C PHE B 269 9.71 28.02 -8.01
N PHE B 270 10.89 28.47 -7.57
CA PHE B 270 11.01 29.86 -7.17
C PHE B 270 10.89 30.80 -8.37
N ARG B 271 11.40 30.41 -9.53
CA ARG B 271 11.23 31.24 -10.73
C ARG B 271 9.75 31.42 -11.07
N PHE B 272 8.99 30.33 -11.02
CA PHE B 272 7.56 30.36 -11.32
C PHE B 272 6.84 31.34 -10.41
N TYR B 273 7.00 31.17 -9.10
CA TYR B 273 6.27 32.03 -8.19
C TYR B 273 6.93 33.41 -8.00
N ALA B 274 8.21 33.57 -8.31
CA ALA B 274 8.83 34.90 -8.25
C ALA B 274 8.44 35.78 -9.42
N HIS B 275 8.40 35.21 -10.65
CA HIS B 275 8.28 36.01 -11.88
C HIS B 275 7.29 35.49 -12.92
N GLU B 276 7.08 34.18 -13.05
CA GLU B 276 6.29 33.71 -14.19
C GLU B 276 4.79 33.80 -13.93
N PHE B 277 4.35 33.49 -12.72
CA PHE B 277 2.94 33.31 -12.43
C PHE B 277 2.25 34.65 -12.22
N ASP B 278 1.11 34.82 -12.89
CA ASP B 278 0.33 36.06 -12.82
C ASP B 278 -0.67 35.97 -11.68
N TYR B 279 -0.25 36.44 -10.49
CA TYR B 279 -1.09 36.34 -9.30
C TYR B 279 -2.39 37.09 -9.44
N ASP B 280 -2.40 38.15 -10.25
CA ASP B 280 -3.60 38.99 -10.35
C ASP B 280 -4.70 38.27 -11.12
N LYS B 281 -4.33 37.50 -12.14
CA LYS B 281 -5.34 36.95 -13.04
C LYS B 281 -5.80 35.55 -12.64
N TYR B 282 -4.94 34.73 -12.05
CA TYR B 282 -5.13 33.29 -12.00
C TYR B 282 -5.31 32.74 -10.60
N THR B 283 -5.95 31.58 -10.58
CA THR B 283 -6.11 30.74 -9.42
C THR B 283 -5.36 29.44 -9.70
N LEU B 284 -4.60 28.98 -8.73
CA LEU B 284 -3.95 27.68 -8.82
C LEU B 284 -4.90 26.59 -8.33
N SER B 285 -5.06 25.53 -9.12
CA SER B 285 -6.03 24.48 -8.80
C SER B 285 -5.38 23.11 -9.04
N ILE B 286 -4.96 22.45 -7.96
CA ILE B 286 -4.45 21.08 -8.14
C ILE B 286 -5.59 20.11 -8.39
N ARG B 287 -6.82 20.50 -8.05
CA ARG B 287 -7.98 19.72 -8.49
C ARG B 287 -8.01 19.60 -10.01
N MSE B 288 -7.85 20.72 -10.70
CA MSE B 288 -7.90 20.73 -12.17
C MSE B 288 -6.57 20.42 -12.83
O MSE B 288 -6.55 19.86 -13.93
CB MSE B 288 -8.38 22.10 -12.66
CG MSE B 288 -9.83 22.36 -12.35
SE MSE B 288 -11.00 21.06 -13.28
CE MSE B 288 -10.43 21.31 -15.14
N GLY B 289 -5.44 20.78 -12.21
CA GLY B 289 -4.17 20.63 -12.89
C GLY B 289 -3.94 21.61 -14.03
N THR B 290 -4.81 22.59 -14.20
CA THR B 290 -4.60 23.68 -15.14
C THR B 290 -4.93 24.95 -14.39
N LEU B 291 -4.49 26.09 -14.92
CA LEU B 291 -4.83 27.35 -14.28
C LEU B 291 -6.30 27.67 -14.49
N LEU B 292 -6.95 28.23 -13.48
CA LEU B 292 -8.25 28.87 -13.63
C LEU B 292 -8.09 30.37 -13.44
N THR B 293 -8.98 31.16 -14.06
CA THR B 293 -8.97 32.60 -13.75
C THR B 293 -9.73 32.85 -12.45
N LYS B 294 -9.35 33.91 -11.75
CA LYS B 294 -10.19 34.32 -10.63
C LYS B 294 -11.61 34.63 -11.11
N ALA B 295 -11.73 35.26 -12.30
CA ALA B 295 -13.05 35.69 -12.77
C ALA B 295 -14.00 34.51 -13.01
N GLU B 296 -13.47 33.38 -13.45
CA GLU B 296 -14.41 32.29 -13.70
C GLU B 296 -14.92 31.65 -12.42
N LYS B 297 -14.24 31.90 -11.31
CA LYS B 297 -14.73 31.47 -10.00
C LYS B 297 -15.44 32.57 -9.22
N ASN B 298 -15.62 33.75 -9.82
CA ASN B 298 -16.08 34.94 -9.11
C ASN B 298 -15.13 35.38 -7.99
N TRP B 299 -13.86 35.02 -8.04
CA TRP B 299 -12.95 35.36 -6.97
C TRP B 299 -12.32 36.75 -7.12
N GLN B 300 -12.66 37.50 -8.17
CA GLN B 300 -12.21 38.89 -8.17
C GLN B 300 -12.90 39.69 -7.08
N TYR B 301 -13.96 39.14 -6.47
CA TYR B 301 -14.67 39.82 -5.39
C TYR B 301 -14.22 39.35 -4.01
N LEU B 302 -13.38 38.34 -3.94
CA LEU B 302 -13.03 37.72 -2.67
C LEU B 302 -12.12 38.65 -1.87
N VAL B 303 -12.42 38.83 -0.57
CA VAL B 303 -11.49 39.54 0.31
C VAL B 303 -10.28 38.65 0.54
N ASN B 304 -9.09 39.24 0.42
CA ASN B 304 -7.83 38.51 0.47
C ASN B 304 -7.78 37.51 -0.69
N ASN B 305 -7.69 38.08 -1.87
CA ASN B 305 -7.58 37.30 -3.09
C ASN B 305 -6.28 37.61 -3.82
N ALA B 306 -5.32 38.27 -3.18
CA ALA B 306 -4.06 38.54 -3.87
C ALA B 306 -3.44 37.24 -4.34
N LEU B 307 -3.45 36.24 -3.48
CA LEU B 307 -3.07 34.87 -3.84
C LEU B 307 -4.31 33.97 -3.79
N CYS B 308 -4.62 33.29 -4.89
CA CYS B 308 -5.75 32.38 -4.96
C CYS B 308 -5.25 30.95 -5.18
N VAL B 309 -5.48 30.11 -4.19
CA VAL B 309 -5.07 28.70 -4.21
C VAL B 309 -6.29 27.90 -3.81
N GLU B 310 -6.90 27.24 -4.79
CA GLU B 310 -8.18 26.56 -4.58
C GLU B 310 -7.99 25.29 -3.74
N GLU B 311 -8.74 25.17 -2.65
CA GLU B 311 -8.71 23.92 -1.93
C GLU B 311 -9.33 22.83 -2.80
N PRO B 312 -8.66 21.70 -3.00
CA PRO B 312 -9.11 20.72 -4.02
C PRO B 312 -10.41 20.02 -3.66
N PHE B 313 -10.73 19.90 -2.38
CA PHE B 313 -11.96 19.20 -2.03
C PHE B 313 -13.15 20.14 -1.82
N ASN B 314 -12.90 21.42 -1.55
CA ASN B 314 -13.96 22.42 -1.39
C ASN B 314 -13.56 23.62 -2.25
N ASP B 315 -13.98 23.61 -3.50
CA ASP B 315 -13.44 24.60 -4.44
C ASP B 315 -14.02 25.99 -4.22
N GLY B 316 -14.98 26.14 -3.30
CA GLY B 316 -15.36 27.47 -2.92
C GLY B 316 -14.41 28.13 -1.94
N ARG B 317 -13.33 27.46 -1.52
CA ARG B 317 -12.45 27.97 -0.47
C ARG B 317 -11.07 28.29 -1.03
N ASN B 318 -10.59 29.49 -0.71
CA ASN B 318 -9.27 29.94 -1.14
C ASN B 318 -8.29 29.73 0.02
N LEU B 319 -7.31 28.84 -0.17
CA LEU B 319 -6.31 28.63 0.85
C LEU B 319 -5.43 29.86 1.07
N GLY B 320 -5.33 30.74 0.08
CA GLY B 320 -4.56 31.96 0.22
C GLY B 320 -5.25 33.06 1.00
N ASN B 321 -6.44 32.78 1.56
CA ASN B 321 -7.19 33.89 2.17
C ASN B 321 -6.55 34.43 3.44
N THR B 322 -5.54 33.77 4.00
CA THR B 322 -4.89 34.27 5.20
C THR B 322 -3.89 35.40 4.92
N ALA B 323 -3.60 35.71 3.65
CA ALA B 323 -2.62 36.73 3.30
C ALA B 323 -3.33 37.97 2.77
N ASP B 324 -3.30 39.06 3.53
CA ASP B 324 -3.85 40.30 3.00
C ASP B 324 -2.85 40.92 2.00
N GLU B 325 -3.17 42.13 1.53
CA GLU B 325 -2.37 42.74 0.47
C GLU B 325 -0.93 42.98 0.92
N THR B 326 -0.74 43.45 2.16
CA THR B 326 0.60 43.66 2.68
C THR B 326 1.33 42.34 2.84
N SER B 327 0.68 41.35 3.44
CA SER B 327 1.33 40.05 3.59
C SER B 327 1.71 39.47 2.24
N PHE B 328 0.82 39.59 1.25
CA PHE B 328 1.14 39.04 -0.06
C PHE B 328 2.35 39.73 -0.66
N ARG B 329 2.44 41.06 -0.50
CA ARG B 329 3.61 41.76 -0.99
C ARG B 329 4.89 41.19 -0.40
N GLY B 330 4.89 40.94 0.92
CA GLY B 330 6.08 40.41 1.56
C GLY B 330 6.38 38.98 1.15
N LEU B 331 5.33 38.17 1.00
CA LEU B 331 5.52 36.81 0.48
C LEU B 331 6.16 36.84 -0.89
N HIS B 332 5.65 37.72 -1.75
CA HIS B 332 6.18 37.78 -3.11
C HIS B 332 7.64 38.21 -3.09
N MSE B 333 7.96 39.18 -2.23
CA MSE B 333 9.36 39.56 -2.01
C MSE B 333 10.20 38.39 -1.49
O MSE B 333 11.31 38.19 -1.97
CB MSE B 333 9.43 40.72 -1.03
CG MSE B 333 8.83 42.01 -1.56
SE MSE B 333 9.06 43.38 -0.16
CE MSE B 333 7.30 43.45 0.59
N GLU B 334 9.67 37.59 -0.56
CA GLU B 334 10.40 36.40 -0.12
C GLU B 334 10.61 35.41 -1.27
N LEU B 335 9.60 35.24 -2.14
CA LEU B 335 9.77 34.32 -3.26
C LEU B 335 10.82 34.85 -4.26
N ARG B 336 10.87 36.16 -4.47
CA ARG B 336 11.90 36.70 -5.35
C ARG B 336 13.28 36.63 -4.71
N ARG B 337 13.36 36.92 -3.41
CA ARG B 337 14.60 36.75 -2.67
C ARG B 337 15.13 35.33 -2.82
N ALA B 338 14.25 34.34 -2.62
CA ALA B 338 14.64 32.93 -2.77
C ALA B 338 15.10 32.64 -4.19
N PHE B 339 14.36 33.14 -5.19
CA PHE B 339 14.78 32.93 -6.57
C PHE B 339 16.19 33.47 -6.81
N ASP B 340 16.44 34.72 -6.41
CA ASP B 340 17.76 35.31 -6.65
C ASP B 340 18.87 34.48 -6.00
N LEU B 341 18.59 33.90 -4.84
CA LEU B 341 19.64 33.17 -4.15
C LEU B 341 19.81 31.78 -4.72
N ILE B 342 18.70 31.11 -5.06
CA ILE B 342 18.79 29.77 -5.64
C ILE B 342 19.36 29.83 -7.06
N ALA B 343 19.09 30.93 -7.79
CA ALA B 343 19.69 31.10 -9.10
C ALA B 343 21.21 31.02 -9.03
N GLU B 344 21.79 31.46 -7.92
CA GLU B 344 23.23 31.34 -7.71
C GLU B 344 23.61 30.14 -6.86
N GLY B 345 22.68 29.23 -6.61
CA GLY B 345 22.98 28.03 -5.85
C GLY B 345 23.14 28.24 -4.36
N LYS B 346 22.72 29.40 -3.84
CA LYS B 346 23.00 29.78 -2.45
C LYS B 346 21.88 29.26 -1.54
N LEU B 347 21.91 27.95 -1.33
CA LEU B 347 20.84 27.30 -0.58
C LEU B 347 20.90 27.68 0.90
N GLU B 348 22.09 27.73 1.48
CA GLU B 348 22.21 28.11 2.88
C GLU B 348 21.65 29.51 3.11
N GLU B 349 22.06 30.49 2.29
CA GLU B 349 21.53 31.84 2.48
C GLU B 349 20.03 31.89 2.22
N CYS B 350 19.54 31.13 1.23
CA CYS B 350 18.12 31.09 0.95
C CYS B 350 17.32 30.72 2.19
N CYS B 351 17.86 29.81 3.00
CA CYS B 351 17.20 29.28 4.19
C CYS B 351 17.66 29.95 5.50
N GLU B 352 18.22 31.17 5.43
CA GLU B 352 18.59 31.90 6.64
C GLU B 352 17.39 32.02 7.56
N GLN B 353 17.62 31.89 8.86
CA GLN B 353 16.52 31.90 9.83
C GLN B 353 16.06 33.32 10.09
N TYR B 354 14.82 33.61 9.73
CA TYR B 354 14.20 34.89 10.07
C TYR B 354 13.95 34.95 11.57
N VAL B 355 14.32 36.07 12.19
CA VAL B 355 13.99 36.37 13.57
C VAL B 355 13.12 37.62 13.61
N PHE B 356 12.09 37.61 14.43
CA PHE B 356 11.25 38.77 14.60
C PHE B 356 12.02 39.88 15.29
N PRO B 357 11.76 41.13 14.94
CA PRO B 357 12.36 42.24 15.67
C PRO B 357 11.90 42.27 17.12
N LYS B 358 12.65 43.01 17.94
CA LYS B 358 12.36 43.14 19.38
C LYS B 358 11.52 44.37 19.69
N SER C 7 21.06 -35.83 -22.73
CA SER C 7 19.80 -36.57 -22.78
C SER C 7 19.45 -36.98 -24.21
N ARG C 8 19.42 -38.28 -24.46
CA ARG C 8 19.04 -38.83 -25.75
C ARG C 8 17.80 -39.70 -25.57
N ARG C 9 16.71 -39.33 -26.24
CA ARG C 9 15.48 -40.11 -26.13
C ARG C 9 15.70 -41.54 -26.57
N ARG C 10 15.41 -42.49 -25.69
CA ARG C 10 15.41 -43.89 -26.07
C ARG C 10 14.36 -44.18 -27.14
N MSE C 11 13.24 -43.48 -27.09
CA MSE C 11 12.14 -43.73 -28.02
C MSE C 11 11.93 -42.50 -28.89
O MSE C 11 11.44 -41.48 -28.39
CB MSE C 11 10.84 -44.07 -27.26
CG MSE C 11 11.01 -45.17 -26.24
SE MSE C 11 11.54 -46.87 -27.10
CE MSE C 11 11.62 -47.94 -25.47
N PRO C 12 12.30 -42.59 -30.16
CA PRO C 12 12.26 -41.40 -31.02
C PRO C 12 10.84 -40.96 -31.34
N TYR C 13 10.69 -39.66 -31.59
CA TYR C 13 9.39 -39.08 -31.93
C TYR C 13 8.79 -39.71 -33.19
N SER C 14 9.60 -40.35 -34.03
CA SER C 14 9.09 -40.97 -35.25
C SER C 14 8.12 -42.11 -34.97
N LEU C 15 8.15 -42.71 -33.77
CA LEU C 15 7.25 -43.81 -33.47
C LEU C 15 5.80 -43.38 -33.38
N GLY C 16 5.55 -42.10 -33.17
CA GLY C 16 4.20 -41.64 -32.95
C GLY C 16 3.70 -42.04 -31.57
N THR C 17 2.39 -41.85 -31.39
CA THR C 17 1.76 -42.00 -30.09
C THR C 17 0.59 -42.97 -30.10
N ASP C 18 0.28 -43.60 -31.24
CA ASP C 18 -0.87 -44.49 -31.31
C ASP C 18 -0.75 -45.61 -30.29
N LYS C 19 -1.86 -45.89 -29.60
CA LYS C 19 -2.00 -47.11 -28.80
C LYS C 19 -1.74 -48.33 -29.68
N LEU C 20 -1.12 -49.36 -29.09
CA LEU C 20 -0.88 -50.58 -29.84
C LEU C 20 -2.20 -51.32 -30.09
N GLU C 21 -2.23 -52.09 -31.17
CA GLU C 21 -3.44 -52.82 -31.52
C GLU C 21 -3.67 -53.97 -30.53
N LYS C 22 -4.94 -54.18 -30.18
CA LYS C 22 -5.33 -55.39 -29.46
C LYS C 22 -5.25 -56.58 -30.40
N VAL C 23 -4.44 -57.59 -30.02
CA VAL C 23 -4.25 -58.80 -30.81
C VAL C 23 -5.34 -59.80 -30.47
N ASP C 24 -5.77 -60.57 -31.47
CA ASP C 24 -6.71 -61.66 -31.30
C ASP C 24 -6.20 -62.60 -30.19
N PRO C 25 -6.95 -62.78 -29.10
CA PRO C 25 -6.44 -63.59 -27.99
C PRO C 25 -5.99 -65.00 -28.38
N ASP C 26 -6.60 -65.58 -29.40
CA ASP C 26 -6.19 -66.92 -29.83
C ASP C 26 -4.82 -66.94 -30.51
N LYS C 27 -4.26 -65.78 -30.85
CA LYS C 27 -2.91 -65.70 -31.41
C LYS C 27 -1.85 -65.44 -30.36
N ILE C 28 -2.22 -65.29 -29.09
CA ILE C 28 -1.31 -65.00 -28.01
C ILE C 28 -1.15 -66.27 -27.18
N LYS C 29 0.01 -66.91 -27.28
CA LYS C 29 0.22 -68.22 -26.65
C LYS C 29 -0.22 -68.17 -25.20
N SER C 30 -1.05 -69.14 -24.79
CA SER C 30 -1.65 -69.06 -23.46
C SER C 30 -0.71 -69.55 -22.37
N LYS C 31 0.19 -70.48 -22.68
CA LYS C 31 1.10 -71.02 -21.68
C LYS C 31 2.30 -71.64 -22.38
N LEU C 32 3.42 -71.70 -21.67
CA LEU C 32 4.63 -72.30 -22.19
C LEU C 32 4.43 -73.79 -22.43
N SER C 33 4.94 -74.28 -23.55
CA SER C 33 5.10 -75.72 -23.71
C SER C 33 6.14 -76.22 -22.71
N GLU C 34 6.18 -77.53 -22.50
CA GLU C 34 7.07 -78.10 -21.50
CA GLU C 34 7.08 -78.06 -21.50
C GLU C 34 8.52 -78.09 -21.98
N ASP C 35 8.74 -78.40 -23.26
CA ASP C 35 10.09 -78.32 -23.81
C ASP C 35 10.68 -76.92 -23.62
N VAL C 36 9.86 -75.90 -23.84
CA VAL C 36 10.34 -74.53 -23.69
C VAL C 36 10.54 -74.21 -22.21
N GLU C 37 9.56 -74.55 -21.37
CA GLU C 37 9.62 -74.14 -19.97
C GLU C 37 10.81 -74.75 -19.27
N ARG C 38 11.04 -76.05 -19.49
CA ARG C 38 12.19 -76.72 -18.90
C ARG C 38 13.48 -76.02 -19.28
N LYS C 39 13.67 -75.74 -20.57
CA LYS C 39 14.91 -75.10 -21.00
C LYS C 39 14.98 -73.66 -20.52
N LEU C 40 13.84 -72.97 -20.48
CA LEU C 40 13.83 -71.59 -20.00
C LEU C 40 14.18 -71.53 -18.52
N GLU C 41 13.54 -72.38 -17.72
CA GLU C 41 13.90 -72.53 -16.32
C GLU C 41 15.40 -72.72 -16.17
N THR C 42 15.99 -73.55 -17.02
CA THR C 42 17.42 -73.84 -16.95
C THR C 42 18.25 -72.61 -17.33
N ASP C 43 17.91 -71.95 -18.44
CA ASP C 43 18.70 -70.78 -18.85
C ASP C 43 18.59 -69.65 -17.83
N MSE C 44 17.44 -69.50 -17.18
CA MSE C 44 17.26 -68.47 -16.15
C MSE C 44 18.07 -68.74 -14.90
O MSE C 44 18.48 -67.81 -14.21
CB MSE C 44 15.79 -68.33 -15.78
CG MSE C 44 14.97 -67.61 -16.84
SE MSE C 44 13.07 -67.64 -16.39
CE MSE C 44 13.10 -66.58 -14.72
N ARG C 45 18.30 -70.03 -14.60
CA ARG C 45 19.18 -70.36 -13.47
C ARG C 45 20.61 -69.96 -13.77
N GLU C 46 21.10 -70.27 -14.97
CA GLU C 46 22.48 -69.91 -15.30
C GLU C 46 22.66 -68.40 -15.34
N LEU C 47 21.69 -67.67 -15.90
CA LEU C 47 21.80 -66.21 -15.89
C LEU C 47 21.73 -65.66 -14.47
N TYR C 48 20.84 -66.19 -13.65
CA TYR C 48 20.72 -65.70 -12.27
C TYR C 48 22.02 -65.86 -11.51
N ASP C 49 22.69 -67.00 -11.70
CA ASP C 49 23.94 -67.23 -11.00
C ASP C 49 25.02 -66.26 -11.45
N ARG C 50 25.03 -65.85 -12.71
CA ARG C 50 25.98 -64.80 -13.07
C ARG C 50 25.53 -63.42 -12.64
N LEU C 51 24.22 -63.19 -12.44
CA LEU C 51 23.75 -61.88 -11.99
C LEU C 51 24.01 -61.62 -10.51
N LEU C 52 24.03 -62.68 -9.69
CA LEU C 52 24.20 -62.51 -8.25
C LEU C 52 25.50 -61.78 -7.94
N PRO C 53 25.53 -60.98 -6.87
CA PRO C 53 26.76 -60.29 -6.50
C PRO C 53 27.76 -61.26 -5.88
N THR C 54 29.04 -60.90 -6.02
CA THR C 54 30.14 -61.63 -5.40
C THR C 54 30.56 -60.94 -4.11
N GLU C 55 31.05 -61.73 -3.16
CA GLU C 55 31.30 -61.20 -1.83
C GLU C 55 32.34 -60.08 -1.86
N ALA C 56 33.34 -60.20 -2.72
CA ALA C 56 34.36 -59.15 -2.86
C ALA C 56 33.71 -57.78 -3.08
N ILE C 57 32.84 -57.66 -4.07
CA ILE C 57 32.27 -56.36 -4.37
C ILE C 57 31.34 -55.92 -3.24
N GLU C 58 30.60 -56.86 -2.64
CA GLU C 58 29.78 -56.50 -1.50
C GLU C 58 30.64 -55.95 -0.37
N VAL C 59 31.87 -56.48 -0.22
CA VAL C 59 32.80 -55.93 0.77
C VAL C 59 33.20 -54.51 0.39
N ASN C 60 33.50 -54.29 -0.89
CA ASN C 60 33.86 -52.95 -1.34
C ASN C 60 32.74 -51.96 -1.09
N ARG C 61 31.49 -52.38 -1.27
CA ARG C 61 30.39 -51.47 -0.99
C ARG C 61 30.39 -51.07 0.49
N ARG C 62 30.58 -52.04 1.38
CA ARG C 62 30.64 -51.71 2.80
C ARG C 62 31.89 -50.92 3.15
N GLU C 63 32.99 -51.11 2.43
CA GLU C 63 34.17 -50.28 2.69
C GLU C 63 33.94 -48.84 2.25
N LEU C 64 33.20 -48.63 1.16
CA LEU C 64 32.85 -47.28 0.76
C LEU C 64 31.98 -46.59 1.81
N VAL C 65 31.03 -47.33 2.39
CA VAL C 65 30.21 -46.78 3.48
C VAL C 65 31.10 -46.30 4.63
N SER C 66 31.97 -47.19 5.15
CA SER C 66 32.82 -46.82 6.28
C SER C 66 33.73 -45.65 5.94
N LYS C 67 34.23 -45.61 4.70
CA LYS C 67 35.15 -44.55 4.31
C LYS C 67 34.44 -43.20 4.31
N LEU C 68 33.23 -43.15 3.72
CA LEU C 68 32.46 -41.91 3.71
C LEU C 68 32.09 -41.47 5.12
N GLU C 69 31.63 -42.42 5.94
CA GLU C 69 31.27 -42.08 7.31
C GLU C 69 32.45 -41.46 8.06
N ARG C 70 33.64 -42.06 7.93
CA ARG C 70 34.82 -41.51 8.57
C ARG C 70 35.10 -40.09 8.09
N LEU C 71 35.05 -39.88 6.78
CA LEU C 71 35.34 -38.55 6.22
C LEU C 71 34.37 -37.51 6.74
N PHE C 72 33.07 -37.82 6.70
CA PHE C 72 32.07 -36.86 7.14
C PHE C 72 32.22 -36.53 8.61
N ASN C 73 32.42 -37.54 9.46
CA ASN C 73 32.53 -37.28 10.90
C ASN C 73 33.84 -36.63 11.29
N THR C 74 34.90 -36.81 10.49
CA THR C 74 36.13 -36.10 10.78
C THR C 74 36.01 -34.63 10.38
N GLU C 75 35.40 -34.34 9.24
CA GLU C 75 35.27 -32.97 8.76
C GLU C 75 34.28 -32.17 9.61
N TRP C 76 33.13 -32.76 9.94
CA TRP C 76 32.10 -32.09 10.73
C TRP C 76 31.77 -32.92 11.97
N PRO C 77 32.63 -32.91 12.97
CA PRO C 77 32.38 -33.75 14.15
C PRO C 77 31.20 -33.23 14.95
N GLY C 78 30.58 -34.14 15.71
CA GLY C 78 29.52 -33.79 16.64
C GLY C 78 28.10 -33.91 16.12
N HIS C 79 27.89 -34.46 14.93
CA HIS C 79 26.58 -34.45 14.28
C HIS C 79 26.05 -35.85 13.95
N ASP C 80 26.64 -36.91 14.49
CA ASP C 80 26.07 -38.26 14.41
C ASP C 80 25.83 -38.66 12.96
N ILE C 81 26.74 -38.33 12.05
CA ILE C 81 26.49 -38.58 10.64
C ILE C 81 26.62 -40.05 10.33
N ARG C 82 25.57 -40.63 9.73
CA ARG C 82 25.52 -42.06 9.47
C ARG C 82 25.27 -42.29 7.99
N VAL C 83 25.89 -43.32 7.43
CA VAL C 83 25.84 -43.59 6.00
C VAL C 83 25.16 -44.93 5.79
N HIS C 84 24.11 -44.96 4.95
CA HIS C 84 23.27 -46.14 4.77
C HIS C 84 23.23 -46.49 3.28
N LEU C 85 23.31 -47.78 2.97
CA LEU C 85 23.00 -48.25 1.61
C LEU C 85 21.48 -48.26 1.41
N PHE C 86 21.01 -47.90 0.21
CA PHE C 86 19.60 -48.17 -0.12
C PHE C 86 19.51 -48.50 -1.61
N GLY C 87 18.29 -48.57 -2.14
CA GLY C 87 18.11 -49.01 -3.52
C GLY C 87 18.62 -50.43 -3.71
N SER C 88 19.19 -50.70 -4.88
CA SER C 88 19.68 -52.04 -5.19
C SER C 88 20.68 -52.52 -4.15
N SER C 89 21.47 -51.59 -3.61
CA SER C 89 22.47 -51.91 -2.59
C SER C 89 21.85 -52.35 -1.27
N GLY C 90 20.56 -52.11 -1.07
CA GLY C 90 19.92 -52.45 0.18
C GLY C 90 18.75 -53.39 0.07
N ASN C 91 18.33 -53.74 -1.15
CA ASN C 91 17.08 -54.49 -1.29
C ASN C 91 17.28 -55.86 -1.89
N LEU C 92 18.52 -56.33 -1.96
CA LEU C 92 18.86 -57.68 -2.43
C LEU C 92 18.72 -57.84 -3.94
N LEU C 93 18.77 -56.74 -4.70
CA LEU C 93 18.64 -56.82 -6.15
C LEU C 93 19.85 -56.24 -6.89
N CYS C 94 20.97 -55.98 -6.21
CA CYS C 94 22.12 -55.42 -6.91
C CYS C 94 22.95 -56.53 -7.56
N SER C 95 23.51 -56.22 -8.72
CA SER C 95 24.56 -57.02 -9.33
C SER C 95 25.89 -56.30 -9.11
N ASP C 96 26.98 -56.92 -9.55
CA ASP C 96 28.30 -56.36 -9.24
C ASP C 96 28.51 -55.03 -9.94
N ASP C 97 27.89 -54.81 -11.09
CA ASP C 97 28.06 -53.54 -11.78
C ASP C 97 26.97 -52.52 -11.41
N SER C 98 26.11 -52.85 -10.44
CA SER C 98 25.15 -51.87 -9.95
C SER C 98 25.89 -50.76 -9.23
N ASP C 99 25.52 -49.52 -9.51
CA ASP C 99 26.11 -48.44 -8.74
C ASP C 99 25.63 -48.51 -7.29
N VAL C 100 26.25 -47.68 -6.46
CA VAL C 100 25.95 -47.64 -5.04
C VAL C 100 25.02 -46.46 -4.80
N ASP C 101 23.91 -46.70 -4.13
CA ASP C 101 23.00 -45.64 -3.69
C ASP C 101 23.13 -45.52 -2.18
N ILE C 102 23.31 -44.30 -1.70
CA ILE C 102 23.64 -44.08 -0.30
C ILE C 102 22.83 -42.92 0.23
N CYS C 103 22.30 -43.09 1.44
CA CYS C 103 21.55 -42.06 2.13
C CYS C 103 22.32 -41.69 3.40
N ILE C 104 22.55 -40.41 3.59
CA ILE C 104 23.32 -39.91 4.72
C ILE C 104 22.32 -39.28 5.67
N THR C 105 22.30 -39.73 6.92
CA THR C 105 21.38 -39.14 7.87
C THR C 105 22.14 -38.37 8.94
N THR C 106 21.50 -37.33 9.45
CA THR C 106 22.03 -36.54 10.56
C THR C 106 20.95 -35.58 11.00
N PRO C 107 20.85 -35.23 12.30
CA PRO C 107 19.94 -34.15 12.70
C PRO C 107 20.45 -32.80 12.30
N TRP C 108 21.70 -32.72 11.83
CA TRP C 108 22.34 -31.47 11.43
C TRP C 108 21.89 -31.10 10.02
N ARG C 109 20.90 -30.21 9.90
CA ARG C 109 20.30 -29.98 8.58
C ARG C 109 21.20 -29.18 7.63
N GLU C 110 22.24 -28.51 8.14
CA GLU C 110 23.23 -27.88 7.26
C GLU C 110 23.81 -28.85 6.24
N LEU C 111 23.99 -30.12 6.63
CA LEU C 111 24.54 -31.11 5.71
C LEU C 111 23.65 -31.35 4.48
N GLU C 112 22.38 -30.92 4.51
CA GLU C 112 21.52 -31.08 3.33
C GLU C 112 21.95 -30.21 2.16
N SER C 113 22.92 -29.30 2.35
CA SER C 113 23.59 -28.61 1.25
C SER C 113 24.60 -29.58 0.64
N VAL C 114 24.18 -30.33 -0.38
CA VAL C 114 25.02 -31.40 -0.89
C VAL C 114 26.32 -30.92 -1.54
N CYS C 115 26.39 -29.67 -2.01
CA CYS C 115 27.65 -29.27 -2.64
C CYS C 115 28.78 -29.12 -1.63
N MSE C 116 28.48 -28.98 -0.34
CA MSE C 116 29.56 -28.96 0.65
C MSE C 116 30.14 -30.36 0.79
O MSE C 116 31.33 -30.51 1.02
CB MSE C 116 29.05 -28.42 2.00
CG MSE C 116 28.35 -29.43 2.89
SE MSE C 116 27.80 -28.55 4.61
CE MSE C 116 29.32 -27.52 4.90
N ILE C 117 29.30 -31.38 0.60
CA ILE C 117 29.80 -32.75 0.54
C ILE C 117 30.67 -32.95 -0.69
N ALA C 118 30.22 -32.45 -1.84
CA ALA C 118 31.01 -32.55 -3.06
C ALA C 118 32.39 -31.93 -2.87
N GLU C 119 32.44 -30.73 -2.27
CA GLU C 119 33.74 -30.10 -2.03
C GLU C 119 34.62 -31.00 -1.18
N LEU C 120 34.07 -31.57 -0.11
CA LEU C 120 34.89 -32.42 0.77
C LEU C 120 35.38 -33.68 0.04
N LEU C 121 34.51 -34.33 -0.73
CA LEU C 121 34.91 -35.57 -1.40
C LEU C 121 35.95 -35.30 -2.49
N ASP C 122 35.75 -34.22 -3.26
CA ASP C 122 36.79 -33.81 -4.19
C ASP C 122 38.10 -33.54 -3.49
N ARG C 123 38.05 -32.86 -2.35
CA ARG C 123 39.27 -32.57 -1.60
C ARG C 123 39.98 -33.85 -1.18
N HIS C 124 39.22 -34.91 -0.88
CA HIS C 124 39.82 -36.16 -0.47
C HIS C 124 39.95 -37.16 -1.61
N GLY C 125 39.93 -36.70 -2.85
CA GLY C 125 40.42 -37.49 -3.97
C GLY C 125 39.42 -38.34 -4.71
N MSE C 126 38.12 -38.19 -4.43
CA MSE C 126 37.09 -38.81 -5.25
C MSE C 126 37.09 -38.10 -6.60
O MSE C 126 37.52 -36.96 -6.69
CB MSE C 126 35.71 -38.73 -4.59
CG MSE C 126 35.63 -39.33 -3.22
SE MSE C 126 36.06 -41.25 -3.37
CE MSE C 126 35.47 -41.83 -1.59
N GLU C 127 36.61 -38.76 -7.63
CA GLU C 127 36.64 -38.24 -8.99
C GLU C 127 35.23 -38.06 -9.52
N LYS C 128 35.13 -37.31 -10.62
CA LYS C 128 33.86 -37.01 -11.29
C LYS C 128 32.82 -36.51 -10.28
N VAL C 129 33.27 -35.64 -9.38
CA VAL C 129 32.45 -35.19 -8.27
C VAL C 129 31.50 -34.11 -8.77
N VAL C 130 30.19 -34.34 -8.63
CA VAL C 130 29.20 -33.36 -9.05
C VAL C 130 28.08 -33.36 -8.03
N CYS C 131 27.43 -32.20 -7.85
CA CYS C 131 26.24 -32.12 -7.00
C CYS C 131 25.10 -31.59 -7.84
N VAL C 132 23.90 -32.03 -7.48
CA VAL C 132 22.67 -31.64 -8.17
C VAL C 132 21.77 -31.10 -7.08
N SER C 133 21.67 -29.77 -6.96
CA SER C 133 21.01 -29.26 -5.78
C SER C 133 19.57 -28.79 -6.03
N SER C 134 19.11 -28.75 -7.27
CA SER C 134 17.74 -28.35 -7.54
C SER C 134 16.80 -29.52 -7.83
N ALA C 135 17.33 -30.75 -7.89
CA ALA C 135 16.47 -31.91 -8.05
C ALA C 135 15.54 -32.04 -6.83
N LYS C 136 14.44 -32.78 -7.04
CA LYS C 136 13.52 -33.09 -5.94
C LYS C 136 14.26 -33.71 -4.77
N VAL C 137 15.22 -34.58 -5.05
CA VAL C 137 16.15 -35.11 -4.07
C VAL C 137 17.55 -34.67 -4.46
N PRO C 138 18.12 -33.69 -3.78
CA PRO C 138 19.49 -33.27 -4.10
C PRO C 138 20.45 -34.43 -3.91
N ILE C 139 21.47 -34.52 -4.76
CA ILE C 139 22.41 -35.63 -4.68
C ILE C 139 23.81 -35.16 -4.98
N VAL C 140 24.77 -35.94 -4.47
CA VAL C 140 26.18 -35.87 -4.82
C VAL C 140 26.53 -37.14 -5.54
N LYS C 141 27.27 -37.03 -6.64
CA LYS C 141 27.68 -38.20 -7.40
C LYS C 141 29.20 -38.26 -7.39
N ILE C 142 29.76 -39.48 -7.23
CA ILE C 142 31.21 -39.65 -7.23
C ILE C 142 31.58 -40.93 -7.95
N TRP C 143 32.85 -40.99 -8.34
CA TRP C 143 33.55 -42.20 -8.73
C TRP C 143 34.70 -42.38 -7.74
N ASP C 144 34.74 -43.53 -7.09
CA ASP C 144 35.83 -43.86 -6.19
C ASP C 144 36.84 -44.67 -6.98
N PRO C 145 38.01 -44.11 -7.31
CA PRO C 145 38.95 -44.83 -8.17
C PRO C 145 39.67 -45.94 -7.46
N GLU C 146 39.66 -45.96 -6.13
CA GLU C 146 40.33 -47.04 -5.40
C GLU C 146 39.43 -48.23 -5.21
N LEU C 147 38.15 -47.99 -4.95
CA LEU C 147 37.21 -49.09 -4.82
C LEU C 147 36.57 -49.46 -6.16
N LYS C 148 36.72 -48.61 -7.18
CA LYS C 148 36.09 -48.82 -8.49
C LYS C 148 34.57 -48.84 -8.37
N LEU C 149 34.02 -47.83 -7.70
CA LEU C 149 32.59 -47.79 -7.45
C LEU C 149 32.06 -46.42 -7.80
N ALA C 150 30.94 -46.40 -8.52
CA ALA C 150 30.16 -45.17 -8.72
C ALA C 150 29.11 -45.08 -7.62
N CYS C 151 28.85 -43.86 -7.15
CA CYS C 151 27.98 -43.74 -6.00
C CYS C 151 27.19 -42.45 -6.10
N ASP C 152 25.87 -42.54 -5.89
CA ASP C 152 24.98 -41.39 -5.74
C ASP C 152 24.57 -41.32 -4.27
N MSE C 153 24.69 -40.15 -3.66
CA MSE C 153 24.33 -39.97 -2.24
C MSE C 153 23.25 -38.92 -2.07
O MSE C 153 23.32 -37.88 -2.75
CB MSE C 153 25.53 -39.49 -1.41
CG MSE C 153 26.64 -40.43 -1.15
SE MSE C 153 28.23 -39.26 -0.92
CE MSE C 153 28.83 -39.46 -2.82
N ASN C 154 22.33 -39.09 -1.13
CA ASN C 154 21.47 -37.98 -0.71
C ASN C 154 21.57 -37.84 0.80
N VAL C 155 20.97 -36.79 1.34
CA VAL C 155 21.00 -36.51 2.78
C VAL C 155 19.58 -36.49 3.30
N ASN C 156 19.30 -37.36 4.28
CA ASN C 156 18.08 -37.32 5.07
C ASN C 156 16.82 -37.61 4.24
N ASN C 157 16.95 -38.23 3.09
CA ASN C 157 15.77 -38.70 2.37
C ASN C 157 15.32 -40.02 2.99
N THR C 158 14.59 -39.93 4.10
CA THR C 158 14.28 -41.15 4.81
C THR C 158 13.20 -41.97 4.09
N LEU C 159 12.39 -41.36 3.23
CA LEU C 159 11.40 -42.13 2.46
C LEU C 159 12.06 -43.26 1.67
N ALA C 160 13.20 -43.00 1.04
CA ALA C 160 13.86 -44.02 0.24
C ALA C 160 14.41 -45.17 1.08
N LEU C 161 14.83 -44.92 2.32
CA LEU C 161 15.17 -46.04 3.20
C LEU C 161 13.94 -46.90 3.46
N GLU C 162 12.79 -46.27 3.66
CA GLU C 162 11.62 -47.06 3.98
C GLU C 162 11.12 -47.85 2.77
N ASN C 163 11.13 -47.25 1.58
CA ASN C 163 10.67 -48.07 0.47
C ASN C 163 11.76 -49.03 -0.01
N THR C 164 13.03 -48.78 0.31
CA THR C 164 14.00 -49.86 0.15
C THR C 164 13.70 -51.01 1.10
N ARG C 165 13.36 -50.70 2.34
CA ARG C 165 13.00 -51.75 3.30
C ARG C 165 11.76 -52.52 2.84
N MSE C 166 10.81 -51.82 2.22
CA MSE C 166 9.63 -52.49 1.71
C MSE C 166 9.98 -53.50 0.62
O MSE C 166 9.53 -54.65 0.68
CB MSE C 166 8.61 -51.47 1.18
CG MSE C 166 7.37 -52.12 0.60
SE MSE C 166 6.46 -50.91 -0.65
CE MSE C 166 7.87 -50.82 -2.02
N VAL C 167 10.76 -53.06 -0.37
CA VAL C 167 11.18 -53.95 -1.45
C VAL C 167 11.96 -55.13 -0.89
N ARG C 168 12.89 -54.87 0.04
CA ARG C 168 13.63 -55.97 0.63
C ARG C 168 12.70 -56.97 1.29
N THR C 169 11.61 -56.48 1.90
CA THR C 169 10.64 -57.38 2.53
C THR C 169 9.91 -58.23 1.48
N TYR C 170 9.51 -57.62 0.37
CA TYR C 170 8.85 -58.39 -0.68
C TYR C 170 9.76 -59.49 -1.21
N VAL C 171 11.04 -59.16 -1.45
CA VAL C 171 12.03 -60.14 -1.92
C VAL C 171 12.21 -61.29 -0.92
N SER C 172 12.00 -61.03 0.36
CA SER C 172 12.21 -62.05 1.38
C SER C 172 10.98 -62.91 1.66
N ILE C 173 9.84 -62.62 1.03
CA ILE C 173 8.59 -63.34 1.26
C ILE C 173 8.52 -64.63 0.45
N ASP C 174 9.15 -64.66 -0.72
CA ASP C 174 9.03 -65.80 -1.62
C ASP C 174 10.31 -65.94 -2.42
N ASP C 175 10.80 -67.17 -2.54
CA ASP C 175 12.12 -67.41 -3.11
C ASP C 175 12.19 -67.14 -4.61
N ARG C 176 11.04 -67.03 -5.29
CA ARG C 176 11.08 -66.73 -6.71
C ARG C 176 11.26 -65.24 -7.00
N VAL C 177 11.09 -64.37 -6.01
CA VAL C 177 11.05 -62.94 -6.32
C VAL C 177 12.44 -62.43 -6.74
N ARG C 178 13.47 -62.78 -5.99
CA ARG C 178 14.81 -62.29 -6.33
C ARG C 178 15.27 -62.70 -7.72
N PRO C 179 15.23 -63.97 -8.13
CA PRO C 179 15.62 -64.28 -9.52
C PRO C 179 14.74 -63.65 -10.57
N LEU C 180 13.41 -63.67 -10.41
CA LEU C 180 12.54 -63.05 -11.40
C LEU C 180 12.86 -61.58 -11.54
N ALA C 181 12.97 -60.88 -10.42
CA ALA C 181 13.21 -59.44 -10.45
C ALA C 181 14.58 -59.10 -11.03
N MSE C 182 15.61 -59.89 -10.70
CA MSE C 182 16.95 -59.56 -11.16
C MSE C 182 17.09 -59.80 -12.66
O MSE C 182 17.73 -59.03 -13.37
CB MSE C 182 18.01 -60.34 -10.39
CG MSE C 182 18.30 -59.71 -9.02
SE MSE C 182 19.75 -60.58 -8.00
CE MSE C 182 21.29 -59.88 -8.97
N ILE C 183 16.44 -60.86 -13.14
CA ILE C 183 16.41 -61.14 -14.58
C ILE C 183 15.65 -60.05 -15.32
N ILE C 184 14.48 -59.65 -14.82
CA ILE C 184 13.73 -58.58 -15.50
C ILE C 184 14.53 -57.29 -15.46
N LYS C 185 15.19 -57.01 -14.32
CA LYS C 185 16.05 -55.84 -14.23
C LYS C 185 17.14 -55.90 -15.29
N TYR C 186 17.81 -57.06 -15.42
CA TYR C 186 18.84 -57.22 -16.43
C TYR C 186 18.29 -56.95 -17.83
N TRP C 187 17.07 -57.42 -18.10
CA TRP C 187 16.41 -57.10 -19.37
C TRP C 187 16.25 -55.61 -19.55
N THR C 188 15.71 -54.92 -18.52
CA THR C 188 15.53 -53.47 -18.66
C THR C 188 16.84 -52.77 -18.94
N ARG C 189 17.93 -53.27 -18.37
CA ARG C 189 19.23 -52.67 -18.58
CA ARG C 189 19.22 -52.64 -18.60
C ARG C 189 19.73 -52.92 -20.00
N ARG C 190 19.61 -54.18 -20.44
CA ARG C 190 20.09 -54.54 -21.78
C ARG C 190 19.32 -53.79 -22.86
N ARG C 191 18.01 -53.62 -22.67
CA ARG C 191 17.20 -52.93 -23.67
C ARG C 191 17.23 -51.42 -23.49
N VAL C 192 17.93 -50.93 -22.47
CA VAL C 192 18.05 -49.50 -22.20
C VAL C 192 16.67 -48.90 -22.04
N VAL C 193 15.84 -49.52 -21.20
CA VAL C 193 14.53 -48.96 -20.86
C VAL C 193 14.47 -48.58 -19.38
N ASN C 194 15.61 -48.39 -18.75
CA ASN C 194 15.66 -48.20 -17.32
C ASN C 194 16.25 -46.83 -16.95
N ASP C 195 16.11 -45.85 -17.83
CA ASP C 195 16.72 -44.51 -17.63
C ASP C 195 15.61 -43.46 -17.63
N ALA C 196 15.01 -43.23 -16.46
CA ALA C 196 13.97 -42.21 -16.35
C ALA C 196 14.54 -40.80 -16.42
N ALA C 197 15.81 -40.61 -16.07
CA ALA C 197 16.35 -39.26 -15.95
C ALA C 197 16.50 -38.61 -17.32
N PHE C 198 17.12 -39.31 -18.27
CA PHE C 198 17.50 -38.71 -19.52
C PHE C 198 17.05 -39.50 -20.75
N GLY C 199 16.61 -40.73 -20.59
CA GLY C 199 16.19 -41.51 -21.74
C GLY C 199 14.69 -41.44 -21.93
N GLY C 200 14.01 -40.86 -20.93
CA GLY C 200 12.55 -40.82 -20.97
C GLY C 200 11.88 -42.17 -20.84
N THR C 201 12.53 -43.16 -20.22
CA THR C 201 11.87 -44.42 -19.94
C THR C 201 11.54 -44.53 -18.44
N LEU C 202 11.72 -45.70 -17.82
CA LEU C 202 11.21 -45.94 -16.47
C LEU C 202 12.33 -46.22 -15.49
N SER C 203 12.19 -45.72 -14.25
CA SER C 203 13.25 -45.95 -13.28
C SER C 203 13.24 -47.41 -12.82
N SER C 204 14.34 -47.84 -12.20
CA SER C 204 14.38 -49.22 -11.71
C SER C 204 13.31 -49.43 -10.64
N TYR C 205 13.07 -48.43 -9.80
CA TYR C 205 11.99 -48.54 -8.82
C TYR C 205 10.64 -48.69 -9.49
N THR C 206 10.42 -48.01 -10.62
CA THR C 206 9.16 -48.20 -11.34
C THR C 206 9.02 -49.64 -11.83
N TRP C 207 10.10 -50.19 -12.40
CA TRP C 207 10.06 -51.56 -12.88
C TRP C 207 9.79 -52.54 -11.74
N ILE C 208 10.37 -52.27 -10.57
CA ILE C 208 10.19 -53.14 -9.40
C ILE C 208 8.73 -53.14 -8.95
N CYS C 209 8.11 -51.96 -8.88
CA CYS C 209 6.69 -51.92 -8.52
C CYS C 209 5.84 -52.66 -9.54
N MSE C 210 6.17 -52.57 -10.80
CA MSE C 210 5.44 -53.32 -11.81
C MSE C 210 5.57 -54.82 -11.62
O MSE C 210 4.61 -55.58 -11.76
CB MSE C 210 5.92 -52.93 -13.21
CG MSE C 210 5.43 -51.54 -13.59
SE MSE C 210 6.31 -50.86 -15.19
CE MSE C 210 5.45 -52.01 -16.50
N ILE C 211 6.79 -55.25 -11.26
CA ILE C 211 7.01 -56.68 -11.00
C ILE C 211 6.19 -57.12 -9.80
N ILE C 212 6.28 -56.37 -8.71
CA ILE C 212 5.53 -56.72 -7.50
C ILE C 212 4.04 -56.67 -7.77
N ALA C 213 3.56 -55.63 -8.46
CA ALA C 213 2.13 -55.53 -8.76
C ALA C 213 1.67 -56.75 -9.55
N PHE C 214 2.41 -57.10 -10.60
CA PHE C 214 2.14 -58.34 -11.34
C PHE C 214 2.03 -59.55 -10.41
N LEU C 215 2.94 -59.69 -9.45
CA LEU C 215 2.95 -60.88 -8.59
C LEU C 215 1.81 -60.86 -7.58
N GLN C 216 1.38 -59.68 -7.14
CA GLN C 216 0.22 -59.61 -6.25
C GLN C 216 -1.07 -59.99 -6.96
N LEU C 217 -1.08 -59.93 -8.29
CA LEU C 217 -2.29 -60.18 -9.08
C LEU C 217 -2.34 -61.59 -9.65
N ARG C 218 -1.33 -62.42 -9.40
CA ARG C 218 -1.43 -63.82 -9.77
C ARG C 218 -2.57 -64.48 -9.00
N ASP C 219 -3.01 -65.63 -9.52
CA ASP C 219 -4.05 -66.41 -8.88
C ASP C 219 -3.57 -67.84 -8.69
N PRO C 220 -3.24 -68.25 -7.46
CA PRO C 220 -3.23 -67.40 -6.28
C PRO C 220 -2.05 -66.42 -6.30
N PRO C 221 -2.02 -65.44 -5.42
CA PRO C 221 -0.96 -64.43 -5.50
C PRO C 221 0.37 -64.96 -4.98
N VAL C 222 1.44 -64.45 -5.59
CA VAL C 222 2.78 -64.75 -5.10
C VAL C 222 3.13 -63.86 -3.93
N LEU C 223 2.67 -62.61 -3.95
CA LEU C 223 2.95 -61.64 -2.90
C LEU C 223 1.66 -61.02 -2.39
N PRO C 224 1.61 -60.68 -1.11
CA PRO C 224 0.45 -59.96 -0.56
C PRO C 224 0.62 -58.46 -0.83
N ALA C 225 -0.36 -57.68 -0.34
CA ALA C 225 -0.25 -56.23 -0.30
C ALA C 225 0.18 -55.84 1.11
N LEU C 226 1.48 -55.69 1.30
CA LEU C 226 2.02 -55.46 2.64
C LEU C 226 1.40 -54.23 3.31
N HIS C 227 1.09 -53.18 2.53
CA HIS C 227 0.42 -52.03 3.13
C HIS C 227 -0.99 -52.36 3.64
N GLN C 228 -1.60 -53.48 3.22
CA GLN C 228 -2.92 -53.82 3.73
C GLN C 228 -2.90 -54.92 4.80
N GLN C 229 -1.75 -55.54 5.07
CA GLN C 229 -1.69 -56.64 6.04
C GLN C 229 -1.49 -56.07 7.45
N HIS C 230 -2.57 -55.49 7.97
CA HIS C 230 -2.45 -54.69 9.18
C HIS C 230 -1.96 -55.50 10.38
N ASP C 231 -2.40 -56.76 10.49
CA ASP C 231 -2.04 -57.58 11.63
C ASP C 231 -0.57 -58.02 11.63
N LEU C 232 0.17 -57.78 10.56
CA LEU C 232 1.57 -58.20 10.51
C LEU C 232 2.54 -57.01 10.48
N LYS C 233 2.08 -55.84 10.91
CA LYS C 233 2.93 -54.65 10.95
C LYS C 233 3.66 -54.60 12.29
N LEU C 234 4.99 -54.64 12.23
CA LEU C 234 5.80 -54.63 13.44
C LEU C 234 5.85 -53.24 14.05
N VAL C 235 6.48 -53.15 15.20
CA VAL C 235 6.32 -52.02 16.10
C VAL C 235 7.55 -51.11 16.12
N ALA C 240 6.21 -45.61 16.31
CA ALA C 240 5.24 -45.58 15.21
C ALA C 240 5.13 -46.94 14.53
N LEU C 241 3.90 -47.35 14.21
CA LEU C 241 3.72 -48.59 13.48
C LEU C 241 4.29 -48.47 12.07
N SER C 242 4.81 -49.58 11.58
CA SER C 242 5.29 -49.63 10.19
C SER C 242 4.13 -49.46 9.22
N ASP C 243 4.36 -48.72 8.14
CA ASP C 243 3.33 -48.51 7.13
C ASP C 243 2.95 -49.80 6.42
N PHE C 244 3.87 -50.74 6.33
CA PHE C 244 3.64 -51.97 5.60
C PHE C 244 3.96 -53.14 6.51
N ALA C 245 3.29 -54.26 6.28
CA ALA C 245 3.58 -55.46 7.04
C ALA C 245 5.03 -55.86 6.83
N ASP C 246 5.72 -56.16 7.92
CA ASP C 246 7.15 -56.44 7.86
C ASP C 246 7.55 -57.55 8.82
N ASP C 247 6.62 -58.40 9.27
CA ASP C 247 6.96 -59.54 10.12
C ASP C 247 7.41 -60.67 9.21
N ILE C 248 8.69 -60.61 8.84
CA ILE C 248 9.21 -61.49 7.80
C ILE C 248 9.00 -62.97 8.13
N PRO C 249 9.31 -63.46 9.34
CA PRO C 249 9.01 -64.87 9.63
C PRO C 249 7.53 -65.22 9.41
N LYS C 250 6.62 -64.33 9.77
CA LYS C 250 5.19 -64.62 9.61
C LYS C 250 4.67 -64.33 8.21
N LEU C 251 5.46 -63.69 7.35
CA LEU C 251 5.04 -63.48 5.96
C LEU C 251 5.58 -64.53 5.01
N ARG C 252 6.72 -65.13 5.35
CA ARG C 252 7.40 -66.04 4.44
C ARG C 252 6.47 -67.18 4.04
N GLY C 253 6.50 -67.55 2.77
CA GLY C 253 5.64 -68.60 2.29
C GLY C 253 4.25 -68.16 1.88
N PHE C 254 3.95 -66.85 1.90
CA PHE C 254 2.62 -66.39 1.51
C PHE C 254 2.25 -66.88 0.13
N GLY C 255 3.19 -66.79 -0.82
CA GLY C 255 2.95 -67.20 -2.17
C GLY C 255 3.11 -68.68 -2.44
N ALA C 256 3.23 -69.51 -1.40
CA ALA C 256 3.45 -70.94 -1.61
C ALA C 256 2.26 -71.62 -2.27
N LYS C 257 1.06 -71.05 -2.15
CA LYS C 257 -0.09 -71.63 -2.84
C LYS C 257 0.04 -71.53 -4.35
N ASN C 258 0.90 -70.63 -4.84
CA ASN C 258 1.15 -70.48 -6.26
C ASN C 258 2.33 -71.37 -6.63
N LYS C 259 2.06 -72.43 -7.39
CA LYS C 259 3.05 -73.44 -7.73
C LYS C 259 3.75 -73.16 -9.05
N ASP C 260 3.49 -72.02 -9.67
CA ASP C 260 4.07 -71.75 -10.97
C ASP C 260 5.56 -71.49 -10.85
N SER C 261 6.30 -71.97 -11.86
CA SER C 261 7.75 -71.87 -11.86
C SER C 261 8.23 -70.49 -12.27
N LEU C 262 9.54 -70.27 -12.06
CA LEU C 262 10.19 -69.04 -12.48
C LEU C 262 10.02 -68.81 -13.97
N ALA C 263 10.21 -69.86 -14.77
CA ALA C 263 10.06 -69.75 -16.21
C ALA C 263 8.65 -69.31 -16.56
N VAL C 264 7.65 -69.91 -15.91
CA VAL C 264 6.28 -69.52 -16.17
C VAL C 264 6.04 -68.09 -15.71
N LEU C 265 6.56 -67.73 -14.54
CA LEU C 265 6.32 -66.38 -14.04
C LEU C 265 6.91 -65.32 -14.98
N LEU C 266 8.05 -65.61 -15.59
CA LEU C 266 8.61 -64.65 -16.55
C LEU C 266 7.73 -64.55 -17.78
N PHE C 267 7.30 -65.71 -18.30
CA PHE C 267 6.35 -65.74 -19.39
C PHE C 267 5.10 -64.94 -19.06
N GLN C 268 4.54 -65.16 -17.86
CA GLN C 268 3.32 -64.46 -17.47
C GLN C 268 3.57 -62.97 -17.28
N PHE C 269 4.75 -62.60 -16.77
CA PHE C 269 5.07 -61.18 -16.61
C PHE C 269 4.96 -60.46 -17.95
N PHE C 270 5.65 -60.99 -18.97
CA PHE C 270 5.64 -60.33 -20.27
C PHE C 270 4.29 -60.48 -20.95
N ARG C 271 3.58 -61.58 -20.73
CA ARG C 271 2.24 -61.70 -21.29
C ARG C 271 1.31 -60.66 -20.68
N PHE C 272 1.41 -60.46 -19.36
CA PHE C 272 0.55 -59.52 -18.68
C PHE C 272 0.73 -58.11 -19.22
N TYR C 273 1.99 -57.64 -19.29
CA TYR C 273 2.29 -56.27 -19.72
C TYR C 273 2.30 -56.11 -21.24
N ALA C 274 2.50 -57.18 -22.01
CA ALA C 274 2.40 -57.05 -23.46
C ALA C 274 0.95 -57.01 -23.92
N HIS C 275 0.07 -57.79 -23.30
CA HIS C 275 -1.25 -58.00 -23.87
C HIS C 275 -2.41 -57.98 -22.88
N GLU C 276 -2.23 -58.37 -21.61
CA GLU C 276 -3.38 -58.55 -20.73
C GLU C 276 -3.82 -57.23 -20.08
N PHE C 277 -2.86 -56.40 -19.70
CA PHE C 277 -3.13 -55.25 -18.87
C PHE C 277 -3.61 -54.07 -19.71
N ASP C 278 -4.72 -53.46 -19.29
CA ASP C 278 -5.30 -52.32 -19.99
C ASP C 278 -4.65 -51.03 -19.46
N TYR C 279 -3.60 -50.56 -20.15
CA TYR C 279 -2.88 -49.37 -19.71
C TYR C 279 -3.77 -48.14 -19.71
N ASP C 280 -4.77 -48.13 -20.59
CA ASP C 280 -5.62 -46.96 -20.73
C ASP C 280 -6.49 -46.77 -19.50
N LYS C 281 -6.95 -47.87 -18.88
CA LYS C 281 -7.96 -47.82 -17.83
C LYS C 281 -7.38 -47.78 -16.42
N TYR C 282 -6.31 -48.54 -16.17
CA TYR C 282 -5.94 -48.93 -14.81
C TYR C 282 -4.65 -48.28 -14.33
N THR C 283 -4.57 -48.20 -13.00
CA THR C 283 -3.37 -47.83 -12.27
C THR C 283 -2.90 -49.06 -11.50
N LEU C 284 -1.61 -49.38 -11.59
CA LEU C 284 -1.01 -50.44 -10.81
C LEU C 284 -0.67 -49.92 -9.42
N SER C 285 -1.10 -50.63 -8.38
CA SER C 285 -0.96 -50.18 -6.99
C SER C 285 -0.44 -51.32 -6.12
N ILE C 286 0.86 -51.33 -5.80
CA ILE C 286 1.33 -52.36 -4.88
C ILE C 286 0.92 -52.04 -3.44
N ARG C 287 0.58 -50.77 -3.16
CA ARG C 287 -0.02 -50.43 -1.87
C ARG C 287 -1.33 -51.18 -1.66
N MSE C 288 -2.15 -51.30 -2.71
CA MSE C 288 -3.47 -51.93 -2.58
C MSE C 288 -3.44 -53.41 -2.94
O MSE C 288 -4.23 -54.18 -2.42
CB MSE C 288 -4.51 -51.22 -3.46
CG MSE C 288 -4.97 -49.88 -2.95
SE MSE C 288 -5.86 -50.03 -1.21
CE MSE C 288 -7.19 -51.40 -1.62
N GLY C 289 -2.53 -53.80 -3.84
CA GLY C 289 -2.55 -55.17 -4.30
C GLY C 289 -3.71 -55.52 -5.19
N THR C 290 -4.47 -54.52 -5.64
CA THR C 290 -5.53 -54.71 -6.62
C THR C 290 -5.42 -53.55 -7.60
N LEU C 291 -6.00 -53.75 -8.79
CA LEU C 291 -6.00 -52.68 -9.78
C LEU C 291 -6.93 -51.56 -9.32
N LEU C 292 -6.50 -50.32 -9.54
CA LEU C 292 -7.34 -49.14 -9.38
C LEU C 292 -7.60 -48.56 -10.77
N THR C 293 -8.72 -47.87 -10.96
CA THR C 293 -8.86 -47.18 -12.23
C THR C 293 -8.14 -45.84 -12.12
N LYS C 294 -7.65 -45.36 -13.26
CA LYS C 294 -7.16 -43.98 -13.27
C LYS C 294 -8.25 -43.00 -12.84
N ALA C 295 -9.49 -43.26 -13.27
CA ALA C 295 -10.57 -42.31 -12.97
C ALA C 295 -10.81 -42.18 -11.46
N GLU C 296 -10.72 -43.29 -10.70
CA GLU C 296 -10.99 -43.12 -9.27
C GLU C 296 -9.85 -42.39 -8.56
N LYS C 297 -8.69 -42.24 -9.19
CA LYS C 297 -7.61 -41.43 -8.64
C LYS C 297 -7.60 -40.02 -9.21
N ASN C 298 -8.56 -39.68 -10.08
CA ASN C 298 -8.53 -38.43 -10.84
C ASN C 298 -7.33 -38.36 -11.77
N TRP C 299 -6.74 -39.50 -12.10
CA TRP C 299 -5.54 -39.51 -12.95
C TRP C 299 -5.85 -39.51 -14.45
N GLN C 300 -7.12 -39.42 -14.85
CA GLN C 300 -7.39 -39.13 -16.26
C GLN C 300 -6.95 -37.72 -16.62
N TYR C 301 -6.72 -36.84 -15.63
CA TYR C 301 -6.25 -35.48 -15.85
C TYR C 301 -4.73 -35.35 -15.77
N LEU C 302 -4.05 -36.42 -15.37
CA LEU C 302 -2.63 -36.34 -15.07
C LEU C 302 -1.83 -36.30 -16.36
N VAL C 303 -0.81 -35.44 -16.41
CA VAL C 303 0.06 -35.42 -17.59
C VAL C 303 1.08 -36.54 -17.47
N ASN C 304 1.41 -37.16 -18.60
CA ASN C 304 2.09 -38.46 -18.62
C ASN C 304 1.40 -39.42 -17.68
N ASN C 305 0.24 -39.85 -18.14
CA ASN C 305 -0.56 -40.89 -17.49
C ASN C 305 -0.75 -42.08 -18.40
N ALA C 306 0.02 -42.18 -19.47
CA ALA C 306 -0.08 -43.34 -20.34
C ALA C 306 0.13 -44.61 -19.53
N LEU C 307 1.12 -44.58 -18.67
CA LEU C 307 1.40 -45.67 -17.72
C LEU C 307 1.24 -45.10 -16.32
N CYS C 308 0.33 -45.69 -15.54
CA CYS C 308 0.10 -45.25 -14.18
C CYS C 308 0.54 -46.37 -13.24
N VAL C 309 1.57 -46.07 -12.45
CA VAL C 309 2.12 -46.95 -11.42
C VAL C 309 2.17 -46.12 -10.15
N GLU C 310 1.27 -46.39 -9.22
CA GLU C 310 1.14 -45.56 -8.02
C GLU C 310 2.33 -45.77 -7.06
N GLU C 311 2.97 -44.69 -6.64
CA GLU C 311 4.02 -44.80 -5.62
C GLU C 311 3.38 -45.21 -4.30
N PRO C 312 3.88 -46.24 -3.63
CA PRO C 312 3.12 -46.81 -2.51
C PRO C 312 3.12 -45.94 -1.25
N PHE C 313 4.08 -45.04 -1.06
CA PHE C 313 4.10 -44.20 0.13
C PHE C 313 3.50 -42.82 -0.10
N ASN C 314 3.46 -42.34 -1.34
CA ASN C 314 2.72 -41.12 -1.71
CA ASN C 314 2.73 -41.13 -1.72
C ASN C 314 1.85 -41.49 -2.92
N ASP C 315 0.62 -41.90 -2.64
CA ASP C 315 -0.22 -42.42 -3.70
C ASP C 315 -0.74 -41.32 -4.62
N GLY C 316 -0.38 -40.05 -4.37
CA GLY C 316 -0.64 -38.98 -5.31
C GLY C 316 0.34 -38.87 -6.45
N ARG C 317 1.42 -39.65 -6.44
CA ARG C 317 2.48 -39.59 -7.43
C ARG C 317 2.50 -40.84 -8.29
N ASN C 318 2.65 -40.62 -9.61
CA ASN C 318 2.72 -41.68 -10.61
C ASN C 318 4.19 -41.92 -10.98
N LEU C 319 4.70 -43.11 -10.64
CA LEU C 319 6.08 -43.43 -11.02
C LEU C 319 6.25 -43.52 -12.53
N GLY C 320 5.16 -43.69 -13.27
CA GLY C 320 5.23 -43.68 -14.71
C GLY C 320 5.31 -42.31 -15.33
N ASN C 321 5.44 -41.26 -14.52
CA ASN C 321 5.38 -39.90 -15.04
CA ASN C 321 5.43 -39.88 -15.00
C ASN C 321 6.53 -39.59 -16.01
N THR C 322 7.60 -40.37 -15.99
CA THR C 322 8.75 -40.10 -16.85
C THR C 322 8.54 -40.52 -18.31
N ALA C 323 7.48 -41.24 -18.62
CA ALA C 323 7.25 -41.77 -19.96
C ALA C 323 6.12 -41.00 -20.62
N ASP C 324 6.45 -40.20 -21.64
CA ASP C 324 5.38 -39.54 -22.38
C ASP C 324 4.70 -40.55 -23.30
N GLU C 325 3.81 -40.06 -24.17
CA GLU C 325 3.02 -40.94 -25.04
C GLU C 325 3.92 -41.72 -25.99
N THR C 326 4.90 -41.04 -26.58
CA THR C 326 5.81 -41.69 -27.51
C THR C 326 6.62 -42.76 -26.81
N SER C 327 7.21 -42.40 -25.67
CA SER C 327 8.03 -43.35 -24.91
C SER C 327 7.23 -44.56 -24.50
N PHE C 328 5.98 -44.34 -24.07
CA PHE C 328 5.18 -45.49 -23.67
C PHE C 328 4.92 -46.41 -24.86
N ARG C 329 4.67 -45.83 -26.04
CA ARG C 329 4.43 -46.65 -27.22
C ARG C 329 5.61 -47.58 -27.48
N GLY C 330 6.83 -47.05 -27.40
CA GLY C 330 8.01 -47.88 -27.59
C GLY C 330 8.21 -48.89 -26.49
N LEU C 331 7.95 -48.50 -25.24
CA LEU C 331 8.02 -49.42 -24.11
C LEU C 331 7.09 -50.62 -24.32
N HIS C 332 5.83 -50.35 -24.67
CA HIS C 332 4.90 -51.42 -24.97
C HIS C 332 5.44 -52.31 -26.08
N MSE C 333 6.07 -51.72 -27.09
CA MSE C 333 6.64 -52.49 -28.18
C MSE C 333 7.81 -53.36 -27.72
O MSE C 333 8.01 -54.47 -28.23
CB MSE C 333 7.10 -51.58 -29.30
CG MSE C 333 5.99 -50.87 -29.98
SE MSE C 333 6.70 -49.67 -31.33
CE MSE C 333 5.14 -49.59 -32.46
N GLU C 334 8.58 -52.82 -26.78
CA GLU C 334 9.65 -53.63 -26.20
C GLU C 334 9.07 -54.76 -25.38
N LEU C 335 7.96 -54.52 -24.66
CA LEU C 335 7.36 -55.60 -23.89
C LEU C 335 6.78 -56.67 -24.80
N ARG C 336 6.10 -56.27 -25.88
CA ARG C 336 5.56 -57.26 -26.82
C ARG C 336 6.68 -58.03 -27.50
N ARG C 337 7.77 -57.34 -27.85
CA ARG C 337 8.93 -58.05 -28.38
C ARG C 337 9.44 -59.10 -27.40
N ALA C 338 9.59 -58.72 -26.12
CA ALA C 338 10.03 -59.68 -25.11
C ALA C 338 9.05 -60.84 -24.97
N PHE C 339 7.74 -60.56 -25.00
CA PHE C 339 6.78 -61.65 -24.86
C PHE C 339 6.95 -62.71 -25.94
N ASP C 340 7.03 -62.27 -27.21
CA ASP C 340 7.15 -63.23 -28.30
C ASP C 340 8.41 -64.08 -28.19
N LEU C 341 9.49 -63.50 -27.67
CA LEU C 341 10.74 -64.24 -27.54
C LEU C 341 10.70 -65.19 -26.35
N ILE C 342 10.26 -64.72 -25.19
CA ILE C 342 10.14 -65.63 -24.04
C ILE C 342 9.13 -66.73 -24.33
N ALA C 343 8.07 -66.42 -25.09
CA ALA C 343 7.11 -67.46 -25.47
C ALA C 343 7.78 -68.64 -26.14
N GLU C 344 8.90 -68.41 -26.84
CA GLU C 344 9.65 -69.48 -27.48
C GLU C 344 10.91 -69.84 -26.69
N GLY C 345 11.04 -69.33 -25.47
CA GLY C 345 12.19 -69.64 -24.63
C GLY C 345 13.46 -68.94 -25.04
N LYS C 346 13.37 -67.83 -25.78
CA LYS C 346 14.56 -67.20 -26.34
C LYS C 346 15.08 -66.12 -25.40
N LEU C 347 15.54 -66.58 -24.23
CA LEU C 347 16.00 -65.68 -23.18
C LEU C 347 17.17 -64.84 -23.67
N GLU C 348 18.15 -65.48 -24.34
CA GLU C 348 19.32 -64.75 -24.80
C GLU C 348 18.93 -63.63 -25.76
N GLU C 349 18.13 -63.96 -26.78
CA GLU C 349 17.77 -62.94 -27.76
C GLU C 349 16.91 -61.86 -27.11
N CYS C 350 16.03 -62.24 -26.19
CA CYS C 350 15.20 -61.27 -25.50
C CYS C 350 16.06 -60.21 -24.82
N CYS C 351 17.24 -60.62 -24.35
CA CYS C 351 18.14 -59.76 -23.57
C CYS C 351 19.31 -59.25 -24.39
N GLU C 352 19.23 -59.31 -25.72
CA GLU C 352 20.24 -58.71 -26.58
C GLU C 352 20.46 -57.26 -26.17
N GLN C 353 21.70 -56.80 -26.28
CA GLN C 353 22.00 -55.40 -25.98
C GLN C 353 21.41 -54.50 -27.06
N TYR C 354 20.55 -53.59 -26.66
CA TYR C 354 20.06 -52.60 -27.60
C TYR C 354 21.19 -51.66 -28.01
N VAL C 355 21.36 -51.46 -29.31
CA VAL C 355 22.31 -50.49 -29.84
C VAL C 355 21.56 -49.33 -30.47
N PHE C 356 22.04 -48.11 -30.23
CA PHE C 356 21.40 -46.92 -30.78
C PHE C 356 21.82 -46.70 -32.23
N PRO C 357 20.94 -46.14 -33.06
CA PRO C 357 21.24 -45.81 -34.46
C PRO C 357 22.38 -44.80 -34.59
N ARG D 8 -6.28 47.21 13.21
CA ARG D 8 -5.60 47.87 14.32
C ARG D 8 -6.23 47.48 15.66
N ARG D 9 -5.38 47.07 16.61
CA ARG D 9 -5.88 46.67 17.91
C ARG D 9 -6.49 47.85 18.65
N ARG D 10 -7.62 47.61 19.32
CA ARG D 10 -8.21 48.64 20.15
C ARG D 10 -7.44 48.80 21.45
N MSE D 11 -6.99 47.69 22.01
CA MSE D 11 -6.27 47.67 23.26
C MSE D 11 -4.81 47.34 22.94
O MSE D 11 -4.51 46.22 22.52
CB MSE D 11 -6.89 46.62 24.20
CG MSE D 11 -8.40 46.80 24.39
SE MSE D 11 -8.85 48.64 25.04
CE MSE D 11 -10.77 48.49 25.25
N PRO D 12 -3.92 48.33 23.08
CA PRO D 12 -2.51 48.10 22.75
C PRO D 12 -1.83 47.16 23.75
N TYR D 13 -0.83 46.44 23.26
CA TYR D 13 -0.09 45.49 24.10
C TYR D 13 0.58 46.17 25.29
N SER D 14 0.84 47.48 25.22
CA SER D 14 1.44 48.20 26.34
C SER D 14 0.56 48.24 27.58
N LEU D 15 -0.73 47.90 27.44
CA LEU D 15 -1.59 47.78 28.61
C LEU D 15 -1.17 46.64 29.52
N GLY D 16 -0.43 45.68 29.01
CA GLY D 16 -0.10 44.51 29.79
C GLY D 16 -1.30 43.61 29.89
N THR D 17 -1.19 42.61 30.77
CA THR D 17 -2.23 41.61 30.89
C THR D 17 -2.73 41.43 32.31
N ASP D 18 -2.28 42.23 33.25
CA ASP D 18 -2.56 41.95 34.65
C ASP D 18 -4.04 42.18 34.96
N LYS D 19 -4.55 41.37 35.88
CA LYS D 19 -5.92 41.56 36.36
C LYS D 19 -6.02 42.90 37.07
N LEU D 20 -7.16 43.56 36.90
CA LEU D 20 -7.40 44.79 37.63
C LEU D 20 -7.57 44.48 39.11
N GLU D 21 -7.14 45.41 39.95
CA GLU D 21 -7.19 45.15 41.38
C GLU D 21 -8.63 45.12 41.86
N LYS D 22 -8.93 44.20 42.77
CA LYS D 22 -10.23 44.23 43.44
C LYS D 22 -10.28 45.43 44.37
N VAL D 23 -11.28 46.28 44.19
CA VAL D 23 -11.47 47.45 45.03
C VAL D 23 -12.29 47.05 46.26
N ASP D 24 -11.93 47.59 47.42
CA ASP D 24 -12.70 47.33 48.62
C ASP D 24 -14.17 47.69 48.40
N PRO D 25 -15.11 46.80 48.73
CA PRO D 25 -16.52 47.06 48.41
C PRO D 25 -17.06 48.36 48.98
N ASP D 26 -16.54 48.82 50.13
CA ASP D 26 -17.02 50.07 50.72
C ASP D 26 -16.63 51.29 49.90
N LYS D 27 -15.63 51.19 49.03
CA LYS D 27 -15.28 52.30 48.14
C LYS D 27 -16.13 52.33 46.88
N ILE D 28 -17.02 51.35 46.70
CA ILE D 28 -17.85 51.24 45.52
C ILE D 28 -19.25 51.77 45.83
N LYS D 29 -19.63 52.87 45.18
CA LYS D 29 -20.93 53.48 45.45
C LYS D 29 -22.03 52.46 45.29
N SER D 30 -22.91 52.37 46.29
CA SER D 30 -23.88 51.28 46.35
C SER D 30 -25.18 51.58 45.61
N LYS D 31 -25.53 52.86 45.43
CA LYS D 31 -26.71 53.22 44.65
C LYS D 31 -26.64 54.70 44.31
N LEU D 32 -27.42 55.10 43.31
CA LEU D 32 -27.49 56.49 42.91
C LEU D 32 -28.24 57.31 43.94
N SER D 33 -27.84 58.56 44.09
CA SER D 33 -28.63 59.52 44.83
C SER D 33 -29.89 59.83 44.03
N GLU D 34 -30.93 60.31 44.73
CA GLU D 34 -32.20 60.55 44.07
C GLU D 34 -32.07 61.60 42.98
N ASP D 35 -31.22 62.62 43.21
CA ASP D 35 -31.06 63.67 42.20
CA ASP D 35 -31.03 63.68 42.21
C ASP D 35 -30.32 63.15 40.97
N VAL D 36 -29.26 62.38 41.17
CA VAL D 36 -28.53 61.82 40.03
C VAL D 36 -29.43 60.90 39.24
N GLU D 37 -30.20 60.06 39.93
CA GLU D 37 -31.07 59.11 39.22
C GLU D 37 -32.13 59.84 38.41
N ARG D 38 -32.78 60.83 39.01
CA ARG D 38 -33.78 61.60 38.28
C ARG D 38 -33.19 62.19 37.00
N LYS D 39 -32.01 62.79 37.12
CA LYS D 39 -31.38 63.43 35.96
C LYS D 39 -30.96 62.40 34.92
N LEU D 40 -30.23 61.37 35.35
CA LEU D 40 -29.80 60.33 34.43
C LEU D 40 -30.99 59.71 33.71
N GLU D 41 -32.10 59.51 34.44
CA GLU D 41 -33.31 58.96 33.82
C GLU D 41 -33.77 59.81 32.66
N THR D 42 -33.85 61.14 32.85
CA THR D 42 -34.32 61.97 31.75
C THR D 42 -33.27 62.10 30.66
N ASP D 43 -31.98 62.10 31.02
CA ASP D 43 -30.93 62.11 30.01
C ASP D 43 -30.97 60.85 29.14
N MSE D 44 -31.26 59.71 29.75
CA MSE D 44 -31.38 58.45 29.02
C MSE D 44 -32.61 58.41 28.14
O MSE D 44 -32.56 57.93 27.01
CB MSE D 44 -31.42 57.27 29.98
CG MSE D 44 -30.05 56.88 30.52
SE MSE D 44 -30.19 55.53 31.93
CE MSE D 44 -30.54 53.94 30.84
N ARG D 45 -33.72 58.89 28.70
CA ARG D 45 -34.94 59.01 27.91
C ARG D 45 -34.72 59.84 26.66
N GLU D 46 -33.97 60.95 26.76
CA GLU D 46 -33.74 61.78 25.60
C GLU D 46 -32.81 61.09 24.60
N LEU D 47 -31.78 60.40 25.10
CA LEU D 47 -30.86 59.69 24.22
C LEU D 47 -31.55 58.53 23.52
N TYR D 48 -32.45 57.84 24.23
CA TYR D 48 -33.21 56.76 23.63
C TYR D 48 -34.04 57.26 22.44
N ASP D 49 -34.57 58.48 22.54
CA ASP D 49 -35.36 59.04 21.45
C ASP D 49 -34.52 59.25 20.19
N ARG D 50 -33.26 59.68 20.36
CA ARG D 50 -32.37 59.88 19.22
C ARG D 50 -31.89 58.56 18.64
N LEU D 51 -31.85 57.50 19.45
CA LEU D 51 -31.35 56.23 18.97
C LEU D 51 -32.41 55.42 18.26
N LEU D 52 -33.69 55.65 18.57
CA LEU D 52 -34.75 54.90 17.93
C LEU D 52 -34.67 55.09 16.42
N PRO D 53 -34.91 54.04 15.63
CA PRO D 53 -34.88 54.22 14.18
C PRO D 53 -36.03 55.08 13.72
N THR D 54 -35.83 55.77 12.60
CA THR D 54 -36.88 56.52 11.94
C THR D 54 -37.63 55.64 10.96
N GLU D 55 -38.91 55.95 10.79
CA GLU D 55 -39.75 55.14 9.91
C GLU D 55 -39.21 55.09 8.49
N ALA D 56 -38.64 56.19 8.01
CA ALA D 56 -38.10 56.19 6.65
C ALA D 56 -36.96 55.20 6.48
N ILE D 57 -36.06 55.12 7.46
CA ILE D 57 -34.96 54.17 7.30
C ILE D 57 -35.49 52.75 7.38
N GLU D 58 -36.49 52.50 8.23
CA GLU D 58 -37.08 51.17 8.31
C GLU D 58 -37.74 50.81 6.98
N VAL D 59 -38.32 51.79 6.31
CA VAL D 59 -38.86 51.54 4.97
C VAL D 59 -37.73 51.14 4.01
N ASN D 60 -36.64 51.92 4.00
CA ASN D 60 -35.53 51.62 3.09
C ASN D 60 -34.93 50.24 3.35
N ARG D 61 -34.93 49.77 4.59
CA ARG D 61 -34.44 48.41 4.84
C ARG D 61 -35.34 47.37 4.17
N ARG D 62 -36.66 47.55 4.28
CA ARG D 62 -37.62 46.63 3.66
C ARG D 62 -37.56 46.73 2.15
N GLU D 63 -37.23 47.90 1.60
CA GLU D 63 -37.05 47.99 0.16
C GLU D 63 -35.79 47.26 -0.29
N LEU D 64 -34.73 47.28 0.50
CA LEU D 64 -33.54 46.52 0.14
C LEU D 64 -33.85 45.03 0.12
N VAL D 65 -34.54 44.54 1.15
CA VAL D 65 -34.99 43.15 1.20
C VAL D 65 -35.74 42.78 -0.07
N SER D 66 -36.71 43.61 -0.44
CA SER D 66 -37.51 43.36 -1.62
C SER D 66 -36.67 43.39 -2.89
N LYS D 67 -35.76 44.35 -2.99
CA LYS D 67 -34.96 44.49 -4.20
C LYS D 67 -34.05 43.28 -4.38
N LEU D 68 -33.41 42.85 -3.29
CA LEU D 68 -32.53 41.69 -3.38
C LEU D 68 -33.31 40.43 -3.75
N GLU D 69 -34.48 40.25 -3.15
CA GLU D 69 -35.27 39.05 -3.41
C GLU D 69 -35.67 38.97 -4.89
N ARG D 70 -36.04 40.12 -5.49
CA ARG D 70 -36.39 40.15 -6.91
C ARG D 70 -35.17 39.84 -7.79
N LEU D 71 -34.01 40.42 -7.44
CA LEU D 71 -32.79 40.17 -8.19
C LEU D 71 -32.41 38.70 -8.17
N PHE D 72 -32.42 38.09 -6.98
CA PHE D 72 -32.02 36.69 -6.86
C PHE D 72 -32.98 35.76 -7.62
N ASN D 73 -34.29 35.97 -7.46
CA ASN D 73 -35.25 35.08 -8.11
C ASN D 73 -35.32 35.32 -9.60
N THR D 74 -34.97 36.52 -10.06
CA THR D 74 -34.91 36.74 -11.50
C THR D 74 -33.67 36.08 -12.10
N GLU D 75 -32.53 36.14 -11.41
CA GLU D 75 -31.31 35.54 -11.95
C GLU D 75 -31.33 34.01 -11.86
N TRP D 76 -31.81 33.46 -10.75
CA TRP D 76 -31.87 32.00 -10.53
C TRP D 76 -33.31 31.58 -10.20
N PRO D 77 -34.20 31.55 -11.19
CA PRO D 77 -35.60 31.24 -10.90
C PRO D 77 -35.79 29.80 -10.47
N GLY D 78 -36.85 29.57 -9.71
CA GLY D 78 -37.27 28.21 -9.38
C GLY D 78 -36.71 27.65 -8.08
N HIS D 79 -36.07 28.48 -7.25
CA HIS D 79 -35.42 28.05 -6.01
C HIS D 79 -35.99 28.73 -4.78
N ASP D 80 -37.11 29.46 -4.92
CA ASP D 80 -37.82 30.07 -3.79
C ASP D 80 -36.84 30.77 -2.86
N ILE D 81 -36.01 31.62 -3.44
CA ILE D 81 -35.02 32.34 -2.65
C ILE D 81 -35.72 33.40 -1.82
N ARG D 82 -35.47 33.39 -0.51
CA ARG D 82 -36.13 34.30 0.41
C ARG D 82 -35.08 35.08 1.18
N VAL D 83 -35.42 36.33 1.51
CA VAL D 83 -34.47 37.27 2.09
C VAL D 83 -35.01 37.73 3.42
N HIS D 84 -34.22 37.57 4.49
CA HIS D 84 -34.63 37.84 5.86
C HIS D 84 -33.73 38.85 6.54
N LEU D 85 -34.33 39.80 7.23
CA LEU D 85 -33.59 40.63 8.18
C LEU D 85 -33.25 39.81 9.43
N PHE D 86 -32.05 40.01 9.97
CA PHE D 86 -31.75 39.47 11.30
C PHE D 86 -30.75 40.39 11.99
N GLY D 87 -30.26 39.97 13.16
CA GLY D 87 -29.38 40.85 13.90
C GLY D 87 -30.15 42.07 14.38
N SER D 88 -29.44 43.20 14.53
CA SER D 88 -30.08 44.42 14.99
CA SER D 88 -30.09 44.41 15.01
C SER D 88 -31.26 44.80 14.11
N SER D 89 -31.16 44.50 12.81
CA SER D 89 -32.28 44.77 11.90
C SER D 89 -33.50 43.91 12.18
N GLY D 90 -33.37 42.89 13.04
CA GLY D 90 -34.49 42.00 13.30
C GLY D 90 -34.82 41.81 14.76
N ASN D 91 -34.06 42.40 15.68
CA ASN D 91 -34.28 42.14 17.09
C ASN D 91 -34.74 43.36 17.85
N LEU D 92 -35.14 44.44 17.17
CA LEU D 92 -35.64 45.68 17.76
C LEU D 92 -34.54 46.51 18.41
N LEU D 93 -33.28 46.31 18.03
CA LEU D 93 -32.19 47.08 18.62
C LEU D 93 -31.35 47.80 17.56
N CYS D 94 -31.86 47.95 16.33
CA CYS D 94 -31.14 48.74 15.34
C CYS D 94 -31.39 50.23 15.57
N SER D 95 -30.36 51.04 15.30
CA SER D 95 -30.51 52.47 15.12
C SER D 95 -30.40 52.80 13.63
N ASP D 96 -30.47 54.09 13.30
CA ASP D 96 -30.50 54.47 11.90
C ASP D 96 -29.18 54.19 11.19
N ASP D 97 -28.05 54.43 11.87
CA ASP D 97 -26.78 54.14 11.20
C ASP D 97 -26.40 52.65 11.27
N SER D 98 -27.27 51.80 11.80
CA SER D 98 -26.97 50.37 11.87
C SER D 98 -26.94 49.78 10.47
N ASP D 99 -25.89 49.03 10.17
CA ASP D 99 -25.88 48.28 8.93
C ASP D 99 -27.04 47.26 8.93
N VAL D 100 -27.34 46.74 7.73
CA VAL D 100 -28.39 45.74 7.56
C VAL D 100 -27.74 44.37 7.53
N ASP D 101 -28.24 43.46 8.34
CA ASP D 101 -27.80 42.06 8.34
C ASP D 101 -28.91 41.23 7.72
N ILE D 102 -28.56 40.47 6.68
CA ILE D 102 -29.56 39.74 5.92
C ILE D 102 -29.16 38.27 5.80
N CYS D 103 -30.14 37.40 6.00
CA CYS D 103 -29.99 35.96 5.79
C CYS D 103 -30.85 35.56 4.59
N ILE D 104 -30.24 34.85 3.64
CA ILE D 104 -30.91 34.41 2.42
C ILE D 104 -31.14 32.91 2.55
N THR D 105 -32.38 32.46 2.34
CA THR D 105 -32.65 31.03 2.47
C THR D 105 -33.14 30.45 1.14
N THR D 106 -32.83 29.17 0.92
CA THR D 106 -33.29 28.43 -0.26
C THR D 106 -32.89 26.98 -0.10
N PRO D 107 -33.69 26.02 -0.59
CA PRO D 107 -33.21 24.63 -0.59
C PRO D 107 -32.08 24.40 -1.59
N TRP D 108 -31.79 25.40 -2.43
CA TRP D 108 -30.81 25.27 -3.51
C TRP D 108 -29.44 25.59 -2.96
N ARG D 109 -28.69 24.55 -2.58
CA ARG D 109 -27.48 24.81 -1.79
C ARG D 109 -26.34 25.38 -2.62
N GLU D 110 -26.46 25.36 -3.95
CA GLU D 110 -25.48 26.03 -4.80
C GLU D 110 -25.36 27.52 -4.48
N LEU D 111 -26.45 28.16 -4.05
CA LEU D 111 -26.40 29.57 -3.69
C LEU D 111 -25.48 29.85 -2.51
N GLU D 112 -25.11 28.84 -1.71
CA GLU D 112 -24.19 29.04 -0.60
C GLU D 112 -22.80 29.48 -1.05
N SER D 113 -22.55 29.50 -2.37
CA SER D 113 -21.32 30.04 -2.93
C SER D 113 -21.49 31.54 -3.05
N VAL D 114 -21.11 32.26 -1.99
CA VAL D 114 -21.52 33.65 -1.89
C VAL D 114 -20.85 34.55 -2.94
N CYS D 115 -19.76 34.11 -3.56
CA CYS D 115 -19.17 34.99 -4.55
C CYS D 115 -20.01 35.05 -5.82
N MSE D 116 -20.90 34.08 -6.06
CA MSE D 116 -21.79 34.18 -7.22
C MSE D 116 -22.84 35.25 -6.96
O MSE D 116 -23.29 35.90 -7.90
CB MSE D 116 -22.48 32.83 -7.52
CG MSE D 116 -23.70 32.52 -6.68
SE MSE D 116 -24.38 30.70 -7.18
CE MSE D 116 -24.18 30.90 -9.02
N ILE D 117 -23.19 35.46 -5.68
CA ILE D 117 -24.05 36.59 -5.31
C ILE D 117 -23.32 37.91 -5.48
N ALA D 118 -22.05 37.97 -5.09
CA ALA D 118 -21.24 39.16 -5.32
C ALA D 118 -21.25 39.56 -6.80
N GLU D 119 -20.95 38.61 -7.68
CA GLU D 119 -20.95 38.92 -9.11
C GLU D 119 -22.28 39.52 -9.55
N LEU D 120 -23.40 38.94 -9.09
CA LEU D 120 -24.71 39.43 -9.51
C LEU D 120 -24.96 40.84 -9.01
N LEU D 121 -24.68 41.09 -7.73
CA LEU D 121 -24.95 42.42 -7.16
C LEU D 121 -24.06 43.48 -7.78
N ASP D 122 -22.78 43.17 -8.02
CA ASP D 122 -21.91 44.08 -8.76
C ASP D 122 -22.46 44.36 -10.15
N ARG D 123 -22.93 43.32 -10.83
CA ARG D 123 -23.51 43.51 -12.17
C ARG D 123 -24.68 44.47 -12.12
N HIS D 124 -25.48 44.43 -11.05
CA HIS D 124 -26.66 45.27 -10.93
C HIS D 124 -26.41 46.56 -10.14
N GLY D 125 -25.16 46.98 -10.03
CA GLY D 125 -24.87 48.35 -9.63
C GLY D 125 -24.63 48.56 -8.15
N MSE D 126 -24.66 47.51 -7.33
CA MSE D 126 -24.19 47.64 -5.94
C MSE D 126 -22.71 48.01 -5.93
O MSE D 126 -21.99 47.73 -6.88
CB MSE D 126 -24.41 46.34 -5.15
CG MSE D 126 -25.84 45.90 -4.92
SE MSE D 126 -27.06 47.38 -4.37
CE MSE D 126 -28.62 46.30 -3.91
N GLU D 127 -22.26 48.64 -4.85
CA GLU D 127 -20.88 49.13 -4.74
C GLU D 127 -20.16 48.44 -3.58
N LYS D 128 -18.83 48.55 -3.60
CA LYS D 128 -17.95 47.97 -2.58
C LYS D 128 -18.30 46.49 -2.36
N VAL D 129 -18.58 45.80 -3.45
CA VAL D 129 -19.07 44.44 -3.39
C VAL D 129 -17.92 43.50 -3.08
N VAL D 130 -18.04 42.71 -2.02
CA VAL D 130 -16.97 41.75 -1.68
C VAL D 130 -17.60 40.50 -1.10
N CYS D 131 -16.90 39.37 -1.23
CA CYS D 131 -17.32 38.13 -0.60
C CYS D 131 -16.17 37.61 0.24
N VAL D 132 -16.53 36.88 1.29
CA VAL D 132 -15.62 36.29 2.25
C VAL D 132 -16.04 34.83 2.34
N SER D 133 -15.37 33.94 1.61
CA SER D 133 -15.93 32.61 1.47
C SER D 133 -15.33 31.58 2.40
N SER D 134 -14.21 31.86 3.07
CA SER D 134 -13.67 30.89 4.02
C SER D 134 -13.82 31.35 5.47
N ALA D 135 -14.65 32.36 5.72
CA ALA D 135 -15.11 32.60 7.07
C ALA D 135 -16.00 31.45 7.55
N LYS D 136 -16.13 31.34 8.87
CA LYS D 136 -17.01 30.31 9.43
C LYS D 136 -18.43 30.48 8.92
N VAL D 137 -18.86 31.71 8.69
CA VAL D 137 -20.12 32.00 8.02
C VAL D 137 -19.77 32.84 6.79
N PRO D 138 -19.84 32.29 5.58
CA PRO D 138 -19.44 33.08 4.41
C PRO D 138 -20.41 34.23 4.24
N ILE D 139 -19.90 35.36 3.77
CA ILE D 139 -20.77 36.52 3.58
C ILE D 139 -20.42 37.27 2.31
N VAL D 140 -21.42 38.06 1.87
CA VAL D 140 -21.29 39.09 0.83
C VAL D 140 -21.60 40.43 1.49
N LYS D 141 -20.76 41.42 1.24
CA LYS D 141 -20.94 42.79 1.74
C LYS D 141 -21.17 43.72 0.57
N ILE D 142 -22.13 44.65 0.72
CA ILE D 142 -22.43 45.64 -0.31
C ILE D 142 -22.69 47.00 0.34
N TRP D 143 -22.57 48.03 -0.49
CA TRP D 143 -23.13 49.34 -0.23
C TRP D 143 -24.17 49.61 -1.32
N ASP D 144 -25.41 49.88 -0.91
CA ASP D 144 -26.44 50.27 -1.86
C ASP D 144 -26.41 51.78 -2.01
N PRO D 145 -25.96 52.33 -3.13
CA PRO D 145 -25.88 53.79 -3.26
C PRO D 145 -27.22 54.47 -3.39
N GLU D 146 -28.28 53.77 -3.81
CA GLU D 146 -29.58 54.43 -3.93
C GLU D 146 -30.30 54.47 -2.59
N LEU D 147 -30.30 53.37 -1.86
CA LEU D 147 -30.92 53.38 -0.55
C LEU D 147 -29.98 53.83 0.56
N LYS D 148 -28.69 53.99 0.28
CA LYS D 148 -27.70 54.44 1.26
C LYS D 148 -27.63 53.50 2.47
N LEU D 149 -27.46 52.23 2.18
CA LEU D 149 -27.38 51.22 3.23
C LEU D 149 -26.22 50.31 2.95
N ALA D 150 -25.49 49.97 4.02
CA ALA D 150 -24.49 48.91 3.98
C ALA D 150 -25.13 47.61 4.43
N CYS D 151 -24.77 46.51 3.78
CA CYS D 151 -25.47 45.26 4.05
C CYS D 151 -24.48 44.11 4.02
N ASP D 152 -24.53 43.26 5.04
CA ASP D 152 -23.84 41.97 5.07
C ASP D 152 -24.88 40.87 4.92
N MSE D 153 -24.60 39.89 4.05
CA MSE D 153 -25.58 38.81 3.88
C MSE D 153 -24.92 37.43 3.93
O MSE D 153 -23.79 37.25 3.50
CB MSE D 153 -26.38 38.99 2.58
CG MSE D 153 -25.55 39.08 1.34
SE MSE D 153 -26.65 40.05 -0.04
CE MSE D 153 -25.87 41.86 0.14
N ASN D 154 -25.63 36.46 4.48
CA ASN D 154 -25.18 35.08 4.48
C ASN D 154 -26.27 34.24 3.85
N VAL D 155 -25.97 32.95 3.63
CA VAL D 155 -26.91 32.07 2.95
C VAL D 155 -27.16 30.88 3.85
N ASN D 156 -28.44 30.69 4.22
CA ASN D 156 -28.89 29.50 4.94
C ASN D 156 -28.28 29.37 6.32
N ASN D 157 -27.79 30.44 6.93
CA ASN D 157 -27.33 30.30 8.31
C ASN D 157 -28.54 30.47 9.22
N THR D 158 -29.24 29.38 9.49
CA THR D 158 -30.53 29.53 10.13
C THR D 158 -30.41 29.70 11.63
N LEU D 159 -29.26 29.37 12.22
CA LEU D 159 -29.05 29.61 13.63
C LEU D 159 -29.14 31.11 13.96
N ALA D 160 -28.60 31.96 13.09
CA ALA D 160 -28.67 33.40 13.33
C ALA D 160 -30.12 33.89 13.38
N LEU D 161 -30.98 33.36 12.50
CA LEU D 161 -32.40 33.71 12.56
C LEU D 161 -32.98 33.33 13.91
N GLU D 162 -32.57 32.19 14.45
CA GLU D 162 -33.13 31.75 15.73
C GLU D 162 -32.58 32.56 16.89
N ASN D 163 -31.30 32.88 16.92
CA ASN D 163 -30.94 33.68 18.07
C ASN D 163 -31.35 35.14 17.91
N THR D 164 -31.61 35.60 16.68
CA THR D 164 -32.28 36.90 16.52
C THR D 164 -33.70 36.85 17.10
N ARG D 165 -34.42 35.75 16.84
CA ARG D 165 -35.76 35.58 17.41
C ARG D 165 -35.71 35.53 18.92
N MSE D 166 -34.71 34.83 19.47
CA MSE D 166 -34.53 34.80 20.91
C MSE D 166 -34.30 36.19 21.50
O MSE D 166 -34.94 36.55 22.48
CB MSE D 166 -33.36 33.89 21.28
CG MSE D 166 -33.17 33.76 22.80
SE MSE D 166 -31.30 33.31 23.23
CE MSE D 166 -30.38 34.90 22.43
N VAL D 167 -33.38 36.96 20.92
CA VAL D 167 -33.12 38.32 21.40
C VAL D 167 -34.40 39.16 21.31
N ARG D 168 -35.10 39.08 20.18
CA ARG D 168 -36.33 39.85 20.02
C ARG D 168 -37.36 39.49 21.09
N THR D 169 -37.40 38.22 21.49
CA THR D 169 -38.30 37.78 22.56
C THR D 169 -37.93 38.40 23.91
N TYR D 170 -36.65 38.37 24.27
CA TYR D 170 -36.21 39.03 25.49
C TYR D 170 -36.58 40.52 25.48
N VAL D 171 -36.29 41.20 24.37
CA VAL D 171 -36.65 42.62 24.24
C VAL D 171 -38.14 42.84 24.45
N SER D 172 -38.98 41.87 24.07
CA SER D 172 -40.43 42.03 24.12
C SER D 172 -41.02 41.72 25.50
N ILE D 173 -40.23 41.20 26.43
CA ILE D 173 -40.73 40.76 27.73
C ILE D 173 -40.82 41.92 28.72
N ASP D 174 -39.94 42.92 28.61
CA ASP D 174 -39.91 43.98 29.61
C ASP D 174 -39.58 45.29 28.91
N ASP D 175 -40.41 46.31 29.17
CA ASP D 175 -40.29 47.59 28.48
C ASP D 175 -38.96 48.29 28.74
N ARG D 176 -38.22 47.88 29.77
CA ARG D 176 -36.93 48.50 30.02
C ARG D 176 -35.82 47.92 29.17
N VAL D 177 -36.04 46.78 28.53
CA VAL D 177 -34.91 46.10 27.88
C VAL D 177 -34.42 46.91 26.69
N ARG D 178 -35.35 47.33 25.83
CA ARG D 178 -34.94 48.03 24.61
C ARG D 178 -34.15 49.30 24.88
N PRO D 179 -34.61 50.25 25.70
CA PRO D 179 -33.76 51.44 25.93
C PRO D 179 -32.43 51.13 26.63
N LEU D 180 -32.41 50.19 27.58
CA LEU D 180 -31.16 49.84 28.25
C LEU D 180 -30.15 49.27 27.27
N ALA D 181 -30.57 48.27 26.49
CA ALA D 181 -29.66 47.63 25.55
C ALA D 181 -29.23 48.59 24.46
N MSE D 182 -30.14 49.40 23.94
CA MSE D 182 -29.78 50.34 22.89
C MSE D 182 -28.79 51.36 23.41
O MSE D 182 -27.86 51.72 22.70
CB MSE D 182 -31.03 51.02 22.32
CG MSE D 182 -31.54 50.26 21.10
SE MSE D 182 -33.12 51.11 20.42
CE MSE D 182 -33.36 50.22 18.77
N ILE D 183 -28.96 51.81 24.65
CA ILE D 183 -28.03 52.80 25.18
C ILE D 183 -26.66 52.19 25.45
N ILE D 184 -26.63 50.97 25.99
CA ILE D 184 -25.34 50.30 26.21
C ILE D 184 -24.65 50.04 24.87
N LYS D 185 -25.43 49.65 23.85
CA LYS D 185 -24.86 49.45 22.51
C LYS D 185 -24.24 50.74 21.99
N TYR D 186 -24.95 51.86 22.13
CA TYR D 186 -24.40 53.16 21.75
C TYR D 186 -23.06 53.40 22.45
N TRP D 187 -22.99 53.10 23.73
CA TRP D 187 -21.72 53.22 24.45
C TRP D 187 -20.65 52.33 23.82
N THR D 188 -20.99 51.07 23.50
CA THR D 188 -19.98 50.20 22.92
C THR D 188 -19.47 50.76 21.60
N ARG D 189 -20.35 51.46 20.88
CA ARG D 189 -19.96 52.05 19.61
CA ARG D 189 -19.99 52.07 19.60
C ARG D 189 -19.07 53.27 19.80
N ARG D 190 -19.48 54.20 20.67
CA ARG D 190 -18.70 55.39 20.90
C ARG D 190 -17.32 55.07 21.49
N ARG D 191 -17.23 54.03 22.31
CA ARG D 191 -15.96 53.64 22.90
C ARG D 191 -15.17 52.68 22.01
N VAL D 192 -15.75 52.27 20.88
CA VAL D 192 -15.13 51.36 19.91
C VAL D 192 -14.68 50.11 20.65
N VAL D 193 -15.60 49.50 21.39
CA VAL D 193 -15.34 48.19 21.99
C VAL D 193 -16.26 47.14 21.41
N ASN D 194 -16.78 47.36 20.20
CA ASN D 194 -17.73 46.46 19.59
C ASN D 194 -17.21 45.85 18.29
N ASP D 195 -15.89 45.62 18.20
CA ASP D 195 -15.29 45.13 16.95
C ASP D 195 -14.55 43.84 17.25
N ALA D 196 -15.27 42.72 17.17
CA ALA D 196 -14.65 41.42 17.35
C ALA D 196 -13.74 41.05 16.20
N ALA D 197 -14.04 41.54 14.99
CA ALA D 197 -13.31 41.08 13.81
C ALA D 197 -11.90 41.64 13.78
N PHE D 198 -11.76 42.96 13.77
CA PHE D 198 -10.46 43.58 13.55
C PHE D 198 -9.91 44.33 14.74
N GLY D 199 -10.73 44.62 15.75
CA GLY D 199 -10.29 45.42 16.88
C GLY D 199 -9.91 44.58 18.08
N GLY D 200 -10.28 43.30 18.05
CA GLY D 200 -10.02 42.45 19.19
C GLY D 200 -10.89 42.70 20.41
N THR D 201 -12.06 43.31 20.23
CA THR D 201 -12.98 43.51 21.36
C THR D 201 -14.16 42.57 21.20
N LEU D 202 -15.40 43.00 21.48
CA LEU D 202 -16.53 42.07 21.60
C LEU D 202 -17.60 42.34 20.54
N SER D 203 -18.22 41.26 20.04
CA SER D 203 -19.30 41.42 19.06
C SER D 203 -20.53 42.03 19.74
N SER D 204 -21.39 42.63 18.91
CA SER D 204 -22.63 43.17 19.47
CA SER D 204 -22.64 43.17 19.45
C SER D 204 -23.48 42.07 20.09
N TYR D 205 -23.47 40.88 19.49
CA TYR D 205 -24.18 39.75 20.10
C TYR D 205 -23.60 39.41 21.46
N THR D 206 -22.27 39.50 21.61
CA THR D 206 -21.67 39.24 22.92
C THR D 206 -22.17 40.25 23.94
N TRP D 207 -22.19 41.54 23.58
CA TRP D 207 -22.66 42.55 24.53
C TRP D 207 -24.12 42.30 24.92
N ILE D 208 -24.94 41.95 23.93
CA ILE D 208 -26.35 41.67 24.16
C ILE D 208 -26.50 40.51 25.14
N CYS D 209 -25.71 39.44 24.98
CA CYS D 209 -25.78 38.36 25.96
C CYS D 209 -25.35 38.85 27.34
N MSE D 210 -24.35 39.72 27.40
CA MSE D 210 -23.95 40.24 28.72
C MSE D 210 -25.05 41.07 29.35
O MSE D 210 -25.25 41.03 30.58
CB MSE D 210 -22.66 41.06 28.59
CG MSE D 210 -21.46 40.17 28.29
SE MSE D 210 -19.88 41.17 27.70
CE MSE D 210 -19.44 42.00 29.41
N ILE D 211 -25.78 41.79 28.51
CA ILE D 211 -26.87 42.60 29.06
C ILE D 211 -27.98 41.70 29.56
N ILE D 212 -28.35 40.68 28.78
CA ILE D 212 -29.42 39.79 29.19
C ILE D 212 -29.02 39.03 30.46
N ALA D 213 -27.77 38.53 30.49
CA ALA D 213 -27.29 37.80 31.65
C ALA D 213 -27.36 38.66 32.91
N PHE D 214 -26.90 39.91 32.83
CA PHE D 214 -27.04 40.85 33.94
C PHE D 214 -28.51 40.95 34.38
N LEU D 215 -29.44 41.13 33.43
CA LEU D 215 -30.84 41.32 33.83
C LEU D 215 -31.45 40.03 34.40
N GLN D 216 -31.01 38.86 33.94
CA GLN D 216 -31.46 37.62 34.54
C GLN D 216 -31.04 37.47 36.00
N LEU D 217 -29.93 38.10 36.40
CA LEU D 217 -29.36 37.96 37.73
C LEU D 217 -29.76 39.07 38.70
N ARG D 218 -30.57 40.04 38.28
CA ARG D 218 -31.08 41.02 39.22
C ARG D 218 -31.91 40.32 40.29
N ASP D 219 -32.18 41.06 41.38
CA ASP D 219 -33.00 40.56 42.48
C ASP D 219 -34.12 41.56 42.78
N PRO D 220 -35.36 41.27 42.38
CA PRO D 220 -35.79 40.13 41.54
C PRO D 220 -35.33 40.29 40.10
N PRO D 221 -35.39 39.23 39.29
CA PRO D 221 -34.84 39.32 37.94
C PRO D 221 -35.76 40.10 37.01
N VAL D 222 -35.15 40.75 36.02
CA VAL D 222 -35.91 41.45 34.98
C VAL D 222 -36.29 40.51 33.84
N LEU D 223 -35.50 39.48 33.56
CA LEU D 223 -35.74 38.54 32.48
C LEU D 223 -35.63 37.12 32.99
N PRO D 224 -36.39 36.18 32.42
CA PRO D 224 -36.25 34.76 32.78
C PRO D 224 -35.10 34.14 31.99
N ALA D 225 -34.90 32.84 32.20
CA ALA D 225 -34.03 32.03 31.34
C ALA D 225 -34.93 31.32 30.34
N LEU D 226 -35.07 31.90 29.15
CA LEU D 226 -36.04 31.38 28.19
C LEU D 226 -35.77 29.92 27.85
N HIS D 227 -34.50 29.54 27.77
CA HIS D 227 -34.18 28.16 27.44
C HIS D 227 -34.64 27.17 28.51
N GLN D 228 -34.88 27.64 29.74
CA GLN D 228 -35.32 26.75 30.81
C GLN D 228 -36.83 26.80 31.07
N GLN D 229 -37.55 27.77 30.48
CA GLN D 229 -38.99 27.94 30.72
C GLN D 229 -39.78 26.98 29.84
N HIS D 230 -39.63 25.68 30.14
CA HIS D 230 -40.08 24.63 29.23
C HIS D 230 -41.56 24.76 28.88
N ASP D 231 -42.39 25.10 29.86
CA ASP D 231 -43.83 25.13 29.64
C ASP D 231 -44.27 26.19 28.65
N LEU D 232 -43.48 27.25 28.45
CA LEU D 232 -43.87 28.36 27.59
C LEU D 232 -43.28 28.25 26.19
N LYS D 233 -42.84 27.06 25.81
CA LYS D 233 -42.23 26.84 24.51
C LYS D 233 -43.32 26.45 23.51
N LEU D 234 -43.44 27.22 22.44
CA LEU D 234 -44.42 26.92 21.41
C LEU D 234 -43.86 25.92 20.39
N VAL D 235 -44.77 25.27 19.67
CA VAL D 235 -44.39 24.39 18.57
C VAL D 235 -44.11 25.24 17.34
N LYS D 236 -42.94 25.03 16.74
CA LYS D 236 -42.59 25.79 15.55
C LYS D 236 -43.31 25.25 14.32
N GLN D 237 -43.21 26.01 13.22
CA GLN D 237 -43.89 25.60 11.99
C GLN D 237 -43.39 24.24 11.51
N ASP D 238 -42.10 23.95 11.71
CA ASP D 238 -41.58 22.65 11.31
C ASP D 238 -42.03 21.52 12.24
N GLY D 239 -42.90 21.81 13.23
CA GLY D 239 -43.34 20.80 14.16
C GLY D 239 -42.46 20.59 15.38
N ALA D 240 -41.23 21.10 15.38
CA ALA D 240 -40.36 20.90 16.53
C ALA D 240 -40.62 21.96 17.60
N LEU D 241 -40.39 21.57 18.85
CA LEU D 241 -40.50 22.49 19.96
C LEU D 241 -39.42 23.56 19.87
N SER D 242 -39.81 24.81 20.08
CA SER D 242 -38.82 25.89 20.16
C SER D 242 -37.82 25.61 21.28
N ASP D 243 -36.55 25.95 21.03
CA ASP D 243 -35.47 25.78 22.01
C ASP D 243 -35.63 26.67 23.23
N PHE D 244 -36.43 27.72 23.13
CA PHE D 244 -36.55 28.71 24.20
C PHE D 244 -37.99 29.18 24.27
N ALA D 245 -38.43 29.53 25.48
CA ALA D 245 -39.81 29.98 25.67
C ALA D 245 -40.09 31.19 24.80
N ASP D 246 -41.17 31.12 24.01
CA ASP D 246 -41.47 32.19 23.07
C ASP D 246 -42.94 32.58 23.07
N ASP D 247 -43.74 32.11 24.04
CA ASP D 247 -45.13 32.54 24.19
C ASP D 247 -45.14 33.95 24.77
N ILE D 248 -45.03 34.94 23.87
CA ILE D 248 -44.77 36.32 24.30
C ILE D 248 -45.86 36.87 25.22
N PRO D 249 -47.16 36.70 24.93
CA PRO D 249 -48.17 37.25 25.86
C PRO D 249 -48.05 36.72 27.28
N LYS D 250 -47.75 35.42 27.42
CA LYS D 250 -47.59 34.84 28.75
C LYS D 250 -46.23 35.13 29.38
N LEU D 251 -45.28 35.69 28.63
CA LEU D 251 -43.99 36.05 29.20
C LEU D 251 -43.92 37.50 29.65
N ARG D 252 -44.80 38.36 29.13
CA ARG D 252 -44.77 39.78 29.44
C ARG D 252 -44.97 40.02 30.93
N GLY D 253 -44.22 40.98 31.46
CA GLY D 253 -44.34 41.31 32.86
C GLY D 253 -43.61 40.38 33.80
N PHE D 254 -42.82 39.43 33.27
CA PHE D 254 -42.01 38.58 34.14
C PHE D 254 -41.15 39.41 35.09
N GLY D 255 -40.55 40.47 34.58
CA GLY D 255 -39.72 41.33 35.39
C GLY D 255 -40.47 42.44 36.09
N ALA D 256 -41.80 42.36 36.17
CA ALA D 256 -42.55 43.45 36.78
C ALA D 256 -42.33 43.51 38.28
N LYS D 257 -41.82 42.43 38.90
CA LYS D 257 -41.51 42.47 40.31
C LYS D 257 -40.31 43.35 40.61
N ASN D 258 -39.47 43.62 39.61
CA ASN D 258 -38.31 44.49 39.78
C ASN D 258 -38.72 45.91 39.42
N LYS D 259 -38.72 46.79 40.42
CA LYS D 259 -39.20 48.16 40.27
C LYS D 259 -38.08 49.16 40.01
N ASP D 260 -36.86 48.70 39.73
CA ASP D 260 -35.74 49.59 39.53
C ASP D 260 -35.86 50.34 38.20
N SER D 261 -35.55 51.64 38.24
CA SER D 261 -35.69 52.49 37.07
C SER D 261 -34.66 52.12 36.00
N LEU D 262 -34.93 52.59 34.79
CA LEU D 262 -33.94 52.48 33.72
C LEU D 262 -32.57 53.01 34.14
N ALA D 263 -32.55 54.17 34.81
CA ALA D 263 -31.29 54.74 35.28
C ALA D 263 -30.61 53.85 36.31
N VAL D 264 -31.38 53.29 37.25
CA VAL D 264 -30.77 52.39 38.22
C VAL D 264 -30.17 51.17 37.51
N LEU D 265 -30.85 50.68 36.48
CA LEU D 265 -30.36 49.49 35.78
C LEU D 265 -29.07 49.77 35.00
N LEU D 266 -28.93 50.97 34.44
CA LEU D 266 -27.66 51.32 33.81
C LEU D 266 -26.54 51.36 34.84
N PHE D 267 -26.80 52.04 35.96
CA PHE D 267 -25.82 52.06 37.05
C PHE D 267 -25.43 50.65 37.46
N GLN D 268 -26.42 49.78 37.67
CA GLN D 268 -26.13 48.44 38.15
C GLN D 268 -25.40 47.62 37.09
N PHE D 269 -25.71 47.84 35.81
CA PHE D 269 -25.01 47.13 34.75
C PHE D 269 -23.51 47.39 34.83
N PHE D 270 -23.12 48.67 34.81
CA PHE D 270 -21.70 48.99 34.88
C PHE D 270 -21.12 48.59 36.23
N ARG D 271 -21.88 48.74 37.32
CA ARG D 271 -21.39 48.26 38.61
C ARG D 271 -21.11 46.77 38.56
N PHE D 272 -22.01 46.01 37.92
CA PHE D 272 -21.87 44.57 37.87
C PHE D 272 -20.60 44.19 37.11
N TYR D 273 -20.44 44.71 35.89
CA TYR D 273 -19.26 44.32 35.12
C TYR D 273 -18.00 45.06 35.52
N ALA D 274 -18.11 46.23 36.16
CA ALA D 274 -16.89 46.88 36.63
C ALA D 274 -16.33 46.23 37.89
N HIS D 275 -17.19 45.81 38.82
CA HIS D 275 -16.67 45.48 40.13
C HIS D 275 -17.23 44.21 40.76
N GLU D 276 -18.48 43.82 40.49
CA GLU D 276 -19.09 42.71 41.21
C GLU D 276 -18.76 41.35 40.61
N PHE D 277 -18.61 41.27 39.28
CA PHE D 277 -18.54 39.99 38.60
C PHE D 277 -17.11 39.47 38.59
N ASP D 278 -16.96 38.20 38.96
CA ASP D 278 -15.63 37.60 39.07
C ASP D 278 -15.34 36.96 37.72
N TYR D 279 -14.63 37.69 36.87
CA TYR D 279 -14.37 37.19 35.52
C TYR D 279 -13.50 35.94 35.54
N ASP D 280 -12.68 35.80 36.57
CA ASP D 280 -11.76 34.67 36.60
C ASP D 280 -12.50 33.36 36.78
N LYS D 281 -13.57 33.37 37.56
CA LYS D 281 -14.18 32.12 38.00
C LYS D 281 -15.34 31.68 37.13
N TYR D 282 -16.12 32.64 36.60
CA TYR D 282 -17.47 32.38 36.12
C TYR D 282 -17.61 32.54 34.62
N THR D 283 -18.58 31.81 34.09
CA THR D 283 -19.11 31.95 32.74
C THR D 283 -20.52 32.53 32.84
N LEU D 284 -20.80 33.55 32.04
CA LEU D 284 -22.14 34.09 31.89
C LEU D 284 -22.95 33.21 30.92
N SER D 285 -24.13 32.75 31.35
CA SER D 285 -24.94 31.84 30.53
C SER D 285 -26.38 32.34 30.48
N ILE D 286 -26.80 32.94 29.36
CA ILE D 286 -28.22 33.30 29.31
C ILE D 286 -29.08 32.08 29.02
N ARG D 287 -28.47 30.99 28.55
CA ARG D 287 -29.21 29.73 28.44
C ARG D 287 -29.69 29.28 29.81
N MSE D 288 -28.83 29.36 30.83
CA MSE D 288 -29.15 28.81 32.15
C MSE D 288 -29.83 29.84 33.02
O MSE D 288 -30.65 29.48 33.87
CB MSE D 288 -27.88 28.30 32.86
CG MSE D 288 -27.36 27.01 32.32
SE MSE D 288 -28.68 25.57 32.42
CE MSE D 288 -29.41 25.75 34.22
N GLY D 289 -29.48 31.12 32.82
CA GLY D 289 -29.97 32.16 33.72
C GLY D 289 -29.31 32.19 35.07
N THR D 290 -28.27 31.38 35.28
CA THR D 290 -27.47 31.40 36.49
C THR D 290 -26.01 31.38 36.09
N LEU D 291 -25.12 31.79 36.98
CA LEU D 291 -23.70 31.71 36.68
C LEU D 291 -23.26 30.26 36.66
N LEU D 292 -22.40 29.91 35.70
CA LEU D 292 -21.66 28.66 35.67
C LEU D 292 -20.20 28.94 36.00
N THR D 293 -19.48 27.94 36.51
CA THR D 293 -18.03 28.15 36.64
C THR D 293 -17.36 27.78 35.33
N LYS D 294 -16.24 28.43 35.03
CA LYS D 294 -15.48 27.95 33.87
C LYS D 294 -15.10 26.49 34.04
N ALA D 295 -14.77 26.09 35.27
CA ALA D 295 -14.26 24.73 35.50
C ALA D 295 -15.31 23.66 35.22
N GLU D 296 -16.60 23.94 35.50
CA GLU D 296 -17.60 22.92 35.22
C GLU D 296 -17.87 22.76 33.73
N LYS D 297 -17.46 23.72 32.93
CA LYS D 297 -17.50 23.68 31.47
C LYS D 297 -16.19 23.23 30.85
N ASN D 298 -15.20 22.88 31.68
CA ASN D 298 -13.83 22.64 31.23
C ASN D 298 -13.23 23.84 30.52
N TRP D 299 -13.73 25.03 30.78
CA TRP D 299 -13.23 26.22 30.12
C TRP D 299 -12.02 26.85 30.81
N GLN D 300 -11.50 26.26 31.89
CA GLN D 300 -10.16 26.69 32.33
C GLN D 300 -9.10 26.34 31.32
N TYR D 301 -9.39 25.45 30.35
CA TYR D 301 -8.43 25.06 29.32
C TYR D 301 -8.57 25.89 28.05
N LEU D 302 -9.58 26.71 27.97
CA LEU D 302 -9.95 27.35 26.71
C LEU D 302 -9.05 28.54 26.43
N VAL D 303 -8.63 28.69 25.16
CA VAL D 303 -7.84 29.84 24.73
C VAL D 303 -8.74 31.06 24.65
N ASN D 304 -8.25 32.19 25.18
CA ASN D 304 -9.08 33.38 25.32
C ASN D 304 -10.28 33.00 26.14
N ASN D 305 -10.07 32.85 27.45
CA ASN D 305 -11.14 32.58 28.40
C ASN D 305 -11.13 33.64 29.49
N ALA D 306 -10.44 34.75 29.27
CA ALA D 306 -10.48 35.81 30.27
C ALA D 306 -11.93 36.23 30.52
N LEU D 307 -12.71 36.37 29.44
CA LEU D 307 -14.14 36.63 29.50
C LEU D 307 -14.85 35.42 28.91
N CYS D 308 -15.71 34.77 29.69
CA CYS D 308 -16.48 33.63 29.20
C CYS D 308 -17.94 33.99 29.18
N VAL D 309 -18.53 33.99 27.99
CA VAL D 309 -19.93 34.26 27.77
C VAL D 309 -20.41 33.13 26.87
N GLU D 310 -21.21 32.24 27.41
CA GLU D 310 -21.59 31.01 26.69
C GLU D 310 -22.61 31.32 25.59
N GLU D 311 -22.35 30.88 24.36
CA GLU D 311 -23.36 31.05 23.31
CA GLU D 311 -23.33 31.01 23.28
C GLU D 311 -24.55 30.15 23.61
N PRO D 312 -25.76 30.70 23.65
CA PRO D 312 -26.89 29.94 24.22
C PRO D 312 -27.35 28.74 23.41
N PHE D 313 -27.00 28.63 22.12
CA PHE D 313 -27.43 27.54 21.25
C PHE D 313 -26.33 26.54 20.99
N ASN D 314 -25.07 26.97 21.06
CA ASN D 314 -23.89 26.10 20.97
C ASN D 314 -23.08 26.33 22.25
N ASP D 315 -23.43 25.62 23.31
CA ASP D 315 -22.83 25.99 24.61
C ASP D 315 -21.39 25.52 24.75
N GLY D 316 -20.81 24.91 23.72
CA GLY D 316 -19.38 24.75 23.70
C GLY D 316 -18.62 25.92 23.13
N ARG D 317 -19.28 27.01 22.74
CA ARG D 317 -18.61 28.17 22.17
C ARG D 317 -18.66 29.36 23.12
N ASN D 318 -17.51 30.01 23.28
CA ASN D 318 -17.36 31.21 24.10
C ASN D 318 -17.42 32.43 23.19
N LEU D 319 -18.46 33.23 23.36
CA LEU D 319 -18.55 34.47 22.59
C LEU D 319 -17.45 35.44 22.97
N GLY D 320 -16.88 35.29 24.16
CA GLY D 320 -15.77 36.14 24.53
C GLY D 320 -14.43 35.77 23.95
N ASN D 321 -14.38 34.78 23.05
CA ASN D 321 -13.10 34.30 22.55
CA ASN D 321 -13.14 34.29 22.49
C ASN D 321 -12.35 35.35 21.72
N THR D 322 -13.00 36.43 21.29
CA THR D 322 -12.29 37.42 20.50
C THR D 322 -11.42 38.38 21.34
N ALA D 323 -11.50 38.31 22.67
CA ALA D 323 -10.70 39.16 23.54
C ALA D 323 -9.58 38.35 24.19
N ASP D 324 -8.33 38.68 23.84
CA ASP D 324 -7.21 38.06 24.54
C ASP D 324 -6.98 38.75 25.90
N GLU D 325 -5.90 38.38 26.58
CA GLU D 325 -5.69 38.89 27.94
C GLU D 325 -5.51 40.41 27.95
N THR D 326 -4.81 40.94 26.95
CA THR D 326 -4.58 42.37 26.90
C THR D 326 -5.87 43.11 26.60
N SER D 327 -6.60 42.64 25.57
CA SER D 327 -7.88 43.25 25.24
C SER D 327 -8.84 43.23 26.41
N PHE D 328 -8.89 42.12 27.15
CA PHE D 328 -9.81 42.06 28.26
C PHE D 328 -9.46 43.08 29.33
N ARG D 329 -8.17 43.26 29.61
CA ARG D 329 -7.77 44.28 30.57
C ARG D 329 -8.34 45.64 30.19
N GLY D 330 -8.23 46.00 28.91
CA GLY D 330 -8.70 47.31 28.46
C GLY D 330 -10.21 47.42 28.46
N LEU D 331 -10.91 46.31 28.21
CA LEU D 331 -12.36 46.31 28.31
C LEU D 331 -12.80 46.49 29.75
N HIS D 332 -12.15 45.78 30.67
CA HIS D 332 -12.46 45.98 32.08
C HIS D 332 -12.21 47.42 32.50
N MSE D 333 -11.11 48.02 32.03
CA MSE D 333 -10.85 49.43 32.33
C MSE D 333 -11.95 50.34 31.77
O MSE D 333 -12.35 51.31 32.44
CB MSE D 333 -9.48 49.86 31.80
CG MSE D 333 -8.31 49.24 32.53
SE MSE D 333 -6.60 49.54 31.64
CE MSE D 333 -6.63 51.50 31.56
N GLU D 334 -12.42 50.05 30.55
CA GLU D 334 -13.50 50.84 29.97
C GLU D 334 -14.79 50.67 30.78
N LEU D 335 -15.01 49.47 31.31
CA LEU D 335 -16.20 49.24 32.13
C LEU D 335 -16.11 49.98 33.45
N ARG D 336 -14.92 50.02 34.04
CA ARG D 336 -14.72 50.79 35.26
C ARG D 336 -14.77 52.28 34.99
N ARG D 337 -14.29 52.71 33.82
CA ARG D 337 -14.41 54.11 33.46
C ARG D 337 -15.88 54.52 33.39
N ALA D 338 -16.70 53.70 32.73
CA ALA D 338 -18.14 53.96 32.60
C ALA D 338 -18.83 53.98 33.95
N PHE D 339 -18.49 53.02 34.83
CA PHE D 339 -19.15 52.97 36.12
C PHE D 339 -18.90 54.26 36.91
N ASP D 340 -17.65 54.73 36.93
CA ASP D 340 -17.35 55.94 37.69
C ASP D 340 -18.16 57.13 37.21
N LEU D 341 -18.40 57.22 35.91
CA LEU D 341 -19.14 58.35 35.35
C LEU D 341 -20.65 58.21 35.59
N ILE D 342 -21.22 57.04 35.25
CA ILE D 342 -22.66 56.82 35.43
C ILE D 342 -23.05 57.00 36.90
N ALA D 343 -22.17 56.62 37.82
CA ALA D 343 -22.46 56.79 39.24
C ALA D 343 -22.71 58.25 39.60
N GLU D 344 -22.09 59.17 38.84
CA GLU D 344 -22.32 60.60 38.99
C GLU D 344 -23.16 61.18 37.85
N GLY D 345 -23.98 60.35 37.20
CA GLY D 345 -24.94 60.80 36.22
C GLY D 345 -24.36 61.38 34.94
N LYS D 346 -23.11 61.05 34.62
CA LYS D 346 -22.42 61.69 33.49
C LYS D 346 -22.57 60.85 32.22
N LEU D 347 -23.82 60.74 31.78
CA LEU D 347 -24.13 59.95 30.59
C LEU D 347 -23.32 60.43 29.39
N GLU D 348 -23.29 61.76 29.17
CA GLU D 348 -22.64 62.29 27.97
C GLU D 348 -21.14 62.00 27.96
N GLU D 349 -20.45 62.28 29.08
CA GLU D 349 -19.02 61.98 29.13
C GLU D 349 -18.75 60.47 29.04
N CYS D 350 -19.57 59.66 29.71
CA CYS D 350 -19.42 58.21 29.60
C CYS D 350 -19.40 57.75 28.16
N CYS D 351 -20.16 58.42 27.29
CA CYS D 351 -20.30 58.03 25.88
C CYS D 351 -19.49 58.88 24.91
N GLU D 352 -18.52 59.66 25.41
CA GLU D 352 -17.64 60.40 24.50
C GLU D 352 -17.06 59.48 23.45
N GLN D 353 -16.86 60.03 22.25
CA GLN D 353 -16.21 59.27 21.18
C GLN D 353 -14.76 59.01 21.55
N TYR D 354 -14.37 57.74 21.60
CA TYR D 354 -12.98 57.41 21.77
C TYR D 354 -12.20 57.77 20.49
N VAL D 355 -11.02 58.36 20.67
CA VAL D 355 -10.15 58.73 19.56
C VAL D 355 -8.82 58.00 19.74
N PHE D 356 -8.38 57.32 18.70
CA PHE D 356 -7.11 56.63 18.75
C PHE D 356 -5.97 57.64 18.81
N PRO D 357 -4.93 57.38 19.61
CA PRO D 357 -3.72 58.20 19.76
C PRO D 357 -2.99 58.43 18.44
CL CL I . 6.99 -12.18 -13.63
MG MG J . 2.65 -18.95 -15.19
MG MG K . 30.13 -27.03 -15.34
CL CL L . 2.60 18.81 5.42
MG MG M . 0.17 20.83 13.01
MG MG N . -8.15 42.17 -3.90
MG MG O . 19.51 11.84 -0.26
MG MG P . -11.96 16.96 36.82
MG MG Q . 21.63 -45.96 -8.63
MG MG R . -2.91 -38.74 -21.31
MG MG S . -6.43 32.09 30.26
MG MG T . -23.33 43.48 10.41
MG MG U . -21.48 37.68 41.39
MG MG V . -11.71 33.43 43.86
#